data_9VF8
# 
_entry.id   9VF8 
# 
_audit_conform.dict_name       mmcif_pdbx.dic 
_audit_conform.dict_version    5.408 
_audit_conform.dict_location   http://mmcif.pdb.org/dictionaries/ascii/mmcif_pdbx.dic 
# 
loop_
_database_2.database_id 
_database_2.database_code 
_database_2.pdbx_database_accession 
_database_2.pdbx_DOI 
PDB   9VF8         pdb_00009vf8 10.2210/pdb9vf8/pdb 
WWPDB D_1300060013 ?            ?                   
# 
loop_
_pdbx_audit_revision_history.ordinal 
_pdbx_audit_revision_history.data_content_type 
_pdbx_audit_revision_history.major_revision 
_pdbx_audit_revision_history.minor_revision 
_pdbx_audit_revision_history.revision_date 
_pdbx_audit_revision_history.part_number 
1 'Structure model' 1 0 2025-06-25 ? 
2 'Structure model' 1 1 2025-12-17 ? 
# 
_pdbx_audit_revision_details.ordinal             1 
_pdbx_audit_revision_details.revision_ordinal    1 
_pdbx_audit_revision_details.data_content_type   'Structure model' 
_pdbx_audit_revision_details.provider            repository 
_pdbx_audit_revision_details.type                'Initial release' 
_pdbx_audit_revision_details.description         ? 
_pdbx_audit_revision_details.details             ? 
# 
_pdbx_audit_revision_group.ordinal             1 
_pdbx_audit_revision_group.revision_ordinal    2 
_pdbx_audit_revision_group.data_content_type   'Structure model' 
_pdbx_audit_revision_group.group               'Database references' 
# 
loop_
_pdbx_audit_revision_category.ordinal 
_pdbx_audit_revision_category.revision_ordinal 
_pdbx_audit_revision_category.data_content_type 
_pdbx_audit_revision_category.category 
1 2 'Structure model' citation        
2 2 'Structure model' citation_author 
# 
loop_
_pdbx_audit_revision_item.ordinal 
_pdbx_audit_revision_item.revision_ordinal 
_pdbx_audit_revision_item.data_content_type 
_pdbx_audit_revision_item.item 
1  2 'Structure model' '_citation.country'                 
2  2 'Structure model' '_citation.journal_abbrev'          
3  2 'Structure model' '_citation.journal_id_ASTM'         
4  2 'Structure model' '_citation.journal_id_CSD'          
5  2 'Structure model' '_citation.journal_id_ISSN'         
6  2 'Structure model' '_citation.journal_volume'          
7  2 'Structure model' '_citation.page_first'              
8  2 'Structure model' '_citation.page_last'               
9  2 'Structure model' '_citation.pdbx_database_id_DOI'    
10 2 'Structure model' '_citation.pdbx_database_id_PubMed' 
11 2 'Structure model' '_citation.title'                   
12 2 'Structure model' '_citation.year'                    
# 
_pdbx_database_status.status_code                     REL 
_pdbx_database_status.status_code_sf                  REL 
_pdbx_database_status.status_code_mr                  ? 
_pdbx_database_status.entry_id                        9VF8 
_pdbx_database_status.recvd_initial_deposition_date   2025-06-10 
_pdbx_database_status.SG_entry                        N 
_pdbx_database_status.deposit_site                    PDBJ 
_pdbx_database_status.process_site                    PDBJ 
_pdbx_database_status.status_code_cs                  ? 
_pdbx_database_status.status_code_nmr_data            ? 
_pdbx_database_status.methods_development_category    ? 
_pdbx_database_status.pdb_format_compatible           Y 
# 
_pdbx_contact_author.id                 3 
_pdbx_contact_author.email              ivan.gushchin@phystech.edu 
_pdbx_contact_author.name_first         Ivan 
_pdbx_contact_author.name_last          Gushchin 
_pdbx_contact_author.name_mi            ? 
_pdbx_contact_author.role               'principal investigator/group leader' 
_pdbx_contact_author.identifier_ORCID   0000-0002-5348-6070 
# 
loop_
_audit_author.name 
_audit_author.pdbx_ordinal 
_audit_author.identifier_ORCID 
'Semenov, O.'       1 0000-0001-9470-0013 
'Nazarenko, V.'     2 ?                   
'Yudenko, A.'       3 ?                   
'Remeeva, A.'       4 ?                   
'Borshchevskiy, V.' 5 ?                   
'Yang, Y.'          6 ?                   
'Gushchin, I.'      7 0000-0002-5348-6070 
# 
_citation.abstract                  ? 
_citation.abstract_id_CAS           ? 
_citation.book_id_ISBN              ? 
_citation.book_publisher            ? 
_citation.book_publisher_city       ? 
_citation.book_title                ? 
_citation.coordinate_linkage        ? 
_citation.country                   US 
_citation.database_id_Medline       ? 
_citation.details                   ? 
_citation.id                        primary 
_citation.journal_abbrev            J.Struct.Biol. 
_citation.journal_id_ASTM           JSBIEM 
_citation.journal_id_CSD            0803 
_citation.journal_id_ISSN           1095-8657 
_citation.journal_full              ? 
_citation.journal_issue             ? 
_citation.journal_volume            218 
_citation.language                  ? 
_citation.page_first                108268 
_citation.page_last                 108268 
_citation.title                     'Structural characterization of Meiothermus ruber LOV domain.' 
_citation.year                      2025 
_citation.database_id_CSD           ? 
_citation.pdbx_database_id_DOI      10.1016/j.jsb.2025.108268 
_citation.pdbx_database_id_PubMed   41349808 
_citation.pdbx_database_id_patent   ? 
_citation.unpublished_flag          ? 
# 
loop_
_citation_author.citation_id 
_citation_author.name 
_citation_author.ordinal 
_citation_author.identifier_ORCID 
primary 'Semenov, O.'       1  ? 
primary 'Nazarenko, V.'     2  ? 
primary 'Yudenko, A.'       3  ? 
primary 'Kovalev, K.'       4  ? 
primary 'Goncharov, I.'     5  ? 
primary 'Natarov, I.'       6  ? 
primary 'Mikhailov, A.'     7  ? 
primary 'Kuznetsova, E.'    8  ? 
primary 'Nikolaev, A.'      9  ? 
primary 'Yang, Y.'          10 ? 
primary 'Sluchanko, N.N.'   11 ? 
primary 'Borshchevskiy, V.' 12 ? 
primary 'Remeeva, A.'       13 ? 
primary 'Gushchin, I.'      14 ? 
# 
loop_
_entity.id 
_entity.type 
_entity.src_method 
_entity.pdbx_description 
_entity.formula_weight 
_entity.pdbx_number_of_molecules 
_entity.pdbx_ec 
_entity.pdbx_mutation 
_entity.pdbx_fragment 
_entity.details 
1 polymer     man 'histidine kinase'      12714.391 1 2.7.13.3 ? ? ? 
2 non-polymer nat 'FLAVIN MONONUCLEOTIDE' 456.344   1 ?        ? ? ? 
# 
_entity_poly.entity_id                      1 
_entity_poly.type                           'polypeptide(L)' 
_entity_poly.nstd_linkage                   no 
_entity_poly.nstd_monomer                   no 
_entity_poly.pdbx_seq_one_letter_code       
;MAGVVITDAQLPDYPIVYCNPGFVQLTGYPSEEVLGRNCRFLQGPATNPETVARLRRAIHEGRPAHVLLLNYRKDGQPFW
NDLRIAPVRDVEGRLTHFVGIQSDVSHHHHHH
;
_entity_poly.pdbx_seq_one_letter_code_can   
;MAGVVITDAQLPDYPIVYCNPGFVQLTGYPSEEVLGRNCRFLQGPATNPETVARLRRAIHEGRPAHVLLLNYRKDGQPFW
NDLRIAPVRDVEGRLTHFVGIQSDVSHHHHHH
;
_entity_poly.pdbx_strand_id                 A 
_entity_poly.pdbx_target_identifier         ? 
# 
_pdbx_entity_nonpoly.entity_id   2 
_pdbx_entity_nonpoly.name        'FLAVIN MONONUCLEOTIDE' 
_pdbx_entity_nonpoly.comp_id     FMN 
# 
loop_
_entity_poly_seq.entity_id 
_entity_poly_seq.num 
_entity_poly_seq.mon_id 
_entity_poly_seq.hetero 
1 1   MET n 
1 2   ALA n 
1 3   GLY n 
1 4   VAL n 
1 5   VAL n 
1 6   ILE n 
1 7   THR n 
1 8   ASP n 
1 9   ALA n 
1 10  GLN n 
1 11  LEU n 
1 12  PRO n 
1 13  ASP n 
1 14  TYR n 
1 15  PRO n 
1 16  ILE n 
1 17  VAL n 
1 18  TYR n 
1 19  CYS n 
1 20  ASN n 
1 21  PRO n 
1 22  GLY n 
1 23  PHE n 
1 24  VAL n 
1 25  GLN n 
1 26  LEU n 
1 27  THR n 
1 28  GLY n 
1 29  TYR n 
1 30  PRO n 
1 31  SER n 
1 32  GLU n 
1 33  GLU n 
1 34  VAL n 
1 35  LEU n 
1 36  GLY n 
1 37  ARG n 
1 38  ASN n 
1 39  CYS n 
1 40  ARG n 
1 41  PHE n 
1 42  LEU n 
1 43  GLN n 
1 44  GLY n 
1 45  PRO n 
1 46  ALA n 
1 47  THR n 
1 48  ASN n 
1 49  PRO n 
1 50  GLU n 
1 51  THR n 
1 52  VAL n 
1 53  ALA n 
1 54  ARG n 
1 55  LEU n 
1 56  ARG n 
1 57  ARG n 
1 58  ALA n 
1 59  ILE n 
1 60  HIS n 
1 61  GLU n 
1 62  GLY n 
1 63  ARG n 
1 64  PRO n 
1 65  ALA n 
1 66  HIS n 
1 67  VAL n 
1 68  LEU n 
1 69  LEU n 
1 70  LEU n 
1 71  ASN n 
1 72  TYR n 
1 73  ARG n 
1 74  LYS n 
1 75  ASP n 
1 76  GLY n 
1 77  GLN n 
1 78  PRO n 
1 79  PHE n 
1 80  TRP n 
1 81  ASN n 
1 82  ASP n 
1 83  LEU n 
1 84  ARG n 
1 85  ILE n 
1 86  ALA n 
1 87  PRO n 
1 88  VAL n 
1 89  ARG n 
1 90  ASP n 
1 91  VAL n 
1 92  GLU n 
1 93  GLY n 
1 94  ARG n 
1 95  LEU n 
1 96  THR n 
1 97  HIS n 
1 98  PHE n 
1 99  VAL n 
1 100 GLY n 
1 101 ILE n 
1 102 GLN n 
1 103 SER n 
1 104 ASP n 
1 105 VAL n 
1 106 SER n 
1 107 HIS n 
1 108 HIS n 
1 109 HIS n 
1 110 HIS n 
1 111 HIS n 
1 112 HIS n 
# 
_entity_src_gen.entity_id                          1 
_entity_src_gen.pdbx_src_id                        1 
_entity_src_gen.pdbx_alt_source_flag               sample 
_entity_src_gen.pdbx_seq_type                      'Biological sequence' 
_entity_src_gen.pdbx_beg_seq_num                   1 
_entity_src_gen.pdbx_end_seq_num                   112 
_entity_src_gen.gene_src_common_name               ? 
_entity_src_gen.gene_src_genus                     ? 
_entity_src_gen.pdbx_gene_src_gene                 'Mrub_1259, K649_05955' 
_entity_src_gen.gene_src_species                   ? 
_entity_src_gen.gene_src_strain                    'DSM 1279' 
_entity_src_gen.gene_src_tissue                    ? 
_entity_src_gen.gene_src_tissue_fraction           ? 
_entity_src_gen.gene_src_details                   ? 
_entity_src_gen.pdbx_gene_src_fragment             ? 
_entity_src_gen.pdbx_gene_src_scientific_name      'Meiothermus ruber DSM 1279' 
_entity_src_gen.pdbx_gene_src_ncbi_taxonomy_id     504728 
_entity_src_gen.pdbx_gene_src_variant              ? 
_entity_src_gen.pdbx_gene_src_cell_line            ? 
_entity_src_gen.pdbx_gene_src_atcc                 ? 
_entity_src_gen.pdbx_gene_src_organ                ? 
_entity_src_gen.pdbx_gene_src_organelle            ? 
_entity_src_gen.pdbx_gene_src_cell                 ? 
_entity_src_gen.pdbx_gene_src_cellular_location    ? 
_entity_src_gen.host_org_common_name               ? 
_entity_src_gen.pdbx_host_org_scientific_name      'Escherichia coli' 
_entity_src_gen.pdbx_host_org_ncbi_taxonomy_id     562 
_entity_src_gen.host_org_genus                     ? 
_entity_src_gen.pdbx_host_org_gene                 ? 
_entity_src_gen.pdbx_host_org_organ                ? 
_entity_src_gen.host_org_species                   ? 
_entity_src_gen.pdbx_host_org_tissue               ? 
_entity_src_gen.pdbx_host_org_tissue_fraction      ? 
_entity_src_gen.pdbx_host_org_strain               ? 
_entity_src_gen.pdbx_host_org_variant              ? 
_entity_src_gen.pdbx_host_org_cell_line            ? 
_entity_src_gen.pdbx_host_org_atcc                 ? 
_entity_src_gen.pdbx_host_org_culture_collection   ? 
_entity_src_gen.pdbx_host_org_cell                 ? 
_entity_src_gen.pdbx_host_org_organelle            ? 
_entity_src_gen.pdbx_host_org_cellular_location    ? 
_entity_src_gen.pdbx_host_org_vector_type          ? 
_entity_src_gen.pdbx_host_org_vector               ? 
_entity_src_gen.host_org_details                   ? 
_entity_src_gen.expression_system_id               ? 
_entity_src_gen.plasmid_name                       ? 
_entity_src_gen.plasmid_details                    ? 
_entity_src_gen.pdbx_description                   ? 
# 
loop_
_chem_comp.id 
_chem_comp.type 
_chem_comp.mon_nstd_flag 
_chem_comp.name 
_chem_comp.pdbx_synonyms 
_chem_comp.formula 
_chem_comp.formula_weight 
ALA 'L-peptide linking' y ALANINE                 ?                          'C3 H7 N O2'      89.093  
ARG 'L-peptide linking' y ARGININE                ?                          'C6 H15 N4 O2 1'  175.209 
ASN 'L-peptide linking' y ASPARAGINE              ?                          'C4 H8 N2 O3'     132.118 
ASP 'L-peptide linking' y 'ASPARTIC ACID'         ?                          'C4 H7 N O4'      133.103 
CYS 'L-peptide linking' y CYSTEINE                ?                          'C3 H7 N O2 S'    121.158 
FMN non-polymer         . 'FLAVIN MONONUCLEOTIDE' 'RIBOFLAVIN MONOPHOSPHATE' 'C17 H21 N4 O9 P' 456.344 
GLN 'L-peptide linking' y GLUTAMINE               ?                          'C5 H10 N2 O3'    146.144 
GLU 'L-peptide linking' y 'GLUTAMIC ACID'         ?                          'C5 H9 N O4'      147.129 
GLY 'peptide linking'   y GLYCINE                 ?                          'C2 H5 N O2'      75.067  
HIS 'L-peptide linking' y HISTIDINE               ?                          'C6 H10 N3 O2 1'  156.162 
ILE 'L-peptide linking' y ISOLEUCINE              ?                          'C6 H13 N O2'     131.173 
LEU 'L-peptide linking' y LEUCINE                 ?                          'C6 H13 N O2'     131.173 
LYS 'L-peptide linking' y LYSINE                  ?                          'C6 H15 N2 O2 1'  147.195 
MET 'L-peptide linking' y METHIONINE              ?                          'C5 H11 N O2 S'   149.211 
PHE 'L-peptide linking' y PHENYLALANINE           ?                          'C9 H11 N O2'     165.189 
PRO 'L-peptide linking' y PROLINE                 ?                          'C5 H9 N O2'      115.130 
SER 'L-peptide linking' y SERINE                  ?                          'C3 H7 N O3'      105.093 
THR 'L-peptide linking' y THREONINE               ?                          'C4 H9 N O3'      119.119 
TRP 'L-peptide linking' y TRYPTOPHAN              ?                          'C11 H12 N2 O2'   204.225 
TYR 'L-peptide linking' y TYROSINE                ?                          'C9 H11 N O3'     181.189 
VAL 'L-peptide linking' y VALINE                  ?                          'C5 H11 N O2'     117.146 
# 
loop_
_pdbx_poly_seq_scheme.asym_id 
_pdbx_poly_seq_scheme.entity_id 
_pdbx_poly_seq_scheme.seq_id 
_pdbx_poly_seq_scheme.mon_id 
_pdbx_poly_seq_scheme.ndb_seq_num 
_pdbx_poly_seq_scheme.pdb_seq_num 
_pdbx_poly_seq_scheme.auth_seq_num 
_pdbx_poly_seq_scheme.pdb_mon_id 
_pdbx_poly_seq_scheme.auth_mon_id 
_pdbx_poly_seq_scheme.pdb_strand_id 
_pdbx_poly_seq_scheme.pdb_ins_code 
_pdbx_poly_seq_scheme.hetero 
A 1 1   MET 1   14  ?   ?   ?   A . n 
A 1 2   ALA 2   15  15  ALA ALA A . n 
A 1 3   GLY 3   16  16  GLY GLY A . n 
A 1 4   VAL 4   17  17  VAL VAL A . n 
A 1 5   VAL 5   18  18  VAL VAL A . n 
A 1 6   ILE 6   19  19  ILE ILE A . n 
A 1 7   THR 7   20  20  THR THR A . n 
A 1 8   ASP 8   21  21  ASP ASP A . n 
A 1 9   ALA 9   22  22  ALA ALA A . n 
A 1 10  GLN 10  23  23  GLN GLN A . n 
A 1 11  LEU 11  24  24  LEU LEU A . n 
A 1 12  PRO 12  25  25  PRO PRO A . n 
A 1 13  ASP 13  26  26  ASP ASP A . n 
A 1 14  TYR 14  27  27  TYR TYR A . n 
A 1 15  PRO 15  28  28  PRO PRO A . n 
A 1 16  ILE 16  29  29  ILE ILE A . n 
A 1 17  VAL 17  30  30  VAL VAL A . n 
A 1 18  TYR 18  31  31  TYR TYR A . n 
A 1 19  CYS 19  32  32  CYS CYS A . n 
A 1 20  ASN 20  33  33  ASN ASN A . n 
A 1 21  PRO 21  34  34  PRO PRO A . n 
A 1 22  GLY 22  35  35  GLY GLY A . n 
A 1 23  PHE 23  36  36  PHE PHE A . n 
A 1 24  VAL 24  37  37  VAL VAL A . n 
A 1 25  GLN 25  38  38  GLN GLN A . n 
A 1 26  LEU 26  39  39  LEU LEU A . n 
A 1 27  THR 27  40  40  THR THR A . n 
A 1 28  GLY 28  41  41  GLY GLY A . n 
A 1 29  TYR 29  42  42  TYR TYR A . n 
A 1 30  PRO 30  43  43  PRO PRO A . n 
A 1 31  SER 31  44  44  SER SER A . n 
A 1 32  GLU 32  45  45  GLU GLU A . n 
A 1 33  GLU 33  46  46  GLU GLU A . n 
A 1 34  VAL 34  47  47  VAL VAL A . n 
A 1 35  LEU 35  48  48  LEU LEU A . n 
A 1 36  GLY 36  49  49  GLY GLY A . n 
A 1 37  ARG 37  50  50  ARG ARG A . n 
A 1 38  ASN 38  51  51  ASN ASN A . n 
A 1 39  CYS 39  52  52  CYS CYS A . n 
A 1 40  ARG 40  53  53  ARG ARG A . n 
A 1 41  PHE 41  54  54  PHE PHE A . n 
A 1 42  LEU 42  55  55  LEU LEU A . n 
A 1 43  GLN 43  56  56  GLN GLN A . n 
A 1 44  GLY 44  57  57  GLY GLY A . n 
A 1 45  PRO 45  58  58  PRO PRO A . n 
A 1 46  ALA 46  59  59  ALA ALA A . n 
A 1 47  THR 47  60  60  THR THR A . n 
A 1 48  ASN 48  61  61  ASN ASN A . n 
A 1 49  PRO 49  62  62  PRO PRO A . n 
A 1 50  GLU 50  63  63  GLU GLU A . n 
A 1 51  THR 51  64  64  THR THR A . n 
A 1 52  VAL 52  65  65  VAL VAL A . n 
A 1 53  ALA 53  66  66  ALA ALA A . n 
A 1 54  ARG 54  67  67  ARG ARG A . n 
A 1 55  LEU 55  68  68  LEU LEU A . n 
A 1 56  ARG 56  69  69  ARG ARG A . n 
A 1 57  ARG 57  70  70  ARG ARG A . n 
A 1 58  ALA 58  71  71  ALA ALA A . n 
A 1 59  ILE 59  72  72  ILE ILE A . n 
A 1 60  HIS 60  73  73  HIS HIS A . n 
A 1 61  GLU 61  74  74  GLU GLU A . n 
A 1 62  GLY 62  75  75  GLY GLY A . n 
A 1 63  ARG 63  76  76  ARG ARG A . n 
A 1 64  PRO 64  77  77  PRO PRO A . n 
A 1 65  ALA 65  78  78  ALA ALA A . n 
A 1 66  HIS 66  79  79  HIS HIS A . n 
A 1 67  VAL 67  80  80  VAL VAL A . n 
A 1 68  LEU 68  81  81  LEU LEU A . n 
A 1 69  LEU 69  82  82  LEU LEU A . n 
A 1 70  LEU 70  83  83  LEU LEU A . n 
A 1 71  ASN 71  84  84  ASN ASN A . n 
A 1 72  TYR 72  85  85  TYR TYR A . n 
A 1 73  ARG 73  86  86  ARG ARG A . n 
A 1 74  LYS 74  87  87  LYS LYS A . n 
A 1 75  ASP 75  88  88  ASP ASP A . n 
A 1 76  GLY 76  89  89  GLY GLY A . n 
A 1 77  GLN 77  90  90  GLN GLN A . n 
A 1 78  PRO 78  91  91  PRO PRO A . n 
A 1 79  PHE 79  92  92  PHE PHE A . n 
A 1 80  TRP 80  93  93  TRP TRP A . n 
A 1 81  ASN 81  94  94  ASN ASN A . n 
A 1 82  ASP 82  95  95  ASP ASP A . n 
A 1 83  LEU 83  96  96  LEU LEU A . n 
A 1 84  ARG 84  97  97  ARG ARG A . n 
A 1 85  ILE 85  98  98  ILE ILE A . n 
A 1 86  ALA 86  99  99  ALA ALA A . n 
A 1 87  PRO 87  100 100 PRO PRO A . n 
A 1 88  VAL 88  101 101 VAL VAL A . n 
A 1 89  ARG 89  102 102 ARG ARG A . n 
A 1 90  ASP 90  103 103 ASP ASP A . n 
A 1 91  VAL 91  104 104 VAL VAL A . n 
A 1 92  GLU 92  105 105 GLU GLU A . n 
A 1 93  GLY 93  106 106 GLY GLY A . n 
A 1 94  ARG 94  107 107 ARG ARG A . n 
A 1 95  LEU 95  108 108 LEU LEU A . n 
A 1 96  THR 96  109 109 THR THR A . n 
A 1 97  HIS 97  110 110 HIS HIS A . n 
A 1 98  PHE 98  111 111 PHE PHE A . n 
A 1 99  VAL 99  112 112 VAL VAL A . n 
A 1 100 GLY 100 113 113 GLY GLY A . n 
A 1 101 ILE 101 114 114 ILE ILE A . n 
A 1 102 GLN 102 115 115 GLN GLN A . n 
A 1 103 SER 103 116 116 SER SER A . n 
A 1 104 ASP 104 117 117 ASP ASP A . n 
A 1 105 VAL 105 118 118 VAL VAL A . n 
A 1 106 SER 106 119 119 SER SER A . n 
A 1 107 HIS 107 120 ?   ?   ?   A . n 
A 1 108 HIS 108 121 ?   ?   ?   A . n 
A 1 109 HIS 109 122 ?   ?   ?   A . n 
A 1 110 HIS 110 123 ?   ?   ?   A . n 
A 1 111 HIS 111 124 ?   ?   ?   A . n 
A 1 112 HIS 112 125 ?   ?   ?   A . n 
# 
_pdbx_entity_instance_feature.ordinal        1 
_pdbx_entity_instance_feature.comp_id        FMN 
_pdbx_entity_instance_feature.asym_id        ? 
_pdbx_entity_instance_feature.seq_num        ? 
_pdbx_entity_instance_feature.auth_comp_id   FMN 
_pdbx_entity_instance_feature.auth_asym_id   ? 
_pdbx_entity_instance_feature.auth_seq_num   ? 
_pdbx_entity_instance_feature.feature_type   'SUBJECT OF INVESTIGATION' 
_pdbx_entity_instance_feature.details        ? 
# 
_pdbx_nonpoly_scheme.asym_id         B 
_pdbx_nonpoly_scheme.entity_id       2 
_pdbx_nonpoly_scheme.mon_id          FMN 
_pdbx_nonpoly_scheme.ndb_seq_num     1 
_pdbx_nonpoly_scheme.pdb_seq_num     201 
_pdbx_nonpoly_scheme.auth_seq_num    201 
_pdbx_nonpoly_scheme.pdb_mon_id      FMN 
_pdbx_nonpoly_scheme.auth_mon_id     FMN 
_pdbx_nonpoly_scheme.pdb_strand_id   A 
_pdbx_nonpoly_scheme.pdb_ins_code    . 
# 
loop_
_software.citation_id 
_software.classification 
_software.compiler_name 
_software.compiler_version 
_software.contact_author 
_software.contact_author_email 
_software.date 
_software.description 
_software.dependencies 
_software.hardware 
_software.language 
_software.location 
_software.mods 
_software.name 
_software.os 
_software.os_version 
_software.type 
_software.version 
_software.pdbx_reference_DOI 
_software.pdbx_ordinal 
? 'data reduction' ? ? ? ? ? ? ? ? ? ? ? XDS       ? ? ? .        ? 1 
? 'data scaling'   ? ? ? ? ? ? ? ? ? ? ? STARANISO ? ? ? .        ? 2 
? 'data scaling'   ? ? ? ? ? ? ? ? ? ? ? Aimless   ? ? ? .        ? 3 
? refinement       ? ? ? ? ? ? ? ? ? ? ? REFMAC    ? ? ? 5.8.0430 ? 4 
? phasing          ? ? ? ? ? ? ? ? ? ? ? MOLREP    ? ? ? .        ? 5 
# 
_cell.angle_alpha                  90.0000 
_cell.angle_alpha_esd              ? 
_cell.angle_beta                   90.0000 
_cell.angle_beta_esd               ? 
_cell.angle_gamma                  90.0000 
_cell.angle_gamma_esd              ? 
_cell.entry_id                     9VF8 
_cell.details                      ? 
_cell.formula_units_Z              ? 
_cell.length_a                     78.5930 
_cell.length_a_esd                 ? 
_cell.length_b                     78.5930 
_cell.length_b_esd                 ? 
_cell.length_c                     73.3810 
_cell.length_c_esd                 ? 
_cell.volume                       ? 
_cell.volume_esd                   ? 
_cell.Z_PDB                        8 
_cell.reciprocal_angle_alpha       ? 
_cell.reciprocal_angle_beta        ? 
_cell.reciprocal_angle_gamma       ? 
_cell.reciprocal_angle_alpha_esd   ? 
_cell.reciprocal_angle_beta_esd    ? 
_cell.reciprocal_angle_gamma_esd   ? 
_cell.reciprocal_length_a          ? 
_cell.reciprocal_length_b          ? 
_cell.reciprocal_length_c          ? 
_cell.reciprocal_length_a_esd      ? 
_cell.reciprocal_length_b_esd      ? 
_cell.reciprocal_length_c_esd      ? 
_cell.pdbx_unique_axis             ? 
_cell.pdbx_esd_method              ? 
# 
_symmetry.entry_id                         9VF8 
_symmetry.cell_setting                     ? 
_symmetry.Int_Tables_number                96 
_symmetry.space_group_name_Hall            ? 
_symmetry.space_group_name_H-M             'P 43 21 2' 
_symmetry.pdbx_full_space_group_name_H-M   ? 
# 
_exptl.absorpt_coefficient_mu     ? 
_exptl.absorpt_correction_T_max   ? 
_exptl.absorpt_correction_T_min   ? 
_exptl.absorpt_correction_type    ? 
_exptl.absorpt_process_details    ? 
_exptl.entry_id                   9VF8 
_exptl.crystals_number            1 
_exptl.details                    ? 
_exptl.method                     'X-RAY DIFFRACTION' 
_exptl.method_details             ? 
# 
_exptl_crystal.colour                       ? 
_exptl_crystal.density_diffrn               ? 
_exptl_crystal.density_Matthews             4.31 
_exptl_crystal.density_method               ? 
_exptl_crystal.density_percent_sol          71.47 
_exptl_crystal.description                  ? 
_exptl_crystal.F_000                        ? 
_exptl_crystal.id                           1 
_exptl_crystal.preparation                  ? 
_exptl_crystal.size_max                     ? 
_exptl_crystal.size_mid                     ? 
_exptl_crystal.size_min                     ? 
_exptl_crystal.size_rad                     ? 
_exptl_crystal.colour_lustre                ? 
_exptl_crystal.colour_modifier              ? 
_exptl_crystal.colour_primary               ? 
_exptl_crystal.density_meas                 ? 
_exptl_crystal.density_meas_esd             ? 
_exptl_crystal.density_meas_gt              ? 
_exptl_crystal.density_meas_lt              ? 
_exptl_crystal.density_meas_temp            ? 
_exptl_crystal.density_meas_temp_esd        ? 
_exptl_crystal.density_meas_temp_gt         ? 
_exptl_crystal.density_meas_temp_lt         ? 
_exptl_crystal.pdbx_crystal_image_url       ? 
_exptl_crystal.pdbx_crystal_image_format    ? 
_exptl_crystal.pdbx_mosaicity               ? 
_exptl_crystal.pdbx_mosaicity_esd           ? 
_exptl_crystal.pdbx_mosaic_method           ? 
_exptl_crystal.pdbx_mosaic_block_size       ? 
_exptl_crystal.pdbx_mosaic_block_size_esd   ? 
# 
_exptl_crystal_grow.apparatus       ? 
_exptl_crystal_grow.atmosphere      ? 
_exptl_crystal_grow.crystal_id      1 
_exptl_crystal_grow.details         ? 
_exptl_crystal_grow.method          'VAPOR DIFFUSION, SITTING DROP' 
_exptl_crystal_grow.method_ref      ? 
_exptl_crystal_grow.pH              ? 
_exptl_crystal_grow.pressure        ? 
_exptl_crystal_grow.pressure_esd    ? 
_exptl_crystal_grow.seeding         ? 
_exptl_crystal_grow.seeding_ref     ? 
_exptl_crystal_grow.temp_details    ? 
_exptl_crystal_grow.temp_esd        ? 
_exptl_crystal_grow.time            ? 
_exptl_crystal_grow.pdbx_details    '0.2 M Ammonium sulfate 0.1 M Sodium cacodylate 6.5 30 % w/v PEG 8000' 
_exptl_crystal_grow.pdbx_pH_range   ? 
_exptl_crystal_grow.temp            293 
# 
_diffrn.ambient_environment              ? 
_diffrn.ambient_temp                     100 
_diffrn.ambient_temp_details             ? 
_diffrn.ambient_temp_esd                 ? 
_diffrn.crystal_id                       1 
_diffrn.crystal_support                  ? 
_diffrn.crystal_treatment                ? 
_diffrn.details                          ? 
_diffrn.id                               1 
_diffrn.ambient_pressure                 ? 
_diffrn.ambient_pressure_esd             ? 
_diffrn.ambient_pressure_gt              ? 
_diffrn.ambient_pressure_lt              ? 
_diffrn.ambient_temp_gt                  ? 
_diffrn.ambient_temp_lt                  ? 
_diffrn.pdbx_serial_crystal_experiment   N 
# 
_diffrn_detector.details                      ? 
_diffrn_detector.detector                     PIXEL 
_diffrn_detector.diffrn_id                    1 
_diffrn_detector.type                         'DECTRIS EIGER2 X 16M' 
_diffrn_detector.area_resol_mean              ? 
_diffrn_detector.dtime                        ? 
_diffrn_detector.pdbx_frames_total            ? 
_diffrn_detector.pdbx_collection_time_total   ? 
_diffrn_detector.pdbx_collection_date         2023-05-27 
_diffrn_detector.pdbx_frequency               ? 
_diffrn_detector.id                           ? 
_diffrn_detector.number_of_axes               ? 
# 
_diffrn_radiation.collimation                      ? 
_diffrn_radiation.diffrn_id                        1 
_diffrn_radiation.filter_edge                      ? 
_diffrn_radiation.inhomogeneity                    ? 
_diffrn_radiation.monochromator                    ? 
_diffrn_radiation.polarisn_norm                    ? 
_diffrn_radiation.polarisn_ratio                   ? 
_diffrn_radiation.probe                            ? 
_diffrn_radiation.type                             ? 
_diffrn_radiation.xray_symbol                      ? 
_diffrn_radiation.wavelength_id                    1 
_diffrn_radiation.pdbx_monochromatic_or_laue_m_l   M 
_diffrn_radiation.pdbx_wavelength_list             ? 
_diffrn_radiation.pdbx_wavelength                  ? 
_diffrn_radiation.pdbx_diffrn_protocol             'SINGLE WAVELENGTH' 
_diffrn_radiation.pdbx_analyzer                    ? 
_diffrn_radiation.pdbx_scattering_type             x-ray 
# 
_diffrn_radiation_wavelength.id           1 
_diffrn_radiation_wavelength.wavelength   0.97918 
_diffrn_radiation_wavelength.wt           1.0 
# 
_diffrn_source.current                     ? 
_diffrn_source.details                     ? 
_diffrn_source.diffrn_id                   1 
_diffrn_source.power                       ? 
_diffrn_source.size                        ? 
_diffrn_source.source                      SYNCHROTRON 
_diffrn_source.target                      ? 
_diffrn_source.type                        'SSRF BEAMLINE BL17UM' 
_diffrn_source.voltage                     ? 
_diffrn_source.take-off_angle              ? 
_diffrn_source.pdbx_wavelength_list        0.97918 
_diffrn_source.pdbx_wavelength             ? 
_diffrn_source.pdbx_synchrotron_beamline   BL17UM 
_diffrn_source.pdbx_synchrotron_site       SSRF 
# 
_reflns.B_iso_Wilson_estimate                          ? 
_reflns.entry_id                                       9VF8 
_reflns.data_reduction_details                         ? 
_reflns.data_reduction_method                          ? 
_reflns.d_resolution_high                              3.352 
_reflns.d_resolution_low                               44.303 
_reflns.details                                        ? 
_reflns.limit_h_max                                    ? 
_reflns.limit_h_min                                    ? 
_reflns.limit_k_max                                    ? 
_reflns.limit_k_min                                    ? 
_reflns.limit_l_max                                    ? 
_reflns.limit_l_min                                    ? 
_reflns.number_all                                     ? 
_reflns.number_obs                                     2991 
_reflns.observed_criterion                             ? 
_reflns.observed_criterion_F_max                       ? 
_reflns.observed_criterion_F_min                       ? 
_reflns.observed_criterion_I_max                       ? 
_reflns.observed_criterion_I_min                       ? 
_reflns.observed_criterion_sigma_F                     ? 
_reflns.observed_criterion_sigma_I                     ? 
_reflns.percent_possible_obs                           91.1 
_reflns.R_free_details                                 ? 
_reflns.Rmerge_F_all                                   ? 
_reflns.Rmerge_F_obs                                   ? 
_reflns.Friedel_coverage                               ? 
_reflns.number_gt                                      ? 
_reflns.threshold_expression                           ? 
_reflns.pdbx_redundancy                                21.69 
_reflns.pdbx_netI_over_av_sigmaI                       ? 
_reflns.pdbx_netI_over_sigmaI                          5.13 
_reflns.pdbx_res_netI_over_av_sigmaI_2                 ? 
_reflns.pdbx_res_netI_over_sigmaI_2                    ? 
_reflns.pdbx_chi_squared                               ? 
_reflns.pdbx_scaling_rejects                           ? 
_reflns.pdbx_d_res_high_opt                            ? 
_reflns.pdbx_d_res_low_opt                             ? 
_reflns.pdbx_d_res_opt_method                          ? 
_reflns.phase_calculation_details                      ? 
_reflns.pdbx_Rrim_I_all                                0.5432 
_reflns.pdbx_Rpim_I_all                                0.1174 
_reflns.pdbx_d_opt                                     ? 
_reflns.pdbx_number_measured_all                       64878 
_reflns.pdbx_diffrn_id                                 1 
_reflns.pdbx_ordinal                                   1 
_reflns.pdbx_CC_half                                   0.987 
_reflns.pdbx_CC_star                                   ? 
_reflns.pdbx_R_split                                   ? 
_reflns.pdbx_Rmerge_I_obs                              0.5299 
_reflns.pdbx_Rmerge_I_all                              ? 
_reflns.pdbx_Rsym_value                                ? 
_reflns.pdbx_CC_split_method                           ? 
_reflns.pdbx_aniso_diffraction_limit_axis_1_ortho[1]   1.0000 
_reflns.pdbx_aniso_diffraction_limit_axis_1_ortho[2]   0.0000 
_reflns.pdbx_aniso_diffraction_limit_axis_1_ortho[3]   0.0000 
_reflns.pdbx_aniso_diffraction_limit_axis_2_ortho[1]   0.0000 
_reflns.pdbx_aniso_diffraction_limit_axis_2_ortho[2]   1.0000 
_reflns.pdbx_aniso_diffraction_limit_axis_2_ortho[3]   0.0000 
_reflns.pdbx_aniso_diffraction_limit_axis_3_ortho[1]   0.0000 
_reflns.pdbx_aniso_diffraction_limit_axis_3_ortho[2]   0.0000 
_reflns.pdbx_aniso_diffraction_limit_axis_3_ortho[3]   1.0000 
_reflns.pdbx_aniso_diffraction_limit_1                 3.347 
_reflns.pdbx_aniso_diffraction_limit_2                 3.347 
_reflns.pdbx_aniso_diffraction_limit_3                 3.680 
_reflns.pdbx_aniso_B_tensor_eigenvector_1_ortho[1]     1.0000 
_reflns.pdbx_aniso_B_tensor_eigenvector_1_ortho[2]     0.0000 
_reflns.pdbx_aniso_B_tensor_eigenvector_1_ortho[3]     0.0000 
_reflns.pdbx_aniso_B_tensor_eigenvector_2_ortho[1]     0.0000 
_reflns.pdbx_aniso_B_tensor_eigenvector_2_ortho[2]     1.0000 
_reflns.pdbx_aniso_B_tensor_eigenvector_2_ortho[3]     0.0000 
_reflns.pdbx_aniso_B_tensor_eigenvector_3_ortho[1]     0.0000 
_reflns.pdbx_aniso_B_tensor_eigenvector_3_ortho[2]     0.0000 
_reflns.pdbx_aniso_B_tensor_eigenvector_3_ortho[3]     1.0000 
_reflns.pdbx_aniso_B_tensor_eigenvalue_1               0.0000 
_reflns.pdbx_aniso_B_tensor_eigenvalue_2               0.0000 
_reflns.pdbx_aniso_B_tensor_eigenvalue_3               39.6522 
_reflns.pdbx_orthogonalization_convention              pdb 
_reflns.pdbx_percent_possible_ellipsoidal              91.1 
_reflns.pdbx_percent_possible_spherical                83.4 
_reflns.pdbx_percent_possible_ellipsoidal_anomalous    89.9 
_reflns.pdbx_percent_possible_spherical_anomalous      82.0 
_reflns.pdbx_redundancy_anomalous                      12.53 
_reflns.pdbx_CC_half_anomalous                         0.075 
_reflns.pdbx_absDiff_over_sigma_anomalous              0.670 
_reflns.pdbx_percent_possible_anomalous                89.9 
_reflns.pdbx_observed_signal_threshold                 1.20 
_reflns.pdbx_signal_type                               'local <I/sigmaI>' 
_reflns.pdbx_signal_details                            'averaging_radius = 0.0808/Ang.' 
_reflns.pdbx_signal_software_id                        ? 
# 
loop_
_reflns_shell.d_res_high 
_reflns_shell.d_res_low 
_reflns_shell.meanI_over_sigI_all 
_reflns_shell.meanI_over_sigI_obs 
_reflns_shell.number_measured_all 
_reflns_shell.number_measured_obs 
_reflns_shell.number_possible 
_reflns_shell.number_unique_all 
_reflns_shell.number_unique_obs 
_reflns_shell.percent_possible_obs 
_reflns_shell.Rmerge_F_all 
_reflns_shell.Rmerge_F_obs 
_reflns_shell.meanI_over_sigI_gt 
_reflns_shell.meanI_over_uI_all 
_reflns_shell.meanI_over_uI_gt 
_reflns_shell.number_measured_gt 
_reflns_shell.number_unique_gt 
_reflns_shell.percent_possible_gt 
_reflns_shell.Rmerge_F_gt 
_reflns_shell.Rmerge_I_gt 
_reflns_shell.pdbx_redundancy 
_reflns_shell.pdbx_chi_squared 
_reflns_shell.pdbx_netI_over_sigmaI_all 
_reflns_shell.pdbx_netI_over_sigmaI_obs 
_reflns_shell.pdbx_Rrim_I_all 
_reflns_shell.pdbx_Rpim_I_all 
_reflns_shell.pdbx_rejects 
_reflns_shell.pdbx_ordinal 
_reflns_shell.pdbx_diffrn_id 
_reflns_shell.pdbx_CC_half 
_reflns_shell.pdbx_CC_star 
_reflns_shell.pdbx_R_split 
_reflns_shell.percent_possible_all 
_reflns_shell.Rmerge_I_all 
_reflns_shell.Rmerge_I_obs 
_reflns_shell.pdbx_Rsym_value 
_reflns_shell.pdbx_percent_possible_ellipsoidal 
_reflns_shell.pdbx_percent_possible_spherical 
_reflns_shell.pdbx_percent_possible_ellipsoidal_anomalous 
_reflns_shell.pdbx_percent_possible_spherical_anomalous 
_reflns_shell.pdbx_redundancy_anomalous 
_reflns_shell.pdbx_CC_half_anomalous 
_reflns_shell.pdbx_absDiff_over_sigma_anomalous 
_reflns_shell.pdbx_percent_possible_anomalous 
7.077 44.303 ? 7.67 8118  8118  ? 426 426 ? ? ? ? ? ? ? ? ? ? ? 19.06 ? ? ? 0.1242 0.0280 ? 1 ? 0.989 ? ? 99.8  ? 0.1207 ? 99.8  
99.8  99.6  99.6  12.45 0.059  0.359 99.6  
5.539 7.077  ? 6.49 8959  8959  ? 428 428 ? ? ? ? ? ? ? ? ? ? ? 20.93 ? ? ? 0.2759 0.0609 ? 2 ? 0.995 ? ? 100.0 ? 0.2689 ? 100.0 
100.0 100.0 100.0 12.26 0.155  0.488 100.0 
4.807 5.539  ? 7.02 8708  8708  ? 427 427 ? ? ? ? ? ? ? ? ? ? ? 20.39 ? ? ? 0.4268 0.0974 ? 3 ? 0.984 ? ? 100.0 ? 0.4151 ? 100.0 
100.0 100.0 100.0 11.73 -0.001 0.579 100.0 
4.336 4.807  ? 6.52 9202  9202  ? 427 427 ? ? ? ? ? ? ? ? ? ? ? 21.55 ? ? ? 0.6608 0.1460 ? 4 ? 0.984 ? ? 99.8  ? 0.6439 ? 99.8  
99.8  100.0 100.0 12.08 0.184  0.742 100.0 
4.016 4.336  ? 4.59 9768  9768  ? 428 428 ? ? ? ? ? ? ? ? ? ? ? 22.82 ? ? ? 1.0703 0.2264 ? 5 ? 0.955 ? ? 100.0 ? 1.0453 ? 100.0 
100.0 100.0 100.0 12.75 0.050  0.819 100.0 
3.767 4.016  ? 2.30 10392 10392 ? 430 430 ? ? ? ? ? ? ? ? ? ? ? 24.17 ? ? ? 2.3864 0.4847 ? 6 ? 0.878 ? ? 99.8  ? 2.3350 ? 99.8  
99.8  99.7  99.7  13.43 -0.047 0.815 99.7  
3.352 3.767  ? 1.34 9731  9731  ? 425 425 ? ? ? ? ? ? ? ? ? ? ? 22.90 ? ? ? 4.2668 0.8687 ? 7 ? 0.847 ? ? 59.4  ? 4.1742 ? 59.4  
41.9  58.1  41.3  12.86 -0.184 0.768 58.1  
# 
_refine.aniso_B[1][1]                            -0.749 
_refine.aniso_B[1][2]                            0.000 
_refine.aniso_B[1][3]                            0.000 
_refine.aniso_B[2][2]                            -0.749 
_refine.aniso_B[2][3]                            0.000 
_refine.aniso_B[3][3]                            1.499 
_refine.B_iso_max                                ? 
_refine.B_iso_mean                               83.668 
_refine.B_iso_min                                ? 
_refine.correlation_coeff_Fo_to_Fc               0.910 
_refine.correlation_coeff_Fo_to_Fc_free          0.871 
_refine.details                                  'Hydrogens have been added in their riding positions' 
_refine.diff_density_max                         ? 
_refine.diff_density_max_esd                     ? 
_refine.diff_density_min                         ? 
_refine.diff_density_min_esd                     ? 
_refine.diff_density_rms                         ? 
_refine.diff_density_rms_esd                     ? 
_refine.entry_id                                 9VF8 
_refine.pdbx_refine_id                           'X-RAY DIFFRACTION' 
_refine.ls_abs_structure_details                 ? 
_refine.ls_abs_structure_Flack                   ? 
_refine.ls_abs_structure_Flack_esd               ? 
_refine.ls_abs_structure_Rogers                  ? 
_refine.ls_abs_structure_Rogers_esd              ? 
_refine.ls_d_res_high                            3.352 
_refine.ls_d_res_low                             44.303 
_refine.ls_extinction_coef                       ? 
_refine.ls_extinction_coef_esd                   ? 
_refine.ls_extinction_expression                 ? 
_refine.ls_extinction_method                     ? 
_refine.ls_goodness_of_fit_all                   ? 
_refine.ls_goodness_of_fit_all_esd               ? 
_refine.ls_goodness_of_fit_obs                   ? 
_refine.ls_goodness_of_fit_obs_esd               ? 
_refine.ls_hydrogen_treatment                    ? 
_refine.ls_matrix_type                           ? 
_refine.ls_number_constraints                    ? 
_refine.ls_number_parameters                     ? 
_refine.ls_number_reflns_all                     ? 
_refine.ls_number_reflns_obs                     2991 
_refine.ls_number_reflns_R_free                  134 
_refine.ls_number_reflns_R_work                  2857 
_refine.ls_number_restraints                     ? 
_refine.ls_percent_reflns_obs                    83.292 
_refine.ls_percent_reflns_R_free                 4.480 
_refine.ls_R_factor_all                          0.244 
_refine.ls_R_factor_obs                          ? 
_refine.ls_R_factor_R_free                       0.2721 
_refine.ls_R_factor_R_free_error                 ? 
_refine.ls_R_factor_R_free_error_details         ? 
_refine.ls_R_factor_R_work                       0.2422 
_refine.ls_R_Fsqd_factor_obs                     ? 
_refine.ls_R_I_factor_obs                        ? 
_refine.ls_redundancy_reflns_all                 ? 
_refine.ls_redundancy_reflns_obs                 ? 
_refine.ls_restrained_S_all                      ? 
_refine.ls_restrained_S_obs                      ? 
_refine.ls_shift_over_esd_max                    ? 
_refine.ls_shift_over_esd_mean                   ? 
_refine.ls_structure_factor_coef                 ? 
_refine.ls_weighting_details                     ? 
_refine.ls_weighting_scheme                      ? 
_refine.ls_wR_factor_all                         ? 
_refine.ls_wR_factor_obs                         ? 
_refine.ls_wR_factor_R_free                      ? 
_refine.ls_wR_factor_R_work                      ? 
_refine.occupancy_max                            ? 
_refine.occupancy_min                            ? 
_refine.solvent_model_details                    'MASK BULK SOLVENT' 
_refine.solvent_model_param_bsol                 ? 
_refine.solvent_model_param_ksol                 ? 
_refine.correlation_coeff_I_to_Fcsqd_work        ? 
_refine.correlation_coeff_I_to_Fcsqd_free        ? 
_refine.pdbx_R_complete                          ? 
_refine.ls_R_factor_gt                           ? 
_refine.ls_goodness_of_fit_gt                    ? 
_refine.ls_goodness_of_fit_ref                   ? 
_refine.ls_shift_over_su_max                     ? 
_refine.ls_shift_over_su_max_lt                  ? 
_refine.ls_shift_over_su_mean                    ? 
_refine.ls_shift_over_su_mean_lt                 ? 
_refine.pdbx_ls_sigma_I                          ? 
_refine.pdbx_ls_sigma_F                          ? 
_refine.pdbx_ls_sigma_Fsqd                       ? 
_refine.pdbx_data_cutoff_high_absF               ? 
_refine.pdbx_data_cutoff_high_rms_absF           ? 
_refine.pdbx_data_cutoff_low_absF                ? 
_refine.pdbx_isotropic_thermal_model             ? 
_refine.pdbx_ls_cross_valid_method               'FREE R-VALUE' 
_refine.pdbx_method_to_determine_struct          'MOLECULAR REPLACEMENT' 
_refine.pdbx_starting_model                      ? 
_refine.pdbx_stereochemistry_target_values       ? 
_refine.pdbx_R_Free_selection_details            ? 
_refine.pdbx_stereochem_target_val_spec_case     ? 
_refine.pdbx_overall_ESU_R                       ? 
_refine.pdbx_overall_ESU_R_Free                  0.540 
_refine.pdbx_solvent_vdw_probe_radii             1.200 
_refine.pdbx_solvent_ion_probe_radii             0.800 
_refine.pdbx_solvent_shrinkage_radii             0.800 
_refine.pdbx_real_space_R                        ? 
_refine.pdbx_density_correlation                 ? 
_refine.pdbx_pd_number_of_powder_patterns        ? 
_refine.pdbx_pd_number_of_points                 ? 
_refine.pdbx_pd_meas_number_of_points            ? 
_refine.pdbx_pd_proc_ls_prof_R_factor            ? 
_refine.pdbx_pd_proc_ls_prof_wR_factor           ? 
_refine.pdbx_pd_Marquardt_correlation_coeff      ? 
_refine.pdbx_pd_Fsqrd_R_factor                   ? 
_refine.pdbx_pd_ls_matrix_band_width             ? 
_refine.pdbx_overall_phase_error                 ? 
_refine.pdbx_overall_SU_R_free_Cruickshank_DPI   ? 
_refine.pdbx_overall_SU_R_free_Blow_DPI          ? 
_refine.pdbx_overall_SU_R_Blow_DPI               ? 
_refine.pdbx_TLS_residual_ADP_flag               ? 
_refine.pdbx_diffrn_id                           1 
_refine.overall_SU_B                             33.250 
_refine.overall_SU_ML                            0.503 
_refine.overall_SU_R_Cruickshank_DPI             ? 
_refine.overall_SU_R_free                        ? 
_refine.overall_FOM_free_R_set                   ? 
_refine.overall_FOM_work_R_set                   ? 
_refine.pdbx_average_fsc_overall                 ? 
_refine.pdbx_average_fsc_work                    ? 
_refine.pdbx_average_fsc_free                    ? 
# 
_refine_hist.pdbx_refine_id                   'X-RAY DIFFRACTION' 
_refine_hist.cycle_id                         LAST 
_refine_hist.details                          ? 
_refine_hist.d_res_high                       3.352 
_refine_hist.d_res_low                        44.303 
_refine_hist.number_atoms_solvent             0 
_refine_hist.number_atoms_total               860 
_refine_hist.number_reflns_all                ? 
_refine_hist.number_reflns_obs                ? 
_refine_hist.number_reflns_R_free             ? 
_refine_hist.number_reflns_R_work             ? 
_refine_hist.R_factor_all                     ? 
_refine_hist.R_factor_obs                     ? 
_refine_hist.R_factor_R_free                  ? 
_refine_hist.R_factor_R_work                  ? 
_refine_hist.pdbx_number_residues_total       ? 
_refine_hist.pdbx_B_iso_mean_ligand           ? 
_refine_hist.pdbx_B_iso_mean_solvent          ? 
_refine_hist.pdbx_number_atoms_protein        829 
_refine_hist.pdbx_number_atoms_nucleic_acid   0 
_refine_hist.pdbx_number_atoms_ligand         31 
_refine_hist.pdbx_number_atoms_lipid          ? 
_refine_hist.pdbx_number_atoms_carb           ? 
_refine_hist.pdbx_pseudo_atom_details         ? 
# 
loop_
_refine_ls_restr.pdbx_refine_id 
_refine_ls_restr.criterion 
_refine_ls_restr.dev_ideal 
_refine_ls_restr.dev_ideal_target 
_refine_ls_restr.number 
_refine_ls_restr.rejects 
_refine_ls_restr.type 
_refine_ls_restr.weight 
_refine_ls_restr.pdbx_Zscore 
_refine_ls_restr.pdbx_restraint_function 
'X-RAY DIFFRACTION' ? 0.002  0.012  883  ? r_bond_refined_d             ? ? ? 
'X-RAY DIFFRACTION' ? 0.000  0.016  820  ? r_bond_other_d               ? ? ? 
'X-RAY DIFFRACTION' ? 1.057  1.815  1210 ? r_angle_refined_deg          ? ? ? 
'X-RAY DIFFRACTION' ? 0.315  1.749  1875 ? r_angle_other_deg            ? ? ? 
'X-RAY DIFFRACTION' ? 3.352  5.000  104  ? r_dihedral_angle_1_deg       ? ? ? 
'X-RAY DIFFRACTION' ? 1.338  5.000  10   ? r_dihedral_angle_2_deg       ? ? ? 
'X-RAY DIFFRACTION' ? 9.984  10.000 128  ? r_dihedral_angle_3_deg       ? ? ? 
'X-RAY DIFFRACTION' ? 6.739  10.000 43   ? r_dihedral_angle_6_deg       ? ? ? 
'X-RAY DIFFRACTION' ? 0.037  0.200  131  ? r_chiral_restr               ? ? ? 
'X-RAY DIFFRACTION' ? 0.001  0.020  1070 ? r_gen_planes_refined         ? ? ? 
'X-RAY DIFFRACTION' ? 0.000  0.020  216  ? r_gen_planes_other           ? ? ? 
'X-RAY DIFFRACTION' ? 0.214  0.200  184  ? r_nbd_refined                ? ? ? 
'X-RAY DIFFRACTION' ? 0.254  0.200  782  ? r_symmetry_nbd_other         ? ? ? 
'X-RAY DIFFRACTION' ? 0.185  0.200  444  ? r_nbtor_refined              ? ? ? 
'X-RAY DIFFRACTION' ? 0.083  0.200  428  ? r_symmetry_nbtor_other       ? ? ? 
'X-RAY DIFFRACTION' ? 0.187  0.200  11   ? r_xyhbond_nbd_refined        ? ? ? 
'X-RAY DIFFRACTION' ? 0.040  0.200  1    ? r_symmetry_xyhbond_nbd_other ? ? ? 
'X-RAY DIFFRACTION' ? 0.241  0.200  12   ? r_symmetry_nbd_refined       ? ? ? 
'X-RAY DIFFRACTION' ? 0.219  0.200  71   ? r_nbd_other                  ? ? ? 
'X-RAY DIFFRACTION' ? 13.027 7.924  419  ? r_mcbond_it                  ? ? ? 
'X-RAY DIFFRACTION' ? 13.024 7.924  419  ? r_mcbond_other               ? ? ? 
'X-RAY DIFFRACTION' ? 19.237 14.295 522  ? r_mcangle_it                 ? ? ? 
'X-RAY DIFFRACTION' ? 19.219 14.301 523  ? r_mcangle_other              ? ? ? 
'X-RAY DIFFRACTION' ? 12.835 8.659  464  ? r_scbond_it                  ? ? ? 
'X-RAY DIFFRACTION' ? 12.815 8.660  461  ? r_scbond_other               ? ? ? 
'X-RAY DIFFRACTION' ? 19.433 15.444 688  ? r_scangle_it                 ? ? ? 
'X-RAY DIFFRACTION' ? 19.419 15.435 689  ? r_scangle_other              ? ? ? 
'X-RAY DIFFRACTION' ? 24.524 83.813 1018 ? r_lrange_it                  ? ? ? 
'X-RAY DIFFRACTION' ? 24.513 83.779 1019 ? r_lrange_other               ? ? ? 
# 
loop_
_refine_ls_shell.pdbx_refine_id 
_refine_ls_shell.d_res_high 
_refine_ls_shell.d_res_low 
_refine_ls_shell.number_reflns_all 
_refine_ls_shell.number_reflns_obs 
_refine_ls_shell.number_reflns_R_free 
_refine_ls_shell.number_reflns_R_work 
_refine_ls_shell.percent_reflns_obs 
_refine_ls_shell.percent_reflns_R_free 
_refine_ls_shell.R_factor_all 
_refine_ls_shell.R_factor_obs 
_refine_ls_shell.R_factor_R_free_error 
_refine_ls_shell.R_factor_R_work 
_refine_ls_shell.redundancy_reflns_all 
_refine_ls_shell.redundancy_reflns_obs 
_refine_ls_shell.wR_factor_all 
_refine_ls_shell.wR_factor_obs 
_refine_ls_shell.wR_factor_R_free 
_refine_ls_shell.wR_factor_R_work 
_refine_ls_shell.pdbx_R_complete 
_refine_ls_shell.correlation_coeff_Fo_to_Fc 
_refine_ls_shell.correlation_coeff_Fo_to_Fc_free 
_refine_ls_shell.correlation_coeff_I_to_Fcsqd_work 
_refine_ls_shell.correlation_coeff_I_to_Fcsqd_free 
_refine_ls_shell.pdbx_total_number_of_bins_used 
_refine_ls_shell.pdbx_phase_error 
_refine_ls_shell.pdbx_fsc_work 
_refine_ls_shell.pdbx_fsc_free 
_refine_ls_shell.R_factor_R_free 
'X-RAY DIFFRACTION' 3.352  3.439  . . 0  29  11.5538  . . . . 0.643 . . . . . . . . . . . . . . . .     
'X-RAY DIFFRACTION' 3.439  3.532  . . 3  61  25.9109  . . . . 0.533 . . . . . . . . . . . . . . . 0.593 
'X-RAY DIFFRACTION' 3.532  3.634  . . 3  97  41.8410  . . . . 0.486 . . . . . . . . . . . . . . . 0.665 
'X-RAY DIFFRACTION' 3.634  3.745  . . 6  190 80.6584  . . . . 0.469 . . . . . . . . . . . . . . . 0.345 
'X-RAY DIFFRACTION' 3.745  3.867  . . 11 212 98.2379  . . . . 0.443 . . . . . . . . . . . . . . . 0.552 
'X-RAY DIFFRACTION' 3.867  4.002  . . 11 216 100.0000 . . . . 0.360 . . . . . . . . . . . . . . . 0.137 
'X-RAY DIFFRACTION' 4.002  4.152  . . 15 198 100.0000 . . . . 0.298 . . . . . . . . . . . . . . . 0.358 
'X-RAY DIFFRACTION' 4.152  4.320  . . 8  203 100.0000 . . . . 0.234 . . . . . . . . . . . . . . . 0.415 
'X-RAY DIFFRACTION' 4.320  4.510  . . 9  184 99.4845  . . . . 0.217 . . . . . . . . . . . . . . . 0.247 
'X-RAY DIFFRACTION' 4.510  4.727  . . 12 181 100.0000 . . . . 0.223 . . . . . . . . . . . . . . . 0.286 
'X-RAY DIFFRACTION' 4.727  4.980  . . 11 181 100.0000 . . . . 0.179 . . . . . . . . . . . . . . . 0.192 
'X-RAY DIFFRACTION' 4.980  5.278  . . 9  164 100.0000 . . . . 0.192 . . . . . . . . . . . . . . . 0.222 
'X-RAY DIFFRACTION' 5.278  5.636  . . 3  165 100.0000 . . . . 0.182 . . . . . . . . . . . . . . . 0.149 
'X-RAY DIFFRACTION' 5.636  6.080  . . 9  144 100.0000 . . . . 0.221 . . . . . . . . . . . . . . . 0.217 
'X-RAY DIFFRACTION' 6.080  6.648  . . 7  143 100.0000 . . . . 0.245 . . . . . . . . . . . . . . . 0.280 
'X-RAY DIFFRACTION' 6.648  7.412  . . 6  126 100.0000 . . . . 0.206 . . . . . . . . . . . . . . . 0.315 
'X-RAY DIFFRACTION' 7.412  8.519  . . 5  114 100.0000 . . . . 0.203 . . . . . . . . . . . . . . . 0.433 
'X-RAY DIFFRACTION' 8.519  10.338 . . 6  103 100.0000 . . . . 0.164 . . . . . . . . . . . . . . . 0.232 
'X-RAY DIFFRACTION' 10.338 14.239 . . 0  86  100.0000 . . . . 0.203 . . . . . . . . . . . . . . . .     
'X-RAY DIFFRACTION' 14.239 44.303 . . 0  60  96.7742  . . . . 0.421 . . . . . . . . . . . . . . . .     
# 
_struct.entry_id                     9VF8 
_struct.title                        'Structure of Meiothermus ruber Mrub_1259 LOV domain (MrLOV)' 
_struct.pdbx_model_details           ? 
_struct.pdbx_formula_weight          ? 
_struct.pdbx_formula_weight_method   ? 
_struct.pdbx_model_type_details      ? 
_struct.pdbx_CASP_flag               N 
# 
_struct_keywords.entry_id        9VF8 
_struct_keywords.text            'LOV, FMN, photoreceptor, fluorescent protein, flavoprotein' 
_struct_keywords.pdbx_keywords   'FLUORESCENT PROTEIN' 
# 
loop_
_struct_asym.id 
_struct_asym.pdbx_blank_PDB_chainid_flag 
_struct_asym.pdbx_modified 
_struct_asym.entity_id 
_struct_asym.details 
A N N 1 ? 
B N N 2 ? 
# 
_struct_ref.id                         1 
_struct_ref.db_name                    UNP 
_struct_ref.db_code                    D3PRD8_MEIRD 
_struct_ref.pdbx_db_accession          D3PRD8 
_struct_ref.pdbx_db_isoform            ? 
_struct_ref.entity_id                  1 
_struct_ref.pdbx_seq_one_letter_code   
;AGVVITDAQLPDYPIVYCNPGFVQLTGYPSEEVLGRNCRFLQGPATNPETVARLRRAIHEGRPAHVLLLNYRKDGQPFWN
DLRIAPVRDVEGRLTHFVGIQSDVS
;
_struct_ref.pdbx_align_begin           15 
# 
_struct_ref_seq.align_id                      1 
_struct_ref_seq.ref_id                        1 
_struct_ref_seq.pdbx_PDB_id_code              9VF8 
_struct_ref_seq.pdbx_strand_id                A 
_struct_ref_seq.seq_align_beg                 2 
_struct_ref_seq.pdbx_seq_align_beg_ins_code   ? 
_struct_ref_seq.seq_align_end                 106 
_struct_ref_seq.pdbx_seq_align_end_ins_code   ? 
_struct_ref_seq.pdbx_db_accession             D3PRD8 
_struct_ref_seq.db_align_beg                  15 
_struct_ref_seq.pdbx_db_align_beg_ins_code    ? 
_struct_ref_seq.db_align_end                  119 
_struct_ref_seq.pdbx_db_align_end_ins_code    ? 
_struct_ref_seq.pdbx_auth_seq_align_beg       15 
_struct_ref_seq.pdbx_auth_seq_align_end       119 
# 
loop_
_struct_ref_seq_dif.align_id 
_struct_ref_seq_dif.pdbx_pdb_id_code 
_struct_ref_seq_dif.mon_id 
_struct_ref_seq_dif.pdbx_pdb_strand_id 
_struct_ref_seq_dif.seq_num 
_struct_ref_seq_dif.pdbx_pdb_ins_code 
_struct_ref_seq_dif.pdbx_seq_db_name 
_struct_ref_seq_dif.pdbx_seq_db_accession_code 
_struct_ref_seq_dif.db_mon_id 
_struct_ref_seq_dif.pdbx_seq_db_seq_num 
_struct_ref_seq_dif.details 
_struct_ref_seq_dif.pdbx_auth_seq_num 
_struct_ref_seq_dif.pdbx_ordinal 
1 9VF8 MET A 1   ? UNP D3PRD8 ? ? 'initiating methionine' 14  1 
1 9VF8 HIS A 107 ? UNP D3PRD8 ? ? 'expression tag'        120 2 
1 9VF8 HIS A 108 ? UNP D3PRD8 ? ? 'expression tag'        121 3 
1 9VF8 HIS A 109 ? UNP D3PRD8 ? ? 'expression tag'        122 4 
1 9VF8 HIS A 110 ? UNP D3PRD8 ? ? 'expression tag'        123 5 
1 9VF8 HIS A 111 ? UNP D3PRD8 ? ? 'expression tag'        124 6 
1 9VF8 HIS A 112 ? UNP D3PRD8 ? ? 'expression tag'        125 7 
# 
_pdbx_struct_assembly.id                   1 
_pdbx_struct_assembly.details              author_and_software_defined_assembly 
_pdbx_struct_assembly.method_details       PISA 
_pdbx_struct_assembly.oligomeric_details   dimeric 
_pdbx_struct_assembly.oligomeric_count     2 
# 
loop_
_pdbx_struct_assembly_prop.biol_id 
_pdbx_struct_assembly_prop.type 
_pdbx_struct_assembly_prop.value 
_pdbx_struct_assembly_prop.details 
1 'ABSA (A^2)' 3260  ? 
1 MORE         -22   ? 
1 'SSA (A^2)'  10260 ? 
# 
_pdbx_struct_assembly_gen.assembly_id       1 
_pdbx_struct_assembly_gen.oper_expression   1,2 
_pdbx_struct_assembly_gen.asym_id_list      A,B 
# 
_pdbx_struct_assembly_auth_evidence.id                     1 
_pdbx_struct_assembly_auth_evidence.assembly_id            1 
_pdbx_struct_assembly_auth_evidence.experimental_support   'gel filtration' 
_pdbx_struct_assembly_auth_evidence.details                ? 
# 
loop_
_pdbx_struct_oper_list.id 
_pdbx_struct_oper_list.type 
_pdbx_struct_oper_list.name 
_pdbx_struct_oper_list.symmetry_operation 
_pdbx_struct_oper_list.matrix[1][1] 
_pdbx_struct_oper_list.matrix[1][2] 
_pdbx_struct_oper_list.matrix[1][3] 
_pdbx_struct_oper_list.vector[1] 
_pdbx_struct_oper_list.matrix[2][1] 
_pdbx_struct_oper_list.matrix[2][2] 
_pdbx_struct_oper_list.matrix[2][3] 
_pdbx_struct_oper_list.vector[2] 
_pdbx_struct_oper_list.matrix[3][1] 
_pdbx_struct_oper_list.matrix[3][2] 
_pdbx_struct_oper_list.matrix[3][3] 
_pdbx_struct_oper_list.vector[3] 
1 'identity operation'         1_555 x,y,z        1.0000000000  0.0000000000 0.0000000000  0.0000000000   0.0000000000 1.0000000000  0.0000000000  0.0000000000  0.0000000000  0.0000000000  1.0000000000 0.0000000000 
2 'crystal symmetry operation' 8_554 -y,-x,-z-1/2 -0.9909009317 0.0459658271 -0.1265009338 -11.3468344881 0.0459658271 -0.7677941086 -0.6390456553 18.0469520623 -0.1265009338 -0.6390456553 0.7586950403 5.7414394857 
# 
loop_
_struct_conf.conf_type_id 
_struct_conf.id 
_struct_conf.pdbx_PDB_helix_id 
_struct_conf.beg_label_comp_id 
_struct_conf.beg_label_asym_id 
_struct_conf.beg_label_seq_id 
_struct_conf.pdbx_beg_PDB_ins_code 
_struct_conf.end_label_comp_id 
_struct_conf.end_label_asym_id 
_struct_conf.end_label_seq_id 
_struct_conf.pdbx_end_PDB_ins_code 
_struct_conf.beg_auth_comp_id 
_struct_conf.beg_auth_asym_id 
_struct_conf.beg_auth_seq_id 
_struct_conf.end_auth_comp_id 
_struct_conf.end_auth_asym_id 
_struct_conf.end_auth_seq_id 
_struct_conf.pdbx_PDB_helix_class 
_struct_conf.details 
_struct_conf.pdbx_PDB_helix_length 
HELX_P HELX_P1 AA1 ASN A 20 ? GLY A 28 ? ASN A 33 GLY A 41 1 ? 9  
HELX_P HELX_P2 AA2 PRO A 30 ? VAL A 34 ? PRO A 43 VAL A 47 5 ? 5  
HELX_P HELX_P3 AA3 ASN A 38 ? GLN A 43 ? ASN A 51 GLN A 56 5 ? 6  
HELX_P HELX_P4 AA4 ASN A 48 ? GLY A 62 ? ASN A 61 GLY A 75 1 ? 15 
# 
_struct_conf_type.id          HELX_P 
_struct_conf_type.criteria    ? 
_struct_conf_type.reference   ? 
# 
_struct_sheet.id               AA1 
_struct_sheet.type             ? 
_struct_sheet.number_strands   5 
_struct_sheet.details          ? 
# 
loop_
_struct_sheet_order.sheet_id 
_struct_sheet_order.range_id_1 
_struct_sheet_order.range_id_2 
_struct_sheet_order.offset 
_struct_sheet_order.sense 
AA1 1 2 ? anti-parallel 
AA1 2 3 ? anti-parallel 
AA1 3 4 ? anti-parallel 
AA1 4 5 ? anti-parallel 
# 
loop_
_struct_sheet_range.sheet_id 
_struct_sheet_range.id 
_struct_sheet_range.beg_label_comp_id 
_struct_sheet_range.beg_label_asym_id 
_struct_sheet_range.beg_label_seq_id 
_struct_sheet_range.pdbx_beg_PDB_ins_code 
_struct_sheet_range.end_label_comp_id 
_struct_sheet_range.end_label_asym_id 
_struct_sheet_range.end_label_seq_id 
_struct_sheet_range.pdbx_end_PDB_ins_code 
_struct_sheet_range.beg_auth_comp_id 
_struct_sheet_range.beg_auth_asym_id 
_struct_sheet_range.beg_auth_seq_id 
_struct_sheet_range.end_auth_comp_id 
_struct_sheet_range.end_auth_asym_id 
_struct_sheet_range.end_auth_seq_id 
AA1 1 ILE A 16 ? CYS A 19  ? ILE A 29  CYS A 32  
AA1 2 GLY A 3  ? ASP A 8   ? GLY A 16  ASP A 21  
AA1 3 LEU A 95 ? GLN A 102 ? LEU A 108 GLN A 115 
AA1 4 PRO A 78 ? ARG A 89  ? PRO A 91  ARG A 102 
AA1 5 ALA A 65 ? TYR A 72  ? ALA A 78  TYR A 85  
# 
loop_
_pdbx_struct_sheet_hbond.sheet_id 
_pdbx_struct_sheet_hbond.range_id_1 
_pdbx_struct_sheet_hbond.range_id_2 
_pdbx_struct_sheet_hbond.range_1_label_atom_id 
_pdbx_struct_sheet_hbond.range_1_label_comp_id 
_pdbx_struct_sheet_hbond.range_1_label_asym_id 
_pdbx_struct_sheet_hbond.range_1_label_seq_id 
_pdbx_struct_sheet_hbond.range_1_PDB_ins_code 
_pdbx_struct_sheet_hbond.range_1_auth_atom_id 
_pdbx_struct_sheet_hbond.range_1_auth_comp_id 
_pdbx_struct_sheet_hbond.range_1_auth_asym_id 
_pdbx_struct_sheet_hbond.range_1_auth_seq_id 
_pdbx_struct_sheet_hbond.range_2_label_atom_id 
_pdbx_struct_sheet_hbond.range_2_label_comp_id 
_pdbx_struct_sheet_hbond.range_2_label_asym_id 
_pdbx_struct_sheet_hbond.range_2_label_seq_id 
_pdbx_struct_sheet_hbond.range_2_PDB_ins_code 
_pdbx_struct_sheet_hbond.range_2_auth_atom_id 
_pdbx_struct_sheet_hbond.range_2_auth_comp_id 
_pdbx_struct_sheet_hbond.range_2_auth_asym_id 
_pdbx_struct_sheet_hbond.range_2_auth_seq_id 
AA1 1 2 O VAL A 17 ? O VAL A 30  N ILE A 6   ? N ILE A 19  
AA1 2 3 N VAL A 5  ? N VAL A 18  O GLY A 100 ? O GLY A 113 
AA1 3 4 O HIS A 97 ? O HIS A 110 N VAL A 88  ? N VAL A 101 
AA1 4 5 O PHE A 79 ? O PHE A 92  N ASN A 71  ? N ASN A 84  
# 
_pdbx_entry_details.entry_id                   9VF8 
_pdbx_entry_details.nonpolymer_details         ? 
_pdbx_entry_details.sequence_details           ? 
_pdbx_entry_details.compound_details           ? 
_pdbx_entry_details.source_details             ? 
_pdbx_entry_details.has_ligand_of_interest     Y 
_pdbx_entry_details.has_protein_modification   N 
# 
loop_
_pdbx_validate_torsion.id 
_pdbx_validate_torsion.PDB_model_num 
_pdbx_validate_torsion.auth_comp_id 
_pdbx_validate_torsion.auth_asym_id 
_pdbx_validate_torsion.auth_seq_id 
_pdbx_validate_torsion.PDB_ins_code 
_pdbx_validate_torsion.label_alt_id 
_pdbx_validate_torsion.phi 
_pdbx_validate_torsion.psi 
1 1 ASP A 26  ? ? 84.86   -22.64  
2 1 TYR A 27  ? ? 63.39   71.97   
3 1 TYR A 31  ? ? -170.18 139.85  
4 1 CYS A 52  ? ? -68.10  19.41   
5 1 ARG A 86  ? ? -62.44  -175.62 
6 1 ASP A 103 ? ? -101.57 -146.08 
# 
loop_
_pdbx_unobs_or_zero_occ_residues.id 
_pdbx_unobs_or_zero_occ_residues.PDB_model_num 
_pdbx_unobs_or_zero_occ_residues.polymer_flag 
_pdbx_unobs_or_zero_occ_residues.occupancy_flag 
_pdbx_unobs_or_zero_occ_residues.auth_asym_id 
_pdbx_unobs_or_zero_occ_residues.auth_comp_id 
_pdbx_unobs_or_zero_occ_residues.auth_seq_id 
_pdbx_unobs_or_zero_occ_residues.PDB_ins_code 
_pdbx_unobs_or_zero_occ_residues.label_asym_id 
_pdbx_unobs_or_zero_occ_residues.label_comp_id 
_pdbx_unobs_or_zero_occ_residues.label_seq_id 
1 1 Y 1 A MET 14  ? A MET 1   
2 1 Y 1 A HIS 120 ? A HIS 107 
3 1 Y 1 A HIS 121 ? A HIS 108 
4 1 Y 1 A HIS 122 ? A HIS 109 
5 1 Y 1 A HIS 123 ? A HIS 110 
6 1 Y 1 A HIS 124 ? A HIS 111 
7 1 Y 1 A HIS 125 ? A HIS 112 
# 
loop_
_chem_comp_atom.comp_id 
_chem_comp_atom.atom_id 
_chem_comp_atom.type_symbol 
_chem_comp_atom.pdbx_aromatic_flag 
_chem_comp_atom.pdbx_stereo_config 
_chem_comp_atom.pdbx_ordinal 
ALA N      N N N 1   
ALA CA     C N S 2   
ALA C      C N N 3   
ALA O      O N N 4   
ALA CB     C N N 5   
ALA OXT    O N N 6   
ALA H      H N N 7   
ALA H2     H N N 8   
ALA HA     H N N 9   
ALA HB1    H N N 10  
ALA HB2    H N N 11  
ALA HB3    H N N 12  
ALA HXT    H N N 13  
ARG N      N N N 14  
ARG CA     C N S 15  
ARG C      C N N 16  
ARG O      O N N 17  
ARG CB     C N N 18  
ARG CG     C N N 19  
ARG CD     C N N 20  
ARG NE     N N N 21  
ARG CZ     C N N 22  
ARG NH1    N N N 23  
ARG NH2    N N N 24  
ARG OXT    O N N 25  
ARG H      H N N 26  
ARG H2     H N N 27  
ARG HA     H N N 28  
ARG HB2    H N N 29  
ARG HB3    H N N 30  
ARG HG2    H N N 31  
ARG HG3    H N N 32  
ARG HD2    H N N 33  
ARG HD3    H N N 34  
ARG HE     H N N 35  
ARG HH11   H N N 36  
ARG HH12   H N N 37  
ARG HH21   H N N 38  
ARG HH22   H N N 39  
ARG HXT    H N N 40  
ASN N      N N N 41  
ASN CA     C N S 42  
ASN C      C N N 43  
ASN O      O N N 44  
ASN CB     C N N 45  
ASN CG     C N N 46  
ASN OD1    O N N 47  
ASN ND2    N N N 48  
ASN OXT    O N N 49  
ASN H      H N N 50  
ASN H2     H N N 51  
ASN HA     H N N 52  
ASN HB2    H N N 53  
ASN HB3    H N N 54  
ASN HD21   H N N 55  
ASN HD22   H N N 56  
ASN HXT    H N N 57  
ASP N      N N N 58  
ASP CA     C N S 59  
ASP C      C N N 60  
ASP O      O N N 61  
ASP CB     C N N 62  
ASP CG     C N N 63  
ASP OD1    O N N 64  
ASP OD2    O N N 65  
ASP OXT    O N N 66  
ASP H      H N N 67  
ASP H2     H N N 68  
ASP HA     H N N 69  
ASP HB2    H N N 70  
ASP HB3    H N N 71  
ASP HD2    H N N 72  
ASP HXT    H N N 73  
CYS N      N N N 74  
CYS CA     C N R 75  
CYS C      C N N 76  
CYS O      O N N 77  
CYS CB     C N N 78  
CYS SG     S N N 79  
CYS OXT    O N N 80  
CYS H      H N N 81  
CYS H2     H N N 82  
CYS HA     H N N 83  
CYS HB2    H N N 84  
CYS HB3    H N N 85  
CYS HG     H N N 86  
CYS HXT    H N N 87  
FMN N1     N N N 88  
FMN C2     C N N 89  
FMN O2     O N N 90  
FMN N3     N N N 91  
FMN C4     C N N 92  
FMN O4     O N N 93  
FMN C4A    C N N 94  
FMN N5     N N N 95  
FMN C5A    C Y N 96  
FMN C6     C Y N 97  
FMN C7     C Y N 98  
FMN C7M    C N N 99  
FMN C8     C Y N 100 
FMN C8M    C N N 101 
FMN C9     C Y N 102 
FMN C9A    C Y N 103 
FMN N10    N N N 104 
FMN C10    C N N 105 
FMN "C1'"  C N N 106 
FMN "C2'"  C N S 107 
FMN "O2'"  O N N 108 
FMN "C3'"  C N S 109 
FMN "O3'"  O N N 110 
FMN "C4'"  C N R 111 
FMN "O4'"  O N N 112 
FMN "C5'"  C N N 113 
FMN "O5'"  O N N 114 
FMN P      P N N 115 
FMN O1P    O N N 116 
FMN O2P    O N N 117 
FMN O3P    O N N 118 
FMN HN3    H N N 119 
FMN H6     H N N 120 
FMN HM71   H N N 121 
FMN HM72   H N N 122 
FMN HM73   H N N 123 
FMN HM81   H N N 124 
FMN HM82   H N N 125 
FMN HM83   H N N 126 
FMN H9     H N N 127 
FMN "H1'1" H N N 128 
FMN "H1'2" H N N 129 
FMN "H2'"  H N N 130 
FMN "HO2'" H N N 131 
FMN "H3'"  H N N 132 
FMN "HO3'" H N N 133 
FMN "H4'"  H N N 134 
FMN "HO4'" H N N 135 
FMN "H5'1" H N N 136 
FMN "H5'2" H N N 137 
FMN HOP2   H N N 138 
FMN HOP3   H N N 139 
GLN N      N N N 140 
GLN CA     C N S 141 
GLN C      C N N 142 
GLN O      O N N 143 
GLN CB     C N N 144 
GLN CG     C N N 145 
GLN CD     C N N 146 
GLN OE1    O N N 147 
GLN NE2    N N N 148 
GLN OXT    O N N 149 
GLN H      H N N 150 
GLN H2     H N N 151 
GLN HA     H N N 152 
GLN HB2    H N N 153 
GLN HB3    H N N 154 
GLN HG2    H N N 155 
GLN HG3    H N N 156 
GLN HE21   H N N 157 
GLN HE22   H N N 158 
GLN HXT    H N N 159 
GLU N      N N N 160 
GLU CA     C N S 161 
GLU C      C N N 162 
GLU O      O N N 163 
GLU CB     C N N 164 
GLU CG     C N N 165 
GLU CD     C N N 166 
GLU OE1    O N N 167 
GLU OE2    O N N 168 
GLU OXT    O N N 169 
GLU H      H N N 170 
GLU H2     H N N 171 
GLU HA     H N N 172 
GLU HB2    H N N 173 
GLU HB3    H N N 174 
GLU HG2    H N N 175 
GLU HG3    H N N 176 
GLU HE2    H N N 177 
GLU HXT    H N N 178 
GLY N      N N N 179 
GLY CA     C N N 180 
GLY C      C N N 181 
GLY O      O N N 182 
GLY OXT    O N N 183 
GLY H      H N N 184 
GLY H2     H N N 185 
GLY HA2    H N N 186 
GLY HA3    H N N 187 
GLY HXT    H N N 188 
HIS N      N N N 189 
HIS CA     C N S 190 
HIS C      C N N 191 
HIS O      O N N 192 
HIS CB     C N N 193 
HIS CG     C Y N 194 
HIS ND1    N Y N 195 
HIS CD2    C Y N 196 
HIS CE1    C Y N 197 
HIS NE2    N Y N 198 
HIS OXT    O N N 199 
HIS H      H N N 200 
HIS H2     H N N 201 
HIS HA     H N N 202 
HIS HB2    H N N 203 
HIS HB3    H N N 204 
HIS HD1    H N N 205 
HIS HD2    H N N 206 
HIS HE1    H N N 207 
HIS HE2    H N N 208 
HIS HXT    H N N 209 
ILE N      N N N 210 
ILE CA     C N S 211 
ILE C      C N N 212 
ILE O      O N N 213 
ILE CB     C N S 214 
ILE CG1    C N N 215 
ILE CG2    C N N 216 
ILE CD1    C N N 217 
ILE OXT    O N N 218 
ILE H      H N N 219 
ILE H2     H N N 220 
ILE HA     H N N 221 
ILE HB     H N N 222 
ILE HG12   H N N 223 
ILE HG13   H N N 224 
ILE HG21   H N N 225 
ILE HG22   H N N 226 
ILE HG23   H N N 227 
ILE HD11   H N N 228 
ILE HD12   H N N 229 
ILE HD13   H N N 230 
ILE HXT    H N N 231 
LEU N      N N N 232 
LEU CA     C N S 233 
LEU C      C N N 234 
LEU O      O N N 235 
LEU CB     C N N 236 
LEU CG     C N N 237 
LEU CD1    C N N 238 
LEU CD2    C N N 239 
LEU OXT    O N N 240 
LEU H      H N N 241 
LEU H2     H N N 242 
LEU HA     H N N 243 
LEU HB2    H N N 244 
LEU HB3    H N N 245 
LEU HG     H N N 246 
LEU HD11   H N N 247 
LEU HD12   H N N 248 
LEU HD13   H N N 249 
LEU HD21   H N N 250 
LEU HD22   H N N 251 
LEU HD23   H N N 252 
LEU HXT    H N N 253 
LYS N      N N N 254 
LYS CA     C N S 255 
LYS C      C N N 256 
LYS O      O N N 257 
LYS CB     C N N 258 
LYS CG     C N N 259 
LYS CD     C N N 260 
LYS CE     C N N 261 
LYS NZ     N N N 262 
LYS OXT    O N N 263 
LYS H      H N N 264 
LYS H2     H N N 265 
LYS HA     H N N 266 
LYS HB2    H N N 267 
LYS HB3    H N N 268 
LYS HG2    H N N 269 
LYS HG3    H N N 270 
LYS HD2    H N N 271 
LYS HD3    H N N 272 
LYS HE2    H N N 273 
LYS HE3    H N N 274 
LYS HZ1    H N N 275 
LYS HZ2    H N N 276 
LYS HZ3    H N N 277 
LYS HXT    H N N 278 
MET N      N N N 279 
MET CA     C N S 280 
MET C      C N N 281 
MET O      O N N 282 
MET CB     C N N 283 
MET CG     C N N 284 
MET SD     S N N 285 
MET CE     C N N 286 
MET OXT    O N N 287 
MET H      H N N 288 
MET H2     H N N 289 
MET HA     H N N 290 
MET HB2    H N N 291 
MET HB3    H N N 292 
MET HG2    H N N 293 
MET HG3    H N N 294 
MET HE1    H N N 295 
MET HE2    H N N 296 
MET HE3    H N N 297 
MET HXT    H N N 298 
PHE N      N N N 299 
PHE CA     C N S 300 
PHE C      C N N 301 
PHE O      O N N 302 
PHE CB     C N N 303 
PHE CG     C Y N 304 
PHE CD1    C Y N 305 
PHE CD2    C Y N 306 
PHE CE1    C Y N 307 
PHE CE2    C Y N 308 
PHE CZ     C Y N 309 
PHE OXT    O N N 310 
PHE H      H N N 311 
PHE H2     H N N 312 
PHE HA     H N N 313 
PHE HB2    H N N 314 
PHE HB3    H N N 315 
PHE HD1    H N N 316 
PHE HD2    H N N 317 
PHE HE1    H N N 318 
PHE HE2    H N N 319 
PHE HZ     H N N 320 
PHE HXT    H N N 321 
PRO N      N N N 322 
PRO CA     C N S 323 
PRO C      C N N 324 
PRO O      O N N 325 
PRO CB     C N N 326 
PRO CG     C N N 327 
PRO CD     C N N 328 
PRO OXT    O N N 329 
PRO H      H N N 330 
PRO HA     H N N 331 
PRO HB2    H N N 332 
PRO HB3    H N N 333 
PRO HG2    H N N 334 
PRO HG3    H N N 335 
PRO HD2    H N N 336 
PRO HD3    H N N 337 
PRO HXT    H N N 338 
SER N      N N N 339 
SER CA     C N S 340 
SER C      C N N 341 
SER O      O N N 342 
SER CB     C N N 343 
SER OG     O N N 344 
SER OXT    O N N 345 
SER H      H N N 346 
SER H2     H N N 347 
SER HA     H N N 348 
SER HB2    H N N 349 
SER HB3    H N N 350 
SER HG     H N N 351 
SER HXT    H N N 352 
THR N      N N N 353 
THR CA     C N S 354 
THR C      C N N 355 
THR O      O N N 356 
THR CB     C N R 357 
THR OG1    O N N 358 
THR CG2    C N N 359 
THR OXT    O N N 360 
THR H      H N N 361 
THR H2     H N N 362 
THR HA     H N N 363 
THR HB     H N N 364 
THR HG1    H N N 365 
THR HG21   H N N 366 
THR HG22   H N N 367 
THR HG23   H N N 368 
THR HXT    H N N 369 
TRP N      N N N 370 
TRP CA     C N S 371 
TRP C      C N N 372 
TRP O      O N N 373 
TRP CB     C N N 374 
TRP CG     C Y N 375 
TRP CD1    C Y N 376 
TRP CD2    C Y N 377 
TRP NE1    N Y N 378 
TRP CE2    C Y N 379 
TRP CE3    C Y N 380 
TRP CZ2    C Y N 381 
TRP CZ3    C Y N 382 
TRP CH2    C Y N 383 
TRP OXT    O N N 384 
TRP H      H N N 385 
TRP H2     H N N 386 
TRP HA     H N N 387 
TRP HB2    H N N 388 
TRP HB3    H N N 389 
TRP HD1    H N N 390 
TRP HE1    H N N 391 
TRP HE3    H N N 392 
TRP HZ2    H N N 393 
TRP HZ3    H N N 394 
TRP HH2    H N N 395 
TRP HXT    H N N 396 
TYR N      N N N 397 
TYR CA     C N S 398 
TYR C      C N N 399 
TYR O      O N N 400 
TYR CB     C N N 401 
TYR CG     C Y N 402 
TYR CD1    C Y N 403 
TYR CD2    C Y N 404 
TYR CE1    C Y N 405 
TYR CE2    C Y N 406 
TYR CZ     C Y N 407 
TYR OH     O N N 408 
TYR OXT    O N N 409 
TYR H      H N N 410 
TYR H2     H N N 411 
TYR HA     H N N 412 
TYR HB2    H N N 413 
TYR HB3    H N N 414 
TYR HD1    H N N 415 
TYR HD2    H N N 416 
TYR HE1    H N N 417 
TYR HE2    H N N 418 
TYR HH     H N N 419 
TYR HXT    H N N 420 
VAL N      N N N 421 
VAL CA     C N S 422 
VAL C      C N N 423 
VAL O      O N N 424 
VAL CB     C N N 425 
VAL CG1    C N N 426 
VAL CG2    C N N 427 
VAL OXT    O N N 428 
VAL H      H N N 429 
VAL H2     H N N 430 
VAL HA     H N N 431 
VAL HB     H N N 432 
VAL HG11   H N N 433 
VAL HG12   H N N 434 
VAL HG13   H N N 435 
VAL HG21   H N N 436 
VAL HG22   H N N 437 
VAL HG23   H N N 438 
VAL HXT    H N N 439 
# 
loop_
_chem_comp_bond.comp_id 
_chem_comp_bond.atom_id_1 
_chem_comp_bond.atom_id_2 
_chem_comp_bond.value_order 
_chem_comp_bond.pdbx_aromatic_flag 
_chem_comp_bond.pdbx_stereo_config 
_chem_comp_bond.pdbx_ordinal 
ALA N     CA     sing N N 1   
ALA N     H      sing N N 2   
ALA N     H2     sing N N 3   
ALA CA    C      sing N N 4   
ALA CA    CB     sing N N 5   
ALA CA    HA     sing N N 6   
ALA C     O      doub N N 7   
ALA C     OXT    sing N N 8   
ALA CB    HB1    sing N N 9   
ALA CB    HB2    sing N N 10  
ALA CB    HB3    sing N N 11  
ALA OXT   HXT    sing N N 12  
ARG N     CA     sing N N 13  
ARG N     H      sing N N 14  
ARG N     H2     sing N N 15  
ARG CA    C      sing N N 16  
ARG CA    CB     sing N N 17  
ARG CA    HA     sing N N 18  
ARG C     O      doub N N 19  
ARG C     OXT    sing N N 20  
ARG CB    CG     sing N N 21  
ARG CB    HB2    sing N N 22  
ARG CB    HB3    sing N N 23  
ARG CG    CD     sing N N 24  
ARG CG    HG2    sing N N 25  
ARG CG    HG3    sing N N 26  
ARG CD    NE     sing N N 27  
ARG CD    HD2    sing N N 28  
ARG CD    HD3    sing N N 29  
ARG NE    CZ     sing N N 30  
ARG NE    HE     sing N N 31  
ARG CZ    NH1    sing N N 32  
ARG CZ    NH2    doub N N 33  
ARG NH1   HH11   sing N N 34  
ARG NH1   HH12   sing N N 35  
ARG NH2   HH21   sing N N 36  
ARG NH2   HH22   sing N N 37  
ARG OXT   HXT    sing N N 38  
ASN N     CA     sing N N 39  
ASN N     H      sing N N 40  
ASN N     H2     sing N N 41  
ASN CA    C      sing N N 42  
ASN CA    CB     sing N N 43  
ASN CA    HA     sing N N 44  
ASN C     O      doub N N 45  
ASN C     OXT    sing N N 46  
ASN CB    CG     sing N N 47  
ASN CB    HB2    sing N N 48  
ASN CB    HB3    sing N N 49  
ASN CG    OD1    doub N N 50  
ASN CG    ND2    sing N N 51  
ASN ND2   HD21   sing N N 52  
ASN ND2   HD22   sing N N 53  
ASN OXT   HXT    sing N N 54  
ASP N     CA     sing N N 55  
ASP N     H      sing N N 56  
ASP N     H2     sing N N 57  
ASP CA    C      sing N N 58  
ASP CA    CB     sing N N 59  
ASP CA    HA     sing N N 60  
ASP C     O      doub N N 61  
ASP C     OXT    sing N N 62  
ASP CB    CG     sing N N 63  
ASP CB    HB2    sing N N 64  
ASP CB    HB3    sing N N 65  
ASP CG    OD1    doub N N 66  
ASP CG    OD2    sing N N 67  
ASP OD2   HD2    sing N N 68  
ASP OXT   HXT    sing N N 69  
CYS N     CA     sing N N 70  
CYS N     H      sing N N 71  
CYS N     H2     sing N N 72  
CYS CA    C      sing N N 73  
CYS CA    CB     sing N N 74  
CYS CA    HA     sing N N 75  
CYS C     O      doub N N 76  
CYS C     OXT    sing N N 77  
CYS CB    SG     sing N N 78  
CYS CB    HB2    sing N N 79  
CYS CB    HB3    sing N N 80  
CYS SG    HG     sing N N 81  
CYS OXT   HXT    sing N N 82  
FMN N1    C2     sing N N 83  
FMN N1    C10    doub N N 84  
FMN C2    O2     doub N N 85  
FMN C2    N3     sing N N 86  
FMN N3    C4     sing N N 87  
FMN N3    HN3    sing N N 88  
FMN C4    O4     doub N N 89  
FMN C4    C4A    sing N N 90  
FMN C4A   N5     doub N N 91  
FMN C4A   C10    sing N N 92  
FMN N5    C5A    sing N N 93  
FMN C5A   C6     doub Y N 94  
FMN C5A   C9A    sing Y N 95  
FMN C6    C7     sing Y N 96  
FMN C6    H6     sing N N 97  
FMN C7    C7M    sing N N 98  
FMN C7    C8     doub Y N 99  
FMN C7M   HM71   sing N N 100 
FMN C7M   HM72   sing N N 101 
FMN C7M   HM73   sing N N 102 
FMN C8    C8M    sing N N 103 
FMN C8    C9     sing Y N 104 
FMN C8M   HM81   sing N N 105 
FMN C8M   HM82   sing N N 106 
FMN C8M   HM83   sing N N 107 
FMN C9    C9A    doub Y N 108 
FMN C9    H9     sing N N 109 
FMN C9A   N10    sing N N 110 
FMN N10   C10    sing N N 111 
FMN N10   "C1'"  sing N N 112 
FMN "C1'" "C2'"  sing N N 113 
FMN "C1'" "H1'1" sing N N 114 
FMN "C1'" "H1'2" sing N N 115 
FMN "C2'" "O2'"  sing N N 116 
FMN "C2'" "C3'"  sing N N 117 
FMN "C2'" "H2'"  sing N N 118 
FMN "O2'" "HO2'" sing N N 119 
FMN "C3'" "O3'"  sing N N 120 
FMN "C3'" "C4'"  sing N N 121 
FMN "C3'" "H3'"  sing N N 122 
FMN "O3'" "HO3'" sing N N 123 
FMN "C4'" "O4'"  sing N N 124 
FMN "C4'" "C5'"  sing N N 125 
FMN "C4'" "H4'"  sing N N 126 
FMN "O4'" "HO4'" sing N N 127 
FMN "C5'" "O5'"  sing N N 128 
FMN "C5'" "H5'1" sing N N 129 
FMN "C5'" "H5'2" sing N N 130 
FMN "O5'" P      sing N N 131 
FMN P     O1P    doub N N 132 
FMN P     O2P    sing N N 133 
FMN P     O3P    sing N N 134 
FMN O2P   HOP2   sing N N 135 
FMN O3P   HOP3   sing N N 136 
GLN N     CA     sing N N 137 
GLN N     H      sing N N 138 
GLN N     H2     sing N N 139 
GLN CA    C      sing N N 140 
GLN CA    CB     sing N N 141 
GLN CA    HA     sing N N 142 
GLN C     O      doub N N 143 
GLN C     OXT    sing N N 144 
GLN CB    CG     sing N N 145 
GLN CB    HB2    sing N N 146 
GLN CB    HB3    sing N N 147 
GLN CG    CD     sing N N 148 
GLN CG    HG2    sing N N 149 
GLN CG    HG3    sing N N 150 
GLN CD    OE1    doub N N 151 
GLN CD    NE2    sing N N 152 
GLN NE2   HE21   sing N N 153 
GLN NE2   HE22   sing N N 154 
GLN OXT   HXT    sing N N 155 
GLU N     CA     sing N N 156 
GLU N     H      sing N N 157 
GLU N     H2     sing N N 158 
GLU CA    C      sing N N 159 
GLU CA    CB     sing N N 160 
GLU CA    HA     sing N N 161 
GLU C     O      doub N N 162 
GLU C     OXT    sing N N 163 
GLU CB    CG     sing N N 164 
GLU CB    HB2    sing N N 165 
GLU CB    HB3    sing N N 166 
GLU CG    CD     sing N N 167 
GLU CG    HG2    sing N N 168 
GLU CG    HG3    sing N N 169 
GLU CD    OE1    doub N N 170 
GLU CD    OE2    sing N N 171 
GLU OE2   HE2    sing N N 172 
GLU OXT   HXT    sing N N 173 
GLY N     CA     sing N N 174 
GLY N     H      sing N N 175 
GLY N     H2     sing N N 176 
GLY CA    C      sing N N 177 
GLY CA    HA2    sing N N 178 
GLY CA    HA3    sing N N 179 
GLY C     O      doub N N 180 
GLY C     OXT    sing N N 181 
GLY OXT   HXT    sing N N 182 
HIS N     CA     sing N N 183 
HIS N     H      sing N N 184 
HIS N     H2     sing N N 185 
HIS CA    C      sing N N 186 
HIS CA    CB     sing N N 187 
HIS CA    HA     sing N N 188 
HIS C     O      doub N N 189 
HIS C     OXT    sing N N 190 
HIS CB    CG     sing N N 191 
HIS CB    HB2    sing N N 192 
HIS CB    HB3    sing N N 193 
HIS CG    ND1    sing Y N 194 
HIS CG    CD2    doub Y N 195 
HIS ND1   CE1    doub Y N 196 
HIS ND1   HD1    sing N N 197 
HIS CD2   NE2    sing Y N 198 
HIS CD2   HD2    sing N N 199 
HIS CE1   NE2    sing Y N 200 
HIS CE1   HE1    sing N N 201 
HIS NE2   HE2    sing N N 202 
HIS OXT   HXT    sing N N 203 
ILE N     CA     sing N N 204 
ILE N     H      sing N N 205 
ILE N     H2     sing N N 206 
ILE CA    C      sing N N 207 
ILE CA    CB     sing N N 208 
ILE CA    HA     sing N N 209 
ILE C     O      doub N N 210 
ILE C     OXT    sing N N 211 
ILE CB    CG1    sing N N 212 
ILE CB    CG2    sing N N 213 
ILE CB    HB     sing N N 214 
ILE CG1   CD1    sing N N 215 
ILE CG1   HG12   sing N N 216 
ILE CG1   HG13   sing N N 217 
ILE CG2   HG21   sing N N 218 
ILE CG2   HG22   sing N N 219 
ILE CG2   HG23   sing N N 220 
ILE CD1   HD11   sing N N 221 
ILE CD1   HD12   sing N N 222 
ILE CD1   HD13   sing N N 223 
ILE OXT   HXT    sing N N 224 
LEU N     CA     sing N N 225 
LEU N     H      sing N N 226 
LEU N     H2     sing N N 227 
LEU CA    C      sing N N 228 
LEU CA    CB     sing N N 229 
LEU CA    HA     sing N N 230 
LEU C     O      doub N N 231 
LEU C     OXT    sing N N 232 
LEU CB    CG     sing N N 233 
LEU CB    HB2    sing N N 234 
LEU CB    HB3    sing N N 235 
LEU CG    CD1    sing N N 236 
LEU CG    CD2    sing N N 237 
LEU CG    HG     sing N N 238 
LEU CD1   HD11   sing N N 239 
LEU CD1   HD12   sing N N 240 
LEU CD1   HD13   sing N N 241 
LEU CD2   HD21   sing N N 242 
LEU CD2   HD22   sing N N 243 
LEU CD2   HD23   sing N N 244 
LEU OXT   HXT    sing N N 245 
LYS N     CA     sing N N 246 
LYS N     H      sing N N 247 
LYS N     H2     sing N N 248 
LYS CA    C      sing N N 249 
LYS CA    CB     sing N N 250 
LYS CA    HA     sing N N 251 
LYS C     O      doub N N 252 
LYS C     OXT    sing N N 253 
LYS CB    CG     sing N N 254 
LYS CB    HB2    sing N N 255 
LYS CB    HB3    sing N N 256 
LYS CG    CD     sing N N 257 
LYS CG    HG2    sing N N 258 
LYS CG    HG3    sing N N 259 
LYS CD    CE     sing N N 260 
LYS CD    HD2    sing N N 261 
LYS CD    HD3    sing N N 262 
LYS CE    NZ     sing N N 263 
LYS CE    HE2    sing N N 264 
LYS CE    HE3    sing N N 265 
LYS NZ    HZ1    sing N N 266 
LYS NZ    HZ2    sing N N 267 
LYS NZ    HZ3    sing N N 268 
LYS OXT   HXT    sing N N 269 
MET N     CA     sing N N 270 
MET N     H      sing N N 271 
MET N     H2     sing N N 272 
MET CA    C      sing N N 273 
MET CA    CB     sing N N 274 
MET CA    HA     sing N N 275 
MET C     O      doub N N 276 
MET C     OXT    sing N N 277 
MET CB    CG     sing N N 278 
MET CB    HB2    sing N N 279 
MET CB    HB3    sing N N 280 
MET CG    SD     sing N N 281 
MET CG    HG2    sing N N 282 
MET CG    HG3    sing N N 283 
MET SD    CE     sing N N 284 
MET CE    HE1    sing N N 285 
MET CE    HE2    sing N N 286 
MET CE    HE3    sing N N 287 
MET OXT   HXT    sing N N 288 
PHE N     CA     sing N N 289 
PHE N     H      sing N N 290 
PHE N     H2     sing N N 291 
PHE CA    C      sing N N 292 
PHE CA    CB     sing N N 293 
PHE CA    HA     sing N N 294 
PHE C     O      doub N N 295 
PHE C     OXT    sing N N 296 
PHE CB    CG     sing N N 297 
PHE CB    HB2    sing N N 298 
PHE CB    HB3    sing N N 299 
PHE CG    CD1    doub Y N 300 
PHE CG    CD2    sing Y N 301 
PHE CD1   CE1    sing Y N 302 
PHE CD1   HD1    sing N N 303 
PHE CD2   CE2    doub Y N 304 
PHE CD2   HD2    sing N N 305 
PHE CE1   CZ     doub Y N 306 
PHE CE1   HE1    sing N N 307 
PHE CE2   CZ     sing Y N 308 
PHE CE2   HE2    sing N N 309 
PHE CZ    HZ     sing N N 310 
PHE OXT   HXT    sing N N 311 
PRO N     CA     sing N N 312 
PRO N     CD     sing N N 313 
PRO N     H      sing N N 314 
PRO CA    C      sing N N 315 
PRO CA    CB     sing N N 316 
PRO CA    HA     sing N N 317 
PRO C     O      doub N N 318 
PRO C     OXT    sing N N 319 
PRO CB    CG     sing N N 320 
PRO CB    HB2    sing N N 321 
PRO CB    HB3    sing N N 322 
PRO CG    CD     sing N N 323 
PRO CG    HG2    sing N N 324 
PRO CG    HG3    sing N N 325 
PRO CD    HD2    sing N N 326 
PRO CD    HD3    sing N N 327 
PRO OXT   HXT    sing N N 328 
SER N     CA     sing N N 329 
SER N     H      sing N N 330 
SER N     H2     sing N N 331 
SER CA    C      sing N N 332 
SER CA    CB     sing N N 333 
SER CA    HA     sing N N 334 
SER C     O      doub N N 335 
SER C     OXT    sing N N 336 
SER CB    OG     sing N N 337 
SER CB    HB2    sing N N 338 
SER CB    HB3    sing N N 339 
SER OG    HG     sing N N 340 
SER OXT   HXT    sing N N 341 
THR N     CA     sing N N 342 
THR N     H      sing N N 343 
THR N     H2     sing N N 344 
THR CA    C      sing N N 345 
THR CA    CB     sing N N 346 
THR CA    HA     sing N N 347 
THR C     O      doub N N 348 
THR C     OXT    sing N N 349 
THR CB    OG1    sing N N 350 
THR CB    CG2    sing N N 351 
THR CB    HB     sing N N 352 
THR OG1   HG1    sing N N 353 
THR CG2   HG21   sing N N 354 
THR CG2   HG22   sing N N 355 
THR CG2   HG23   sing N N 356 
THR OXT   HXT    sing N N 357 
TRP N     CA     sing N N 358 
TRP N     H      sing N N 359 
TRP N     H2     sing N N 360 
TRP CA    C      sing N N 361 
TRP CA    CB     sing N N 362 
TRP CA    HA     sing N N 363 
TRP C     O      doub N N 364 
TRP C     OXT    sing N N 365 
TRP CB    CG     sing N N 366 
TRP CB    HB2    sing N N 367 
TRP CB    HB3    sing N N 368 
TRP CG    CD1    doub Y N 369 
TRP CG    CD2    sing Y N 370 
TRP CD1   NE1    sing Y N 371 
TRP CD1   HD1    sing N N 372 
TRP CD2   CE2    doub Y N 373 
TRP CD2   CE3    sing Y N 374 
TRP NE1   CE2    sing Y N 375 
TRP NE1   HE1    sing N N 376 
TRP CE2   CZ2    sing Y N 377 
TRP CE3   CZ3    doub Y N 378 
TRP CE3   HE3    sing N N 379 
TRP CZ2   CH2    doub Y N 380 
TRP CZ2   HZ2    sing N N 381 
TRP CZ3   CH2    sing Y N 382 
TRP CZ3   HZ3    sing N N 383 
TRP CH2   HH2    sing N N 384 
TRP OXT   HXT    sing N N 385 
TYR N     CA     sing N N 386 
TYR N     H      sing N N 387 
TYR N     H2     sing N N 388 
TYR CA    C      sing N N 389 
TYR CA    CB     sing N N 390 
TYR CA    HA     sing N N 391 
TYR C     O      doub N N 392 
TYR C     OXT    sing N N 393 
TYR CB    CG     sing N N 394 
TYR CB    HB2    sing N N 395 
TYR CB    HB3    sing N N 396 
TYR CG    CD1    doub Y N 397 
TYR CG    CD2    sing Y N 398 
TYR CD1   CE1    sing Y N 399 
TYR CD1   HD1    sing N N 400 
TYR CD2   CE2    doub Y N 401 
TYR CD2   HD2    sing N N 402 
TYR CE1   CZ     doub Y N 403 
TYR CE1   HE1    sing N N 404 
TYR CE2   CZ     sing Y N 405 
TYR CE2   HE2    sing N N 406 
TYR CZ    OH     sing N N 407 
TYR OH    HH     sing N N 408 
TYR OXT   HXT    sing N N 409 
VAL N     CA     sing N N 410 
VAL N     H      sing N N 411 
VAL N     H2     sing N N 412 
VAL CA    C      sing N N 413 
VAL CA    CB     sing N N 414 
VAL CA    HA     sing N N 415 
VAL C     O      doub N N 416 
VAL C     OXT    sing N N 417 
VAL CB    CG1    sing N N 418 
VAL CB    CG2    sing N N 419 
VAL CB    HB     sing N N 420 
VAL CG1   HG11   sing N N 421 
VAL CG1   HG12   sing N N 422 
VAL CG1   HG13   sing N N 423 
VAL CG2   HG21   sing N N 424 
VAL CG2   HG22   sing N N 425 
VAL CG2   HG23   sing N N 426 
VAL OXT   HXT    sing N N 427 
# 
_pdbx_audit_support.funding_organization   'Not funded' 
_pdbx_audit_support.country                ? 
_pdbx_audit_support.grant_number           ? 
_pdbx_audit_support.ordinal                1 
# 
_pdbx_initial_refinement_model.id               1 
_pdbx_initial_refinement_model.entity_id_list   ? 
_pdbx_initial_refinement_model.type             'in silico model' 
_pdbx_initial_refinement_model.source_name      AlphaFold 
_pdbx_initial_refinement_model.accession_code   AF-D3PRD8-F1 
_pdbx_initial_refinement_model.details          'residues 15-119' 
# 
_atom_sites.entry_id                    9VF8 
_atom_sites.Cartn_transf_matrix[1][1]   ? 
_atom_sites.Cartn_transf_matrix[1][2]   ? 
_atom_sites.Cartn_transf_matrix[1][3]   ? 
_atom_sites.Cartn_transf_matrix[2][1]   ? 
_atom_sites.Cartn_transf_matrix[2][2]   ? 
_atom_sites.Cartn_transf_matrix[2][3]   ? 
_atom_sites.Cartn_transf_matrix[3][1]   ? 
_atom_sites.Cartn_transf_matrix[3][2]   ? 
_atom_sites.Cartn_transf_matrix[3][3]   ? 
_atom_sites.Cartn_transf_vector[1]      ? 
_atom_sites.Cartn_transf_vector[2]      ? 
_atom_sites.Cartn_transf_vector[3]      ? 
_atom_sites.Cartn_transform_axes        ? 
_atom_sites.fract_transf_matrix[1][1]   -0.00095842 
_atom_sites.fract_transf_matrix[1][2]   -0.01150738 
_atom_sites.fract_transf_matrix[1][3]   0.00534433 
_atom_sites.fract_transf_matrix[2][1]   0.00025531 
_atom_sites.fract_transf_matrix[2][2]   -0.00537597 
_atom_sites.fract_transf_matrix[2][3]   -0.01152970 
_atom_sites.fract_transf_matrix[3][1]   0.01358653 
_atom_sites.fract_transf_matrix[3][2]   -0.00081530 
_atom_sites.fract_transf_matrix[3][3]   0.00068101 
_atom_sites.fract_transf_vector[1]      0.284217 
_atom_sites.fract_transf_vector[2]      -0.118103 
_atom_sites.fract_transf_vector[3]      -0.167525 
_atom_sites.solution_primary            ? 
_atom_sites.solution_secondary          ? 
_atom_sites.solution_hydrogens          ? 
_atom_sites.special_details             ? 
# 
loop_
_atom_type.symbol 
_atom_type.pdbx_scat_Z 
_atom_type.pdbx_N_electrons 
_atom_type.scat_Cromer_Mann_a1 
_atom_type.scat_Cromer_Mann_b1 
_atom_type.scat_Cromer_Mann_a2 
_atom_type.scat_Cromer_Mann_b2 
_atom_type.scat_Cromer_Mann_a3 
_atom_type.scat_Cromer_Mann_b3 
_atom_type.scat_Cromer_Mann_a4 
_atom_type.scat_Cromer_Mann_b4 
_atom_type.scat_Cromer_Mann_c 
C   6  6  2.3103  20.8439 1.0201 10.2075 1.5888 0.5687  0.8651   51.6512 0.2156   
H   1  1  0.4930  10.5109 0.3229 26.1257 0.1402 3.1424  0.0408   57.7997 0.0030   
N   7  7  12.2220 0.0057  3.1346 9.8933  2.0141 28.9975 1.1672   0.5826  -11.5379 
O   8  8  3.0487  13.2771 2.2870 5.7011  1.5464 0.3239  0.8671   32.9089 0.2508   
O-1 8  9  4.1952  12.8573 1.6411 4.1724  1.5281 47.0179 -20.3246 -0.0140 21.9602  
P   15 15 6.4348  1.9067  4.1793 27.1570 1.7801 0.5260  1.4909   68.1645 1.2678   
S   16 16 6.9054  1.4679  5.2035 22.2151 1.4379 0.2536  1.5863   56.1720 1.0495   
# 
loop_
_atom_site.group_PDB 
_atom_site.id 
_atom_site.type_symbol 
_atom_site.label_atom_id 
_atom_site.label_alt_id 
_atom_site.label_comp_id 
_atom_site.label_asym_id 
_atom_site.label_entity_id 
_atom_site.label_seq_id 
_atom_site.pdbx_PDB_ins_code 
_atom_site.Cartn_x 
_atom_site.Cartn_y 
_atom_site.Cartn_z 
_atom_site.occupancy 
_atom_site.B_iso_or_equiv 
_atom_site.pdbx_formal_charge 
_atom_site.auth_seq_id 
_atom_site.auth_comp_id 
_atom_site.auth_asym_id 
_atom_site.auth_atom_id 
_atom_site.pdbx_PDB_model_num 
_atom_site.calc_flag 
ATOM   1   N N     . ALA A 1 2   ? -6.145  9.861   -6.852  1.000 90.928  0  15  ALA A N     1 ? 
ATOM   2   C CA    . ALA A 1 2   ? -5.111  8.933   -6.335  1.000 79.837  0  15  ALA A CA    1 ? 
ATOM   3   C C     . ALA A 1 2   ? -5.771  7.851   -5.489  1.000 68.816  0  15  ALA A C     1 ? 
ATOM   4   O O     . ALA A 1 2   ? -6.880  8.033   -4.995  1.000 78.963  0  15  ALA A O     1 ? 
ATOM   5   C CB    . ALA A 1 2   ? -4.082  9.701   -5.532  1.000 91.457  0  15  ALA A CB    1 ? 
ATOM   6   N N     . GLY A 1 3   ? -5.076  6.722   -5.333  1.000 62.723  0  16  GLY A N     1 ? 
ATOM   7   C CA    . GLY A 1 3   ? -5.555  5.651   -4.477  1.000 63.754  0  16  GLY A CA    1 ? 
ATOM   8   C C     . GLY A 1 3   ? -5.207  5.943   -3.021  1.000 62.304  0  16  GLY A C     1 ? 
ATOM   9   O O     . GLY A 1 3   ? -4.105  6.402   -2.733  1.000 70.489  0  16  GLY A O     1 ? 
ATOM   10  N N     . VAL A 1 4   ? -6.153  5.680   -2.111  1.000 52.667  0  17  VAL A N     1 ? 
ATOM   11  C CA    . VAL A 1 4   ? -5.930  5.888   -0.689  1.000 53.006  0  17  VAL A CA    1 ? 
ATOM   12  C C     . VAL A 1 4   ? -6.357  4.641   0.076   1.000 59.752  0  17  VAL A C     1 ? 
ATOM   13  O O     . VAL A 1 4   ? -7.513  4.232   0.003   1.000 75.229  0  17  VAL A O     1 ? 
ATOM   14  C CB    . VAL A 1 4   ? -6.679  7.128   -0.168  1.000 59.114  0  17  VAL A CB    1 ? 
ATOM   15  C CG1   . VAL A 1 4   ? -6.594  7.241   1.351   1.000 51.328  0  17  VAL A CG1   1 ? 
ATOM   16  C CG2   . VAL A 1 4   ? -6.185  8.403   -0.844  1.000 64.191  0  17  VAL A CG2   1 ? 
ATOM   17  N N     . VAL A 1 5   ? -5.412  4.049   0.816   1.000 60.384  0  18  VAL A N     1 ? 
ATOM   18  C CA    . VAL A 1 5   ? -5.687  2.853   1.597   1.000 64.387  0  18  VAL A CA    1 ? 
ATOM   19  C C     . VAL A 1 5   ? -5.260  3.092   3.044   1.000 65.603  0  18  VAL A C     1 ? 
ATOM   20  O O     . VAL A 1 5   ? -4.365  3.895   3.305   1.000 61.151  0  18  VAL A O     1 ? 
ATOM   21  C CB    . VAL A 1 5   ? -4.975  1.619   1.007   1.000 67.851  0  18  VAL A CB    1 ? 
ATOM   22  C CG1   . VAL A 1 5   ? -5.481  1.294   -0.395  1.000 74.223  0  18  VAL A CG1   1 ? 
ATOM   23  C CG2   . VAL A 1 5   ? -3.458  1.778   1.009   1.000 60.531  0  18  VAL A CG2   1 ? 
ATOM   24  N N     . ILE A 1 6   ? -5.922  2.385   3.971   1.000 60.677  0  19  ILE A N     1 ? 
ATOM   25  C CA    . ILE A 1 6   ? -5.608  2.453   5.390   1.000 55.666  0  19  ILE A CA    1 ? 
ATOM   26  C C     . ILE A 1 6   ? -5.476  1.038   5.943   1.000 57.197  0  19  ILE A C     1 ? 
ATOM   27  O O     . ILE A 1 6   ? -6.467  0.317   6.015   1.000 77.482  0  19  ILE A O     1 ? 
ATOM   28  C CB    . ILE A 1 6   ? -6.692  3.218   6.163   1.000 48.558  0  19  ILE A CB    1 ? 
ATOM   29  C CG1   . ILE A 1 6   ? -6.917  4.610   5.598   1.000 61.462  0  19  ILE A CG1   1 ? 
ATOM   30  C CG2   . ILE A 1 6   ? -6.352  3.258   7.650   1.000 45.787  0  19  ILE A CG2   1 ? 
ATOM   31  C CD1   . ILE A 1 6   ? -8.040  5.361   6.285   1.000 79.122  0  19  ILE A CD1   1 ? 
ATOM   32  N N     . THR A 1 7   ? -4.258  0.650   6.342   1.000 53.341  0  20  THR A N     1 ? 
ATOM   33  C CA    . THR A 1 7   ? -4.020  -0.698  6.836   1.000 57.209  0  20  THR A CA    1 ? 
ATOM   34  C C     . THR A 1 7   ? -3.935  -0.677  8.361   1.000 56.102  0  20  THR A C     1 ? 
ATOM   35  O O     . THR A 1 7   ? -3.370  0.244   8.944   1.000 48.263  0  20  THR A O     1 ? 
ATOM   36  C CB    . THR A 1 7   ? -2.752  -1.275  6.202   1.000 63.411  0  20  THR A CB    1 ? 
ATOM   37  O OG1   . THR A 1 7   ? -1.690  -0.372  6.493   1.000 78.722  0  20  THR A OG1   1 ? 
ATOM   38  C CG2   . THR A 1 7   ? -2.861  -1.415  4.694   1.000 74.931  0  20  THR A CG2   1 ? 
ATOM   39  N N     . ASP A 1 8   ? -4.512  -1.710  8.991   1.000 63.069  0  21  ASP A N     1 ? 
ATOM   40  C CA    . ASP A 1 8   ? -4.489  -1.852  10.437  1.000 65.611  0  21  ASP A CA    1 ? 
ATOM   41  C C     . ASP A 1 8   ? -3.089  -2.311  10.836  1.000 68.996  0  21  ASP A C     1 ? 
ATOM   42  O O     . ASP A 1 8   ? -2.633  -3.365  10.401  1.000 92.796  0  21  ASP A O     1 ? 
ATOM   43  C CB    . ASP A 1 8   ? -5.579  -2.795  10.928  1.000 64.612  0  21  ASP A CB    1 ? 
ATOM   44  C CG    . ASP A 1 8   ? -5.816  -2.790  12.432  1.000 80.683  0  21  ASP A CG    1 ? 
ATOM   45  O OD1   . ASP A 1 8   ? -4.839  -2.995  13.180  1.000 82.813  0  21  ASP A OD1   1 ? 
ATOM   46  O OD2   . ASP A 1 8   ? -6.977  -2.579  12.849  1.000 87.209  0  21  ASP A OD2   1 ? 
ATOM   47  N N     . ALA A 1 9   ? -2.421  -1.509  11.670  1.000 71.204  0  22  ALA A N     1 ? 
ATOM   48  C CA    . ALA A 1 9   ? -1.028  -1.744  12.011  1.000 78.167  0  22  ALA A CA    1 ? 
ATOM   49  C C     . ALA A 1 9   ? -0.889  -2.543  13.304  1.000 71.599  0  22  ALA A C     1 ? 
ATOM   50  O O     . ALA A 1 9   ? 0.198   -2.597  13.874  1.000 66.271  0  22  ALA A O     1 ? 
ATOM   51  C CB    . ALA A 1 9   ? -0.311  -0.417  12.120  1.000 84.101  0  22  ALA A CB    1 ? 
ATOM   52  N N     . GLN A 1 10  ? -1.979  -3.162  13.764  1.000 77.823  0  23  GLN A N     1 ? 
ATOM   53  C CA    . GLN A 1 10  ? -1.928  -3.913  15.007  1.000 90.809  0  23  GLN A CA    1 ? 
ATOM   54  C C     . GLN A 1 10  ? -1.914  -5.403  14.673  1.000 82.471  0  23  GLN A C     1 ? 
ATOM   55  O O     . GLN A 1 10  ? -0.999  -6.122  15.064  1.000 101.980 0  23  GLN A O     1 ? 
ATOM   56  C CB    . GLN A 1 10  ? -3.084  -3.494  15.917  1.000 105.705 0  23  GLN A CB    1 ? 
ATOM   57  C CG    . GLN A 1 10  ? -3.390  -2.001  15.849  1.000 108.960 0  23  GLN A CG    1 ? 
ATOM   58  C CD    . GLN A 1 10  ? -4.130  -1.480  17.060  1.000 97.691  0  23  GLN A CD    1 ? 
ATOM   59  O OE1   . GLN A 1 10  ? -4.802  -0.444  17.004  1.000 103.316 0  23  GLN A OE1   1 ? 
ATOM   60  N NE2   . GLN A 1 10  ? -4.020  -2.205  18.163  1.000 77.021  0  23  GLN A NE2   1 ? 
ATOM   61  N N     . LEU A 1 11  ? -2.934  -5.858  13.941  1.000 89.806  0  24  LEU A N     1 ? 
ATOM   62  C CA    . LEU A 1 11  ? -2.979  -7.232  13.478  1.000 91.748  0  24  LEU A CA    1 ? 
ATOM   63  C C     . LEU A 1 11  ? -1.721  -7.463  12.642  1.000 116.467 0  24  LEU A C     1 ? 
ATOM   64  O O     . LEU A 1 11  ? -1.218  -6.522  12.029  1.000 123.760 0  24  LEU A O     1 ? 
ATOM   65  C CB    . LEU A 1 11  ? -4.248  -7.463  12.658  1.000 88.687  0  24  LEU A CB    1 ? 
ATOM   66  C CG    . LEU A 1 11  ? -5.549  -6.878  13.226  1.000 101.672 0  24  LEU A CG    1 ? 
ATOM   67  C CD1   . LEU A 1 11  ? -6.687  -7.054  12.232  1.000 101.302 0  24  LEU A CD1   1 ? 
ATOM   68  C CD2   . LEU A 1 11  ? -5.932  -7.480  14.569  1.000 110.804 0  24  LEU A CD2   1 ? 
ATOM   69  N N     . PRO A 1 12  ? -1.160  -8.693  12.583  1.000 119.790 0  25  PRO A N     1 ? 
ATOM   70  C CA    . PRO A 1 12  ? 0.011   -8.942  11.751  1.000 92.145  0  25  PRO A CA    1 ? 
ATOM   71  C C     . PRO A 1 12  ? -0.314  -8.899  10.262  1.000 94.512  0  25  PRO A C     1 ? 
ATOM   72  O O     . PRO A 1 12  ? -1.469  -9.060  9.875   1.000 149.297 0  25  PRO A O     1 ? 
ATOM   73  C CB    . PRO A 1 12  ? 0.483   -10.335 12.153  1.000 77.009  0  25  PRO A CB    1 ? 
ATOM   74  C CG    . PRO A 1 12  ? -0.384  -10.738 13.339  1.000 88.141  0  25  PRO A CG    1 ? 
ATOM   75  C CD    . PRO A 1 12  ? -1.620  -9.892  13.299  1.000 102.414 0  25  PRO A CD    1 ? 
ATOM   76  N N     . ASP A 1 13  ? 0.709   -8.678  9.433   1.000 76.562  0  26  ASP A N     1 ? 
ATOM   77  C CA    . ASP A 1 13  ? 0.542   -8.699  7.988   1.000 96.001  0  26  ASP A CA    1 ? 
ATOM   78  C C     . ASP A 1 13  ? 0.064   -7.338  7.480   1.000 102.856 0  26  ASP A C     1 ? 
ATOM   79  O O     . ASP A 1 13  ? 0.253   -7.016  6.309   1.000 142.520 0  26  ASP A O     1 ? 
ATOM   80  C CB    . ASP A 1 13  ? -0.380  -9.834  7.563   1.000 97.985  0  26  ASP A CB    1 ? 
ATOM   81  C CG    . ASP A 1 13  ? -0.577  -9.992  6.063   1.000 103.791 0  26  ASP A CG    1 ? 
ATOM   82  O OD1   . ASP A 1 13  ? 0.443   -10.085 5.350   1.000 109.497 0  26  ASP A OD1   1 ? 
ATOM   83  O OD2   . ASP A 1 13  ? -1.747  -10.032 5.623   1.000 105.368 0  26  ASP A OD2   1 ? 
ATOM   84  N N     . TYR A 1 14  ? -0.555  -6.544  8.359   1.000 72.486  0  27  TYR A N     1 ? 
ATOM   85  C CA    . TYR A 1 14  ? -1.004  -5.208  8.000   1.000 71.838  0  27  TYR A CA    1 ? 
ATOM   86  C C     . TYR A 1 14  ? -2.068  -5.299  6.912   1.000 70.185  0  27  TYR A C     1 ? 
ATOM   87  O O     . TYR A 1 14  ? -1.822  -4.954  5.755   1.000 67.174  0  27  TYR A O     1 ? 
ATOM   88  C CB    . TYR A 1 14  ? 0.170   -4.339  7.534   1.000 73.330  0  27  TYR A CB    1 ? 
ATOM   89  C CG    . TYR A 1 14  ? 1.294   -4.217  8.553   1.000 74.250  0  27  TYR A CG    1 ? 
ATOM   90  C CD1   . TYR A 1 14  ? 1.291   -3.211  9.509   1.000 77.545  0  27  TYR A CD1   1 ? 
ATOM   91  C CD2   . TYR A 1 14  ? 2.358   -5.112  8.555   1.000 88.105  0  27  TYR A CD2   1 ? 
ATOM   92  C CE1   . TYR A 1 14  ? 2.313   -3.099  10.439  1.000 95.256  0  27  TYR A CE1   1 ? 
ATOM   93  C CE2   . TYR A 1 14  ? 3.385   -5.011  9.479   1.000 98.379  0  27  TYR A CE2   1 ? 
ATOM   94  C CZ    . TYR A 1 14  ? 3.363   -4.001  10.425  1.000 101.014 0  27  TYR A CZ    1 ? 
ATOM   95  O OH    . TYR A 1 14  ? 4.373   -3.899  11.336  1.000 96.949  0  27  TYR A OH    1 ? 
ATOM   96  N N     . PRO A 1 15  ? -3.289  -5.762  7.259   1.000 56.782  0  28  PRO A N     1 ? 
ATOM   97  C CA    . PRO A 1 15  ? -4.380  -5.850  6.299   1.000 57.484  0  28  PRO A CA    1 ? 
ATOM   98  C C     . PRO A 1 15  ? -4.965  -4.493  5.922   1.000 60.613  0  28  PRO A C     1 ? 
ATOM   99  O O     . PRO A 1 15  ? -4.872  -3.538  6.687   1.000 76.939  0  28  PRO A O     1 ? 
ATOM   100 C CB    . PRO A 1 15  ? -5.420  -6.685  7.032   1.000 57.869  0  28  PRO A CB    1 ? 
ATOM   101 C CG    . PRO A 1 15  ? -5.157  -6.345  8.491   1.000 57.401  0  28  PRO A CG    1 ? 
ATOM   102 C CD    . PRO A 1 15  ? -3.669  -6.215  8.605   1.000 48.909  0  28  PRO A CD    1 ? 
ATOM   103 N N     . ILE A 1 16  ? -5.565  -4.422  4.731   1.000 55.847  0  29  ILE A N     1 ? 
ATOM   104 C CA    . ILE A 1 16  ? -6.282  -3.230  4.311   1.000 61.265  0  29  ILE A CA    1 ? 
ATOM   105 C C     . ILE A 1 16  ? -7.648  -3.251  4.997   1.000 66.652  0  29  ILE A C     1 ? 
ATOM   106 O O     . ILE A 1 16  ? -8.334  -4.272  4.999   1.000 76.114  0  29  ILE A O     1 ? 
ATOM   107 C CB    . ILE A 1 16  ? -6.396  -3.159  2.774   1.000 57.579  0  29  ILE A CB    1 ? 
ATOM   108 C CG1   . ILE A 1 16  ? -5.022  -3.176  2.095   1.000 62.181  0  29  ILE A CG1   1 ? 
ATOM   109 C CG2   . ILE A 1 16  ? -7.216  -1.944  2.337   1.000 52.546  0  29  ILE A CG2   1 ? 
ATOM   110 C CD1   . ILE A 1 16  ? -5.077  -3.220  0.576   1.000 55.735  0  29  ILE A CD1   1 ? 
ATOM   111 N N     . VAL A 1 17  ? -8.029  -2.117  5.594   1.000 59.369  0  30  VAL A N     1 ? 
ATOM   112 C CA    . VAL A 1 17  ? -9.321  -1.996  6.246   1.000 60.079  0  30  VAL A CA    1 ? 
ATOM   113 C C     . VAL A 1 17  ? -10.129 -0.896  5.557   1.000 77.058  0  30  VAL A C     1 ? 
ATOM   114 O O     . VAL A 1 17  ? -11.245 -0.602  5.975   1.000 107.062 0  30  VAL A O     1 ? 
ATOM   115 C CB    . VAL A 1 17  ? -9.181  -1.740  7.761   1.000 64.602  0  30  VAL A CB    1 ? 
ATOM   116 C CG1   . VAL A 1 17  ? -8.604  -2.947  8.492   1.000 77.656  0  30  VAL A CG1   1 ? 
ATOM   117 C CG2   . VAL A 1 17  ? -8.358  -0.493  8.058   1.000 70.281  0  30  VAL A CG2   1 ? 
ATOM   118 N N     . TYR A 1 18  ? -9.565  -0.292  4.498   1.000 82.363  0  31  TYR A N     1 ? 
ATOM   119 C CA    . TYR A 1 18  ? -10.264 0.734   3.735   1.000 77.514  0  31  TYR A CA    1 ? 
ATOM   120 C C     . TYR A 1 18  ? -9.515  1.087   2.451   1.000 86.976  0  31  TYR A C     1 ? 
ATOM   121 O O     . TYR A 1 18  ? -8.289  1.186   2.443   1.000 99.782  0  31  TYR A O     1 ? 
ATOM   122 C CB    . TYR A 1 18  ? -10.450 2.019   4.548   1.000 72.144  0  31  TYR A CB    1 ? 
ATOM   123 C CG    . TYR A 1 18  ? -11.009 3.187   3.744   1.000 61.781  0  31  TYR A CG    1 ? 
ATOM   124 C CD1   . TYR A 1 18  ? -12.373 3.304   3.508   1.000 57.899  0  31  TYR A CD1   1 ? 
ATOM   125 C CD2   . TYR A 1 18  ? -10.179 4.174   3.228   1.000 59.757  0  31  TYR A CD2   1 ? 
ATOM   126 C CE1   . TYR A 1 18  ? -12.893 4.363   2.782   1.000 54.551  0  31  TYR A CE1   1 ? 
ATOM   127 C CE2   . TYR A 1 18  ? -10.684 5.238   2.501   1.000 62.716  0  31  TYR A CE2   1 ? 
ATOM   128 C CZ    . TYR A 1 18  ? -12.046 5.333   2.277   1.000 60.589  0  31  TYR A CZ    1 ? 
ATOM   129 O OH    . TYR A 1 18  ? -12.560 6.374   1.560   1.000 69.757  0  31  TYR A OH    1 ? 
ATOM   130 N N     . CYS A 1 19  ? -10.279 1.284   1.368   1.000 80.276  0  32  CYS A N     1 ? 
ATOM   131 C CA    . CYS A 1 19  ? -9.740  1.752   0.099   1.000 78.579  0  32  CYS A CA    1 ? 
ATOM   132 C C     . CYS A 1 19  ? -10.801 2.603   -0.599  1.000 74.680  0  32  CYS A C     1 ? 
ATOM   133 O O     . CYS A 1 19  ? -11.953 2.191   -0.714  1.000 76.241  0  32  CYS A O     1 ? 
ATOM   134 C CB    . CYS A 1 19  ? -9.297  0.600   -0.799  1.000 77.751  0  32  CYS A CB    1 ? 
ATOM   135 S SG    . CYS A 1 19  ? -10.664 -0.340  -1.528  1.000 84.850  0  32  CYS A SG    1 ? 
ATOM   136 N N     . ASN A 1 20  ? -10.404 3.793   -1.063  1.000 62.839  0  33  ASN A N     1 ? 
ATOM   137 C CA    . ASN A 1 20  ? -11.340 4.708   -1.695  1.000 62.864  0  33  ASN A CA    1 ? 
ATOM   138 C C     . ASN A 1 20  ? -11.641 4.233   -3.113  1.000 65.123  0  33  ASN A C     1 ? 
ATOM   139 O O     . ASN A 1 20  ? -11.030 3.286   -3.598  1.000 100.258 0  33  ASN A O     1 ? 
ATOM   140 C CB    . ASN A 1 20  ? -10.828 6.146   -1.703  1.000 85.159  0  33  ASN A CB    1 ? 
ATOM   141 C CG    . ASN A 1 20  ? -9.703  6.373   -2.686  1.000 80.196  0  33  ASN A CG    1 ? 
ATOM   142 O OD1   . ASN A 1 20  ? -9.168  5.418   -3.259  1.000 79.650  0  33  ASN A OD1   1 ? 
ATOM   143 N ND2   . ASN A 1 20  ? -9.329  7.627   -2.894  1.000 69.652  0  33  ASN A ND2   1 ? 
ATOM   144 N N     . PRO A 1 21  ? -12.600 4.875   -3.815  1.000 67.742  0  34  PRO A N     1 ? 
ATOM   145 C CA    . PRO A 1 21  ? -12.897 4.552   -5.206  1.000 74.266  0  34  PRO A CA    1 ? 
ATOM   146 C C     . PRO A 1 21  ? -11.732 4.789   -6.163  1.000 95.735  0  34  PRO A C     1 ? 
ATOM   147 O O     . PRO A 1 21  ? -11.636 4.127   -7.195  1.000 94.894  0  34  PRO A O     1 ? 
ATOM   148 C CB    . PRO A 1 21  ? -14.058 5.474   -5.554  1.000 85.808  0  34  PRO A CB    1 ? 
ATOM   149 C CG    . PRO A 1 21  ? -14.627 5.897   -4.211  1.000 94.874  0  34  PRO A CG    1 ? 
ATOM   150 C CD    . PRO A 1 21  ? -13.461 5.941   -3.282  1.000 93.279  0  34  PRO A CD    1 ? 
ATOM   151 N N     . GLY A 1 22  ? -10.858 5.742   -5.817  1.000 109.291 0  35  GLY A N     1 ? 
ATOM   152 C CA    . GLY A 1 22  ? -9.695  6.055   -6.632  1.000 101.224 0  35  GLY A CA    1 ? 
ATOM   153 C C     . GLY A 1 22  ? -8.754  4.856   -6.755  1.000 81.821  0  35  GLY A C     1 ? 
ATOM   154 O O     . GLY A 1 22  ? -8.145  4.647   -7.803  1.000 66.461  0  35  GLY A O     1 ? 
ATOM   155 N N     . PHE A 1 23  ? -8.650  4.077   -5.672  1.000 62.606  0  36  PHE A N     1 ? 
ATOM   156 C CA    . PHE A 1 23  ? -7.778  2.914   -5.614  1.000 60.515  0  36  PHE A CA    1 ? 
ATOM   157 C C     . PHE A 1 23  ? -8.386  1.756   -6.401  1.000 65.169  0  36  PHE A C     1 ? 
ATOM   158 O O     . PHE A 1 23  ? -7.670  0.852   -6.827  1.000 74.127  0  36  PHE A O     1 ? 
ATOM   159 C CB    . PHE A 1 23  ? -7.543  2.499   -4.158  1.000 60.943  0  36  PHE A CB    1 ? 
ATOM   160 C CG    . PHE A 1 23  ? -6.711  1.235   -3.971  1.000 56.908  0  36  PHE A CG    1 ? 
ATOM   161 C CD1   . PHE A 1 23  ? -5.331  1.308   -3.807  1.000 50.289  0  36  PHE A CD1   1 ? 
ATOM   162 C CD2   . PHE A 1 23  ? -7.315  -0.021  -3.958  1.000 49.234  0  36  PHE A CD2   1 ? 
ATOM   163 C CE1   . PHE A 1 23  ? -4.578  0.157   -3.636  1.000 57.907  0  36  PHE A CE1   1 ? 
ATOM   164 C CE2   . PHE A 1 23  ? -6.558  -1.168  -3.787  1.000 53.317  0  36  PHE A CE2   1 ? 
ATOM   165 C CZ    . PHE A 1 23  ? -5.192  -1.077  -3.627  1.000 66.169  0  36  PHE A CZ    1 ? 
ATOM   166 N N     . VAL A 1 24  ? -9.711  1.784   -6.581  1.000 71.488  0  37  VAL A N     1 ? 
ATOM   167 C CA    . VAL A 1 24  ? -10.409 0.728   -7.297  1.000 71.750  0  37  VAL A CA    1 ? 
ATOM   168 C C     . VAL A 1 24  ? -10.302 0.994   -8.797  1.000 77.753  0  37  VAL A C     1 ? 
ATOM   169 O O     . VAL A 1 24  ? -10.291 0.063   -9.598  1.000 75.393  0  37  VAL A O     1 ? 
ATOM   170 C CB    . VAL A 1 24  ? -11.879 0.598   -6.857  1.000 70.939  0  37  VAL A CB    1 ? 
ATOM   171 C CG1   . VAL A 1 24  ? -12.660 -0.345  -7.761  1.000 75.972  0  37  VAL A CG1   1 ? 
ATOM   172 C CG2   . VAL A 1 24  ? -12.003 0.162   -5.401  1.000 79.725  0  37  VAL A CG2   1 ? 
ATOM   173 N N     . GLN A 1 25  ? -10.222 2.276   -9.166  1.000 94.797  0  38  GLN A N     1 ? 
ATOM   174 C CA    . GLN A 1 25  ? -10.082 2.668   -10.558 1.000 99.469  0  38  GLN A CA    1 ? 
ATOM   175 C C     . GLN A 1 25  ? -8.638  2.453   -11.000 1.000 93.025  0  38  GLN A C     1 ? 
ATOM   176 O O     . GLN A 1 25  ? -8.384  2.028   -12.124 1.000 90.465  0  38  GLN A O     1 ? 
ATOM   177 C CB    . GLN A 1 25  ? -10.476 4.134   -10.726 1.000 122.552 0  38  GLN A CB    1 ? 
ATOM   178 C CG    . GLN A 1 25  ? -11.919 4.434   -10.338 1.000 140.648 0  38  GLN A CG    1 ? 
ATOM   179 C CD    . GLN A 1 25  ? -12.221 5.915   -10.296 1.000 165.495 0  38  GLN A CD    1 ? 
ATOM   180 O OE1   . GLN A 1 25  ? -11.348 6.759   -10.523 1.000 165.332 0  38  GLN A OE1   1 ? 
ATOM   181 N NE2   . GLN A 1 25  ? -13.469 6.246   -9.996  1.000 190.158 0  38  GLN A NE2   1 ? 
ATOM   182 N N     . LEU A 1 26  ? -7.700  2.756   -10.098 1.000 86.803  0  39  LEU A N     1 ? 
ATOM   183 C CA    . LEU A 1 26  ? -6.282  2.619   -10.380 1.000 79.567  0  39  LEU A CA    1 ? 
ATOM   184 C C     . LEU A 1 26  ? -5.948  1.156   -10.663 1.000 82.036  0  39  LEU A C     1 ? 
ATOM   185 O O     . LEU A 1 26  ? -5.627  0.796   -11.794 1.000 90.080  0  39  LEU A O     1 ? 
ATOM   186 C CB    . LEU A 1 26  ? -5.478  3.165   -9.198  1.000 70.308  0  39  LEU A CB    1 ? 
ATOM   187 C CG    . LEU A 1 26  ? -3.953  3.047   -9.297  1.000 67.613  0  39  LEU A CG    1 ? 
ATOM   188 C CD1   . LEU A 1 26  ? -3.431  3.825   -10.490 1.000 82.890  0  39  LEU A CD1   1 ? 
ATOM   189 C CD2   . LEU A 1 26  ? -3.275  3.520   -8.021  1.000 68.325  0  39  LEU A CD2   1 ? 
ATOM   190 N N     . THR A 1 27  ? -6.047  0.320   -9.625  1.000 73.073  0  40  THR A N     1 ? 
ATOM   191 C CA    . THR A 1 27  ? -5.592  -1.061  -9.688  1.000 68.940  0  40  THR A CA    1 ? 
ATOM   192 C C     . THR A 1 27  ? -6.540  -1.909  -10.529 1.000 66.119  0  40  THR A C     1 ? 
ATOM   193 O O     . THR A 1 27  ? -6.094  -2.787  -11.261 1.000 70.647  0  40  THR A O     1 ? 
ATOM   194 C CB    . THR A 1 27  ? -5.463  -1.605  -8.267  1.000 79.481  0  40  THR A CB    1 ? 
ATOM   195 O OG1   . THR A 1 27  ? -6.794  -1.599  -7.760  1.000 84.583  0  40  THR A OG1   1 ? 
ATOM   196 C CG2   . THR A 1 27  ? -4.535  -0.759  -7.413  1.000 90.684  0  40  THR A CG2   1 ? 
ATOM   197 N N     . GLY A 1 28  ? -7.846  -1.652  -10.417 1.000 77.256  0  41  GLY A N     1 ? 
ATOM   198 C CA    . GLY A 1 28  ? -8.830  -2.399  -11.185 1.000 90.657  0  41  GLY A CA    1 ? 
ATOM   199 C C     . GLY A 1 28  ? -9.472  -3.510  -10.357 1.000 88.893  0  41  GLY A C     1 ? 
ATOM   200 O O     . GLY A 1 28  ? -10.248 -4.305  -10.883 1.000 70.766  0  41  GLY A O     1 ? 
ATOM   201 N N     . TYR A 1 29  ? -9.128  -3.549  -9.063  1.000 95.217  0  42  TYR A N     1 ? 
ATOM   202 C CA    . TYR A 1 29  ? -9.691  -4.508  -8.125  1.000 87.847  0  42  TYR A CA    1 ? 
ATOM   203 C C     . TYR A 1 29  ? -10.864 -3.861  -7.393  1.000 78.944  0  42  TYR A C     1 ? 
ATOM   204 O O     . TYR A 1 29  ? -10.777 -2.717  -6.953  1.000 77.548  0  42  TYR A O     1 ? 
ATOM   205 C CB    . TYR A 1 29  ? -8.652  -4.994  -7.104  1.000 83.290  0  42  TYR A CB    1 ? 
ATOM   206 C CG    . TYR A 1 29  ? -7.531  -5.868  -7.652  1.000 73.376  0  42  TYR A CG    1 ? 
ATOM   207 C CD1   . TYR A 1 29  ? -6.393  -5.304  -8.217  1.000 86.880  0  42  TYR A CD1   1 ? 
ATOM   208 C CD2   . TYR A 1 29  ? -7.603  -7.254  -7.592  1.000 60.821  0  42  TYR A CD2   1 ? 
ATOM   209 C CE1   . TYR A 1 29  ? -5.367  -6.090  -8.714  1.000 86.241  0  42  TYR A CE1   1 ? 
ATOM   210 C CE2   . TYR A 1 29  ? -6.584  -8.052  -8.086  1.000 63.090  0  42  TYR A CE2   1 ? 
ATOM   211 C CZ    . TYR A 1 29  ? -5.463  -7.468  -8.649  1.000 71.745  0  42  TYR A CZ    1 ? 
ATOM   212 O OH    . TYR A 1 29  ? -4.443  -8.229  -9.143  1.000 72.608  0  42  TYR A OH    1 ? 
ATOM   213 N N     . PRO A 1 30  ? -12.003 -4.570  -7.241  1.000 68.233  0  43  PRO A N     1 ? 
ATOM   214 C CA    . PRO A 1 30  ? -13.118 -4.067  -6.449  1.000 72.835  0  43  PRO A CA    1 ? 
ATOM   215 C C     . PRO A 1 30  ? -12.819 -4.097  -4.952  1.000 85.854  0  43  PRO A C     1 ? 
ATOM   216 O O     . PRO A 1 30  ? -11.959 -4.850  -4.505  1.000 123.654 0  43  PRO A O     1 ? 
ATOM   217 C CB    . PRO A 1 30  ? -14.272 -4.968  -6.872  1.000 77.373  0  43  PRO A CB    1 ? 
ATOM   218 C CG    . PRO A 1 30  ? -13.571 -6.273  -7.214  1.000 86.387  0  43  PRO A CG    1 ? 
ATOM   219 C CD    . PRO A 1 30  ? -12.265 -5.889  -7.837  1.000 73.368  0  43  PRO A CD    1 ? 
ATOM   220 N N     . SER A 1 31  ? -13.540 -3.271  -4.186  1.000 90.673  0  44  SER A N     1 ? 
ATOM   221 C CA    . SER A 1 31  ? -13.299 -3.095  -2.762  1.000 101.196 0  44  SER A CA    1 ? 
ATOM   222 C C     . SER A 1 31  ? -13.429 -4.406  -1.989  1.000 103.566 0  44  SER A C     1 ? 
ATOM   223 O O     . SER A 1 31  ? -12.881 -4.541  -0.897  1.000 122.353 0  44  SER A O     1 ? 
ATOM   224 C CB    . SER A 1 31  ? -14.239 -2.067  -2.198  1.000 116.197 0  44  SER A CB    1 ? 
ATOM   225 O OG    . SER A 1 31  ? -15.590 -2.479  -2.370  1.000 129.167 0  44  SER A OG    1 ? 
ATOM   226 N N     . GLU A 1 32  ? -14.165 -5.361  -2.564  1.000 82.729  0  45  GLU A N     1 ? 
ATOM   227 C CA    . GLU A 1 32  ? -14.457 -6.624  -1.906  1.000 81.775  0  45  GLU A CA    1 ? 
ATOM   228 C C     . GLU A 1 32  ? -13.316 -7.625  -2.080  1.000 71.014  0  45  GLU A C     1 ? 
ATOM   229 O O     . GLU A 1 32  ? -13.269 -8.635  -1.384  1.000 71.020  0  45  GLU A O     1 ? 
ATOM   230 C CB    . GLU A 1 32  ? -15.749 -7.122  -2.541  1.000 78.712  0  45  GLU A CB    1 ? 
ATOM   231 C CG    . GLU A 1 32  ? -15.594 -7.291  -4.047  1.000 91.717  0  45  GLU A CG    1 ? 
ATOM   232 C CD    . GLU A 1 32  ? -16.904 -7.253  -4.805  1.000 118.966 0  45  GLU A CD    1 ? 
ATOM   233 O OE1   . GLU A 1 32  ? -16.879 -7.471  -6.033  1.000 131.707 0  45  GLU A OE1   1 ? 
ATOM   234 O OE2   . GLU A 1 32  ? -17.942 -6.990  -4.164  1.000 155.964 0  45  GLU A OE2   1 ? 
ATOM   235 N N     . GLU A 1 33  ? -12.404 -7.341  -3.015  1.000 67.834  0  46  GLU A N     1 ? 
ATOM   236 C CA    . GLU A 1 33  ? -11.260 -8.206  -3.263  1.000 71.424  0  46  GLU A CA    1 ? 
ATOM   237 C C     . GLU A 1 33  ? -9.979  -7.562  -2.744  1.000 71.563  0  46  GLU A C     1 ? 
ATOM   238 O O     . GLU A 1 33  ? -8.883  -8.038  -3.038  1.000 92.303  0  46  GLU A O     1 ? 
ATOM   239 C CB    . GLU A 1 33  ? -11.079 -8.487  -4.754  1.000 70.748  0  46  GLU A CB    1 ? 
ATOM   240 C CG    . GLU A 1 33  ? -12.182 -9.356  -5.345  1.000 81.559  0  46  GLU A CG    1 ? 
ATOM   241 C CD    . GLU A 1 33  ? -12.051 -9.565  -6.841  1.000 83.029  0  46  GLU A CD    1 ? 
ATOM   242 O OE1   . GLU A 1 33  ? -13.033 -9.274  -7.551  1.000 86.336  0  46  GLU A OE1   1 ? 
ATOM   243 O OE2   . GLU A 1 33  ? -10.976 -10.007 -7.297  1.000 96.941  0  46  GLU A OE2   1 ? 
ATOM   244 N N     . VAL A 1 34  ? -10.123 -6.479  -1.975  1.000 59.619  0  47  VAL A N     1 ? 
ATOM   245 C CA    . VAL A 1 34  ? -8.973  -5.765  -1.451  1.000 60.916  0  47  VAL A CA    1 ? 
ATOM   246 C C     . VAL A 1 34  ? -8.977  -5.886  0.072   1.000 62.818  0  47  VAL A C     1 ? 
ATOM   247 O O     . VAL A 1 34  ? -7.981  -6.301  0.660   1.000 70.497  0  47  VAL A O     1 ? 
ATOM   248 C CB    . VAL A 1 34  ? -8.970  -4.298  -1.932  1.000 68.853  0  47  VAL A CB    1 ? 
ATOM   249 C CG1   . VAL A 1 34  ? -7.846  -3.481  -1.304  1.000 72.136  0  47  VAL A CG1   1 ? 
ATOM   250 C CG2   . VAL A 1 34  ? -8.896  -4.200  -3.453  1.000 64.865  0  47  VAL A CG2   1 ? 
ATOM   251 N N     . LEU A 1 35  ? -10.115 -5.539  0.689   1.000 58.946  0  48  LEU A N     1 ? 
ATOM   252 C CA    . LEU A 1 35  ? -10.266 -5.528  2.138   1.000 52.022  0  48  LEU A CA    1 ? 
ATOM   253 C C     . LEU A 1 35  ? -9.834  -6.859  2.752   1.000 57.083  0  48  LEU A C     1 ? 
ATOM   254 O O     . LEU A 1 35  ? -10.320 -7.918  2.362   1.000 58.287  0  48  LEU A O     1 ? 
ATOM   255 C CB    . LEU A 1 35  ? -11.725 -5.217  2.459   1.000 47.346  0  48  LEU A CB    1 ? 
ATOM   256 C CG    . LEU A 1 35  ? -12.224 -3.852  1.980   1.000 56.153  0  48  LEU A CG    1 ? 
ATOM   257 C CD1   . LEU A 1 35  ? -13.713 -3.652  2.208   1.000 56.270  0  48  LEU A CD1   1 ? 
ATOM   258 C CD2   . LEU A 1 35  ? -11.421 -2.775  2.683   1.000 66.880  0  48  LEU A CD2   1 ? 
ATOM   259 N N     . GLY A 1 36  ? -8.915  -6.783  3.722   1.000 64.146  0  49  GLY A N     1 ? 
ATOM   260 C CA    . GLY A 1 36  ? -8.437  -7.954  4.438   1.000 65.974  0  49  GLY A CA    1 ? 
ATOM   261 C C     . GLY A 1 36  ? -7.115  -8.495  3.888   1.000 74.507  0  49  GLY A C     1 ? 
ATOM   262 O O     . GLY A 1 36  ? -6.523  -9.383  4.496   1.000 112.620 0  49  GLY A O     1 ? 
ATOM   263 N N     . ARG A 1 37  ? -6.651  -7.965  2.748   1.000 64.368  0  50  ARG A N     1 ? 
ATOM   264 C CA    . ARG A 1 37  ? -5.427  -8.441  2.119   1.000 66.718  0  50  ARG A CA    1 ? 
ATOM   265 C C     . ARG A 1 37  ? -4.310  -7.412  2.273   1.000 67.342  0  50  ARG A C     1 ? 
ATOM   266 O O     . ARG A 1 37  ? -4.582  -6.254  2.574   1.000 127.828 0  50  ARG A O     1 ? 
ATOM   267 C CB    . ARG A 1 37  ? -5.692  -8.700  0.634   1.000 84.307  0  50  ARG A CB    1 ? 
ATOM   268 C CG    . ARG A 1 37  ? -6.794  -9.717  0.378   1.000 114.869 0  50  ARG A CG    1 ? 
ATOM   269 C CD    . ARG A 1 37  ? -7.083  -9.863  -1.107  1.000 121.020 0  50  ARG A CD    1 ? 
ATOM   270 N NE    . ARG A 1 37  ? -5.909  -10.316 -1.861  1.000 118.167 0  50  ARG A NE    1 ? 
ATOM   271 C CZ    . ARG A 1 37  ? -5.859  -10.407 -3.182  1.000 113.561 0  50  ARG A CZ    1 ? 
ATOM   272 N NH1   . ARG A 1 37  ? -6.904  -10.063 -3.913  1.000 101.278 0  50  ARG A NH1   1 ? 
ATOM   273 N NH2   . ARG A 1 37  ? -4.758  -10.840 -3.768  1.000 140.656 0  50  ARG A NH2   1 ? 
ATOM   274 N N     . ASN A 1 38  ? -3.053  -7.831  2.066   1.000 50.746  0  51  ASN A N     1 ? 
ATOM   275 C CA    . ASN A 1 38  ? -1.943  -6.892  2.158   1.000 63.345  0  51  ASN A CA    1 ? 
ATOM   276 C C     . ASN A 1 38  ? -1.641  -6.331  0.770   1.000 67.156  0  51  ASN A C     1 ? 
ATOM   277 O O     . ASN A 1 38  ? -1.705  -7.055  -0.218  1.000 99.140  0  51  ASN A O     1 ? 
ATOM   278 C CB    . ASN A 1 38  ? -0.696  -7.490  2.799   1.000 60.500  0  51  ASN A CB    1 ? 
ATOM   279 C CG    . ASN A 1 38  ? 0.392   -6.449  2.925   1.000 62.779  0  51  ASN A CG    1 ? 
ATOM   280 O OD1   . ASN A 1 38  ? 0.842   -5.908  1.910   1.000 66.150  0  51  ASN A OD1   1 ? 
ATOM   281 N ND2   . ASN A 1 38  ? 0.817   -6.147  4.144   1.000 56.325  0  51  ASN A ND2   1 ? 
ATOM   282 N N     . CYS A 1 39  ? -1.299  -5.037  0.720   1.000 73.668  0  52  CYS A N     1 ? 
ATOM   283 C CA    . CYS A 1 39  ? -1.109  -4.322  -0.533  1.000 84.037  0  52  CYS A CA    1 ? 
ATOM   284 C C     . CYS A 1 39  ? 0.117   -4.808  -1.301  1.000 82.704  0  52  CYS A C     1 ? 
ATOM   285 O O     . CYS A 1 39  ? 0.614   -4.089  -2.167  1.000 113.063 0  52  CYS A O     1 ? 
ATOM   286 C CB    . CYS A 1 39  ? -0.927  -2.826  -0.309  1.000 91.106  0  52  CYS A CB    1 ? 
ATOM   287 S SG    . CYS A 1 39  ? -2.384  -2.008  0.389   1.000 107.057 0  52  CYS A SG    1 ? 
ATOM   288 N N     . ARG A 1 40  ? 0.605   -6.014  -0.990  1.000 63.133  0  53  ARG A N     1 ? 
ATOM   289 C CA    . ARG A 1 40  ? 1.753   -6.557  -1.697  1.000 58.600  0  53  ARG A CA    1 ? 
ATOM   290 C C     . ARG A 1 40  ? 1.267   -7.409  -2.864  1.000 62.537  0  53  ARG A C     1 ? 
ATOM   291 O O     . ARG A 1 40  ? 2.077   -7.995  -3.576  1.000 85.676  0  53  ARG A O     1 ? 
ATOM   292 C CB    . ARG A 1 40  ? 2.654   -7.439  -0.825  1.000 65.952  0  53  ARG A CB    1 ? 
ATOM   293 C CG    . ARG A 1 40  ? 2.044   -8.785  -0.460  1.000 64.863  0  53  ARG A CG    1 ? 
ATOM   294 C CD    . ARG A 1 40  ? 2.936   -9.637  0.435   1.000 61.972  0  53  ARG A CD    1 ? 
ATOM   295 N NE    . ARG A 1 40  ? 3.184   -8.989  1.728   1.000 70.164  0  53  ARG A NE    1 ? 
ATOM   296 C CZ    . ARG A 1 40  ? 2.671   -9.399  2.880   1.000 82.500  0  53  ARG A CZ    1 ? 
ATOM   297 N NH1   . ARG A 1 40  ? 1.866   -10.443 2.901   1.000 97.696  0  53  ARG A NH1   1 ? 
ATOM   298 N NH2   . ARG A 1 40  ? 2.954   -8.760  4.003   1.000 96.926  0  53  ARG A NH2   1 ? 
ATOM   299 N N     . PHE A 1 41  ? -0.056  -7.476  -3.054  1.000 64.740  0  54  PHE A N     1 ? 
ATOM   300 C CA    . PHE A 1 41  ? -0.622  -8.286  -4.121  1.000 66.933  0  54  PHE A CA    1 ? 
ATOM   301 C C     . PHE A 1 41  ? -0.479  -7.529  -5.441  1.000 65.419  0  54  PHE A C     1 ? 
ATOM   302 O O     . PHE A 1 41  ? -0.724  -8.081  -6.510  1.000 91.315  0  54  PHE A O     1 ? 
ATOM   303 C CB    . PHE A 1 41  ? -2.079  -8.689  -3.848  1.000 71.137  0  54  PHE A CB    1 ? 
ATOM   304 C CG    . PHE A 1 41  ? -3.124  -7.578  -3.838  1.000 71.200  0  54  PHE A CG    1 ? 
ATOM   305 C CD1   . PHE A 1 41  ? -3.733  -7.163  -5.017  1.000 86.370  0  54  PHE A CD1   1 ? 
ATOM   306 C CD2   . PHE A 1 41  ? -3.510  -6.963  -2.654  1.000 73.055  0  54  PHE A CD2   1 ? 
ATOM   307 C CE1   . PHE A 1 41  ? -4.687  -6.156  -5.009  1.000 94.278  0  54  PHE A CE1   1 ? 
ATOM   308 C CE2   . PHE A 1 41  ? -4.464  -5.956  -2.653  1.000 83.043  0  54  PHE A CE2   1 ? 
ATOM   309 C CZ    . PHE A 1 41  ? -5.050  -5.556  -3.828  1.000 88.344  0  54  PHE A CZ    1 ? 
ATOM   310 N N     . LEU A 1 42  ? -0.074  -6.260  -5.360  1.000 70.119  0  55  LEU A N     1 ? 
ATOM   311 C CA    . LEU A 1 42  ? 0.071   -5.429  -6.543  1.000 79.797  0  55  LEU A CA    1 ? 
ATOM   312 C C     . LEU A 1 42  ? 1.457   -5.619  -7.160  1.000 84.783  0  55  LEU A C     1 ? 
ATOM   313 O O     . LEU A 1 42  ? 1.746   -5.054  -8.210  1.000 103.064 0  55  LEU A O     1 ? 
ATOM   314 C CB    . LEU A 1 42  ? -0.184  -3.971  -6.157  1.000 81.136  0  55  LEU A CB    1 ? 
ATOM   315 C CG    . LEU A 1 42  ? -1.606  -3.627  -5.698  1.000 68.737  0  55  LEU A CG    1 ? 
ATOM   316 C CD1   . LEU A 1 42  ? -1.692  -2.201  -5.188  1.000 63.528  0  55  LEU A CD1   1 ? 
ATOM   317 C CD2   . LEU A 1 42  ? -2.602  -3.843  -6.827  1.000 66.776  0  55  LEU A CD2   1 ? 
ATOM   318 N N     . GLN A 1 43  ? 2.309   -6.418  -6.503  1.000 80.013  0  56  GLN A N     1 ? 
ATOM   319 C CA    . GLN A 1 43  ? 3.673   -6.643  -6.963  1.000 78.020  0  56  GLN A CA    1 ? 
ATOM   320 C C     . GLN A 1 43  ? 3.682   -7.782  -7.979  1.000 69.660  0  56  GLN A C     1 ? 
ATOM   321 O O     . GLN A 1 43  ? 2.703   -8.514  -8.086  1.000 64.632  0  56  GLN A O     1 ? 
ATOM   322 C CB    . GLN A 1 43  ? 4.568   -6.919  -5.754  1.000 92.098  0  56  GLN A CB    1 ? 
ATOM   323 C CG    . GLN A 1 43  ? 4.571   -5.788  -4.730  1.000 94.069  0  56  GLN A CG    1 ? 
ATOM   324 C CD    . GLN A 1 43  ? 5.371   -6.101  -3.487  1.000 70.357  0  56  GLN A CD    1 ? 
ATOM   325 O OE1   . GLN A 1 43  ? 5.964   -7.178  -3.350  1.000 63.003  0  56  GLN A OE1   1 ? 
ATOM   326 N NE2   . GLN A 1 43  ? 5.389   -5.150  -2.565  1.000 60.126  0  56  GLN A NE2   1 ? 
ATOM   327 N N     . GLY A 1 44  ? 4.790   -7.928  -8.723  1.000 72.679  0  57  GLY A N     1 ? 
ATOM   328 C CA    . GLY A 1 44  ? 4.870   -8.934  -9.773  1.000 82.015  0  57  GLY A CA    1 ? 
ATOM   329 C C     . GLY A 1 44  ? 6.302   -9.367  -10.096 1.000 91.433  0  57  GLY A C     1 ? 
ATOM   330 O O     . GLY A 1 44  ? 7.208   -9.208  -9.281  1.000 127.757 0  57  GLY A O     1 ? 
ATOM   331 N N     . PRO A 1 45  ? 6.533   -9.940  -11.303 1.000 74.190  0  58  PRO A N     1 ? 
ATOM   332 C CA    . PRO A 1 45  ? 7.839   -10.452 -11.711 1.000 64.260  0  58  PRO A CA    1 ? 
ATOM   333 C C     . PRO A 1 45  ? 8.948   -9.427  -11.941 1.000 66.149  0  58  PRO A C     1 ? 
ATOM   334 O O     . PRO A 1 45  ? 10.120  -9.786  -11.895 1.000 84.653  0  58  PRO A O     1 ? 
ATOM   335 C CB    . PRO A 1 45  ? 7.566   -11.146 -13.045 1.000 61.572  0  58  PRO A CB    1 ? 
ATOM   336 C CG    . PRO A 1 45  ? 6.059   -11.317 -13.089 1.000 72.109  0  58  PRO A CG    1 ? 
ATOM   337 C CD    . PRO A 1 45  ? 5.509   -10.151 -12.336 1.000 77.766  0  58  PRO A CD    1 ? 
ATOM   338 N N     . ALA A 1 46  ? 8.595   -8.163  -12.201 1.000 63.404  0  59  ALA A N     1 ? 
ATOM   339 C CA    . ALA A 1 46  ? 9.606   -7.158  -12.498 1.000 61.420  0  59  ALA A CA    1 ? 
ATOM   340 C C     . ALA A 1 46  ? 9.667   -6.092  -11.403 1.000 68.784  0  59  ALA A C     1 ? 
ATOM   341 O O     . ALA A 1 46  ? 10.321  -5.063  -11.580 1.000 67.746  0  59  ALA A O     1 ? 
ATOM   342 C CB    . ALA A 1 46  ? 9.337   -6.544  -13.857 1.000 59.356  0  59  ALA A CB    1 ? 
ATOM   343 N N     . THR A 1 47  ? 8.985   -6.346  -10.278 1.000 69.422  0  60  THR A N     1 ? 
ATOM   344 C CA    . THR A 1 47  ? 9.003   -5.441  -9.138  1.000 67.903  0  60  THR A CA    1 ? 
ATOM   345 C C     . THR A 1 47  ? 10.385  -5.518  -8.493  1.000 76.730  0  60  THR A C     1 ? 
ATOM   346 O O     . THR A 1 47  ? 10.843  -6.603  -8.147  1.000 74.239  0  60  THR A O     1 ? 
ATOM   347 C CB    . THR A 1 47  ? 7.917   -5.815  -8.128  1.000 60.304  0  60  THR A CB    1 ? 
ATOM   348 O OG1   . THR A 1 47  ? 6.684   -5.929  -8.830  1.000 51.585  0  60  THR A OG1   1 ? 
ATOM   349 C CG2   . THR A 1 47  ? 7.778   -4.783  -7.022  1.000 62.093  0  60  THR A CG2   1 ? 
ATOM   350 N N     . ASN A 1 48  ? 11.040  -4.367  -8.326  1.000 84.090  0  61  ASN A N     1 ? 
ATOM   351 C CA    . ASN A 1 48  ? 12.386  -4.342  -7.776  1.000 82.637  0  61  ASN A CA    1 ? 
ATOM   352 C C     . ASN A 1 48  ? 12.351  -4.743  -6.300  1.000 78.087  0  61  ASN A C     1 ? 
ATOM   353 O O     . ASN A 1 48  ? 11.758  -4.047  -5.483  1.000 88.943  0  61  ASN A O     1 ? 
ATOM   354 C CB    . ASN A 1 48  ? 13.042  -2.984  -7.994  1.000 79.019  0  61  ASN A CB    1 ? 
ATOM   355 C CG    . ASN A 1 48  ? 14.484  -2.977  -7.548  1.000 71.773  0  61  ASN A CG    1 ? 
ATOM   356 O OD1   . ASN A 1 48  ? 14.996  -3.990  -7.062  1.000 75.938  0  61  ASN A OD1   1 ? 
ATOM   357 N ND2   . ASN A 1 48  ? 15.158  -1.850  -7.705  1.000 85.632  0  61  ASN A ND2   1 ? 
ATOM   358 N N     . PRO A 1 49  ? 12.992  -5.877  -5.922  1.000 85.859  0  62  PRO A N     1 ? 
ATOM   359 C CA    . PRO A 1 49  ? 12.990  -6.367  -4.546  1.000 83.585  0  62  PRO A CA    1 ? 
ATOM   360 C C     . PRO A 1 49  ? 13.730  -5.501  -3.530  1.000 86.700  0  62  PRO A C     1 ? 
ATOM   361 O O     . PRO A 1 49  ? 13.488  -5.615  -2.331  1.000 114.316 0  62  PRO A O     1 ? 
ATOM   362 C CB    . PRO A 1 49  ? 13.689  -7.721  -4.628  1.000 89.094  0  62  PRO A CB    1 ? 
ATOM   363 C CG    . PRO A 1 49  ? 13.707  -8.065  -6.109  1.000 108.926 0  62  PRO A CG    1 ? 
ATOM   364 C CD    . PRO A 1 49  ? 13.743  -6.757  -6.829  1.000 112.797 0  62  PRO A CD    1 ? 
ATOM   365 N N     . GLU A 1 50  ? 14.639  -4.646  -4.010  1.000 88.966  0  63  GLU A N     1 ? 
ATOM   366 C CA    . GLU A 1 50  ? 15.400  -3.770  -3.134  1.000 95.970  0  63  GLU A CA    1 ? 
ATOM   367 C C     . GLU A 1 50  ? 14.522  -2.606  -2.679  1.000 81.968  0  63  GLU A C     1 ? 
ATOM   368 O O     . GLU A 1 50  ? 14.704  -2.087  -1.581  1.000 82.632  0  63  GLU A O     1 ? 
ATOM   369 C CB    . GLU A 1 50  ? 16.636  -3.222  -3.846  1.000 130.107 0  63  GLU A CB    1 ? 
ATOM   370 C CG    . GLU A 1 50  ? 17.588  -4.307  -4.342  1.000 163.145 0  63  GLU A CG    1 ? 
ATOM   371 C CD    . GLU A 1 50  ? 18.756  -3.777  -5.157  1.000 178.999 0  63  GLU A CD    1 ? 
ATOM   372 O OE1   . GLU A 1 50  ? 19.564  -4.599  -5.639  1.000 188.965 0  63  GLU A OE1   1 ? 
ATOM   373 O OE2   . GLU A 1 50  ? 18.860  -2.542  -5.312  1.000 173.080 0  63  GLU A OE2   1 ? 
ATOM   374 N N     . THR A 1 51  ? 13.580  -2.205  -3.541  1.000 73.644  0  64  THR A N     1 ? 
ATOM   375 C CA    . THR A 1 51  ? 12.641  -1.137  -3.238  1.000 72.125  0  64  THR A CA    1 ? 
ATOM   376 C C     . THR A 1 51  ? 11.604  -1.650  -2.243  1.000 81.763  0  64  THR A C     1 ? 
ATOM   377 O O     . THR A 1 51  ? 11.113  -0.894  -1.410  1.000 106.821 0  64  THR A O     1 ? 
ATOM   378 C CB    . THR A 1 51  ? 11.958  -0.658  -4.520  1.000 85.087  0  64  THR A CB    1 ? 
ATOM   379 O OG1   . THR A 1 51  ? 12.979  -0.185  -5.392  1.000 109.802 0  64  THR A OG1   1 ? 
ATOM   380 C CG2   . THR A 1 51  ? 10.953  0.451   -4.260  1.000 80.534  0  64  THR A CG2   1 ? 
ATOM   381 N N     . VAL A 1 52  ? 11.277  -2.944  -2.357  1.000 77.863  0  65  VAL A N     1 ? 
ATOM   382 C CA    . VAL A 1 52  ? 10.272  -3.570  -1.514  1.000 71.357  0  65  VAL A CA    1 ? 
ATOM   383 C C     . VAL A 1 52  ? 10.869  -3.816  -0.132  1.000 84.696  0  65  VAL A C     1 ? 
ATOM   384 O O     . VAL A 1 52  ? 10.185  -3.661  0.876   1.000 160.745 0  65  VAL A O     1 ? 
ATOM   385 C CB    . VAL A 1 52  ? 9.723   -4.876  -2.120  1.000 68.465  0  65  VAL A CB    1 ? 
ATOM   386 C CG1   . VAL A 1 52  ? 8.915   -5.678  -1.106  1.000 74.547  0  65  VAL A CG1   1 ? 
ATOM   387 C CG2   . VAL A 1 52  ? 8.900   -4.621  -3.379  1.000 71.910  0  65  VAL A CG2   1 ? 
ATOM   388 N N     . ALA A 1 53  ? 12.148  -4.198  -0.096  1.000 80.692  0  66  ALA A N     1 ? 
ATOM   389 C CA    . ALA A 1 53  ? 12.821  -4.470  1.163   1.000 93.443  0  66  ALA A CA    1 ? 
ATOM   390 C C     . ALA A 1 53  ? 12.946  -3.184  1.980   1.000 97.345  0  66  ALA A C     1 ? 
ATOM   391 O O     . ALA A 1 53  ? 12.800  -3.205  3.201   1.000 102.009 0  66  ALA A O     1 ? 
ATOM   392 C CB    . ALA A 1 53  ? 14.172  -5.096  0.901   1.000 105.311 0  66  ALA A CB    1 ? 
ATOM   393 N N     . ARG A 1 54  ? 13.217  -2.067  1.295   1.000 89.756  0  67  ARG A N     1 ? 
ATOM   394 C CA    . ARG A 1 54  ? 13.371  -0.783  1.961   1.000 88.357  0  67  ARG A CA    1 ? 
ATOM   395 C C     . ARG A 1 54  ? 12.016  -0.349  2.516   1.000 76.747  0  67  ARG A C     1 ? 
ATOM   396 O O     . ARG A 1 54  ? 11.944  0.327   3.539   1.000 75.965  0  67  ARG A O     1 ? 
ATOM   397 C CB    . ARG A 1 54  ? 13.945  0.278   1.010   1.000 102.600 0  67  ARG A CB    1 ? 
ATOM   398 C CG    . ARG A 1 54  ? 14.223  1.622   1.672   1.000 115.992 0  67  ARG A CG    1 ? 
ATOM   399 C CD    . ARG A 1 54  ? 14.840  2.686   0.760   1.000 112.313 0  67  ARG A CD    1 ? 
ATOM   400 N NE    . ARG A 1 54  ? 13.968  3.124   -0.338  1.000 109.936 0  67  ARG A NE    1 ? 
ATOM   401 C CZ    . ARG A 1 54  ? 14.304  3.134   -1.622  1.000 120.973 0  67  ARG A CZ    1 ? 
ATOM   402 N NH1   . ARG A 1 54  ? 15.511  2.748   -1.995  1.000 129.055 0  67  ARG A NH1   1 ? 
ATOM   403 N NH2   . ARG A 1 54  ? 13.435  3.536   -2.533  1.000 149.457 0  67  ARG A NH2   1 ? 
ATOM   404 N N     . LEU A 1 55  ? 10.946  -0.753  1.824   1.000 82.901  0  68  LEU A N     1 ? 
ATOM   405 C CA    . LEU A 1 55  ? 9.594   -0.367  2.191   1.000 82.678  0  68  LEU A CA    1 ? 
ATOM   406 C C     . LEU A 1 55  ? 9.138   -1.171  3.410   1.000 83.161  0  68  LEU A C     1 ? 
ATOM   407 O O     . LEU A 1 55  ? 8.391   -0.659  4.239   1.000 134.850 0  68  LEU A O     1 ? 
ATOM   408 C CB    . LEU A 1 55  ? 8.692   -0.575  0.974   1.000 78.034  0  68  LEU A CB    1 ? 
ATOM   409 C CG    . LEU A 1 55  ? 7.232   -0.133  1.111   1.000 76.728  0  68  LEU A CG    1 ? 
ATOM   410 C CD1   . LEU A 1 55  ? 7.112   1.352   1.387   1.000 67.170  0  68  LEU A CD1   1 ? 
ATOM   411 C CD2   . LEU A 1 55  ? 6.455   -0.503  -0.142  1.000 95.013  0  68  LEU A CD2   1 ? 
ATOM   412 N N     . ARG A 1 56  ? 9.596   -2.426  3.516   1.000 82.142  0  69  ARG A N     1 ? 
ATOM   413 C CA    . ARG A 1 56  ? 9.204   -3.312  4.607   1.000 95.565  0  69  ARG A CA    1 ? 
ATOM   414 C C     . ARG A 1 56  ? 9.986   -3.011  5.882   1.000 100.452 0  69  ARG A C     1 ? 
ATOM   415 O O     . ARG A 1 56  ? 9.559   -3.373  6.977   1.000 106.833 0  69  ARG A O     1 ? 
ATOM   416 C CB    . ARG A 1 56  ? 9.369   -4.793  4.241   1.000 115.625 0  69  ARG A CB    1 ? 
ATOM   417 C CG    . ARG A 1 56  ? 9.701   -5.700  5.419   1.000 120.185 0  69  ARG A CG    1 ? 
ATOM   418 C CD    . ARG A 1 56  ? 11.210  -5.798  5.606   1.000 125.541 0  69  ARG A CD    1 ? 
ATOM   419 N NE    . ARG A 1 56  ? 11.773  -6.584  4.501   1.000 139.073 0  69  ARG A NE    1 ? 
ATOM   420 C CZ    . ARG A 1 56  ? 11.511  -7.870  4.308   1.000 137.088 0  69  ARG A CZ    1 ? 
ATOM   421 N NH1   . ARG A 1 56  ? 11.991  -8.496  3.247   1.000 171.487 0  69  ARG A NH1   1 ? 
ATOM   422 N NH2   . ARG A 1 56  ? 10.754  -8.524  5.172   1.000 108.898 0  69  ARG A NH2   1 ? 
ATOM   423 N N     . ARG A 1 57  ? 11.137  -2.356  5.730   1.000 99.156  0  70  ARG A N     1 ? 
ATOM   424 C CA    . ARG A 1 57  ? 11.928  -1.962  6.880   1.000 87.073  0  70  ARG A CA    1 ? 
ATOM   425 C C     . ARG A 1 57  ? 11.282  -0.741  7.529   1.000 67.518  0  70  ARG A C     1 ? 
ATOM   426 O O     . ARG A 1 57  ? 11.181  -0.661  8.748   1.000 63.431  0  70  ARG A O     1 ? 
ATOM   427 C CB    . ARG A 1 57  ? 13.361  -1.668  6.436   1.000 106.506 0  70  ARG A CB    1 ? 
ATOM   428 C CG    . ARG A 1 57  ? 14.295  -1.243  7.558   1.000 122.506 0  70  ARG A CG    1 ? 
ATOM   429 C CD    . ARG A 1 57  ? 15.643  -0.936  6.950   1.000 132.112 0  70  ARG A CD    1 ? 
ATOM   430 N NE    . ARG A 1 57  ? 16.078  -2.093  6.162   1.000 135.517 0  70  ARG A NE    1 ? 
ATOM   431 C CZ    . ARG A 1 57  ? 17.134  -2.112  5.367   1.000 150.635 0  70  ARG A CZ    1 ? 
ATOM   432 N NH1   . ARG A 1 57  ? 17.873  -1.026  5.226   1.000 166.537 0  70  ARG A NH1   1 ? 
ATOM   433 N NH2   . ARG A 1 57  ? 17.443  -3.219  4.715   1.000 152.991 0  70  ARG A NH2   1 ? 
ATOM   434 N N     . ALA A 1 58  ? 10.842  0.209   6.698   1.000 64.411  0  71  ALA A N     1 ? 
ATOM   435 C CA    . ALA A 1 58  ? 10.207  1.421   7.184   1.000 72.478  0  71  ALA A CA    1 ? 
ATOM   436 C C     . ALA A 1 58  ? 8.902   1.087   7.908   1.000 93.503  0  71  ALA A C     1 ? 
ATOM   437 O O     . ALA A 1 58  ? 8.630   1.639   8.971   1.000 121.628 0  71  ALA A O     1 ? 
ATOM   438 C CB    . ALA A 1 58  ? 9.979   2.376   6.032   1.000 70.600  0  71  ALA A CB    1 ? 
ATOM   439 N N     . ILE A 1 59  ? 8.098   0.184   7.327   1.000 113.756 0  72  ILE A N     1 ? 
ATOM   440 C CA    . ILE A 1 59  ? 6.819   -0.209  7.904   1.000 100.746 0  72  ILE A CA    1 ? 
ATOM   441 C C     . ILE A 1 59  ? 7.050   -0.918  9.236   1.000 93.412  0  72  ILE A C     1 ? 
ATOM   442 O O     . ILE A 1 59  ? 6.232   -0.818  10.148  1.000 82.011  0  72  ILE A O     1 ? 
ATOM   443 C CB    . ILE A 1 59  ? 6.017   -1.098  6.933   1.000 89.768  0  72  ILE A CB    1 ? 
ATOM   444 C CG1   . ILE A 1 59  ? 5.600   -0.339  5.676   1.000 116.018 0  72  ILE A CG1   1 ? 
ATOM   445 C CG2   . ILE A 1 59  ? 4.805   -1.712  7.632   1.000 84.284  0  72  ILE A CG2   1 ? 
ATOM   446 C CD1   . ILE A 1 59  ? 4.880   -1.195  4.651   1.000 122.433 0  72  ILE A CD1   1 ? 
ATOM   447 N N     . HIS A 1 60  ? 8.170   -1.639  9.335   1.000 94.224  0  73  HIS A N     1 ? 
ATOM   448 C CA    . HIS A 1 60  ? 8.492   -2.402  10.529  1.000 111.506 0  73  HIS A CA    1 ? 
ATOM   449 C C     . HIS A 1 60  ? 9.099   -1.500  11.605  1.000 96.919  0  73  HIS A C     1 ? 
ATOM   450 O O     . HIS A 1 60  ? 9.139   -1.871  12.776  1.000 73.704  0  73  HIS A O     1 ? 
ATOM   451 C CB    . HIS A 1 60  ? 9.429   -3.564  10.186  1.000 133.068 0  73  HIS A CB    1 ? 
ATOM   452 C CG    . HIS A 1 60  ? 9.881   -4.329  11.386  1.000 135.968 0  73  HIS A CG    1 ? 
ATOM   453 N ND1   . HIS A 1 60  ? 9.216   -5.435  11.867  1.000 142.190 0  73  HIS A ND1   1 ? 
ATOM   454 C CD2   . HIS A 1 60  ? 10.930  -4.142  12.200  1.000 106.424 0  73  HIS A CD2   1 ? 
ATOM   455 C CE1   . HIS A 1 60  ? 9.851   -5.894  12.937  1.000 129.410 0  73  HIS A CE1   1 ? 
ATOM   456 N NE2   . HIS A 1 60  ? 10.894  -5.123  13.156  1.000 100.148 0  73  HIS A NE2   1 ? 
ATOM   457 N N     . GLU A 1 61  ? 9.580   -0.319  11.208  1.000 105.501 0  74  GLU A N     1 ? 
ATOM   458 C CA    . GLU A 1 61  ? 10.174  0.611   12.155  1.000 105.773 0  74  GLU A CA    1 ? 
ATOM   459 C C     . GLU A 1 61  ? 9.170   1.709   12.493  1.000 101.850 0  74  GLU A C     1 ? 
ATOM   460 O O     . GLU A 1 61  ? 9.460   2.588   13.300  1.000 81.688  0  74  GLU A O     1 ? 
ATOM   461 C CB    . GLU A 1 61  ? 11.461  1.226   11.605  1.000 125.331 0  74  GLU A CB    1 ? 
ATOM   462 C CG    . GLU A 1 61  ? 12.584  0.215   11.395  1.000 143.797 0  74  GLU A CG    1 ? 
ATOM   463 C CD    . GLU A 1 61  ? 13.855  0.805   10.806  1.000 169.238 0  74  GLU A CD    1 ? 
ATOM   464 O OE1   . GLU A 1 61  ? 14.827  0.044   10.608  1.000 162.416 0  74  GLU A OE1   1 ? 
ATOM   465 O OE2   . GLU A 1 61  ? 13.876  2.026   10.543  1.000 184.615 0  74  GLU A OE2   1 ? 
ATOM   466 N N     . GLY A 1 62  ? 7.992   1.650   11.864  1.000 109.017 0  75  GLY A N     1 ? 
ATOM   467 C CA    . GLY A 1 62  ? 6.944   2.629   12.099  1.000 99.462  0  75  GLY A CA    1 ? 
ATOM   468 C C     . GLY A 1 62  ? 7.382   4.037   11.704  1.000 80.490  0  75  GLY A C     1 ? 
ATOM   469 O O     . GLY A 1 62  ? 7.244   4.976   12.485  1.000 55.803  0  75  GLY A O     1 ? 
ATOM   470 N N     . ARG A 1 63  ? 7.908   4.167   10.482  1.000 85.100  0  76  ARG A N     1 ? 
ATOM   471 C CA    . ARG A 1 63  ? 8.342   5.451   9.958   1.000 87.968  0  76  ARG A CA    1 ? 
ATOM   472 C C     . ARG A 1 63  ? 7.727   5.669   8.581   1.000 88.773  0  76  ARG A C     1 ? 
ATOM   473 O O     . ARG A 1 63  ? 7.406   4.712   7.879   1.000 105.441 0  76  ARG A O     1 ? 
ATOM   474 C CB    . ARG A 1 63  ? 9.866   5.523   9.831   1.000 106.974 0  76  ARG A CB    1 ? 
ATOM   475 C CG    . ARG A 1 63  ? 10.623  5.405   11.146  1.000 127.157 0  76  ARG A CG    1 ? 
ATOM   476 C CD    . ARG A 1 63  ? 12.119  5.515   10.912  1.000 134.091 0  76  ARG A CD    1 ? 
ATOM   477 N NE    . ARG A 1 63  ? 12.604  4.447   10.029  1.000 139.669 0  76  ARG A NE    1 ? 
ATOM   478 C CZ    . ARG A 1 63  ? 13.098  4.631   8.810   1.000 153.731 0  76  ARG A CZ    1 ? 
ATOM   479 N NH1   . ARG A 1 63  ? 13.160  5.847   8.295   1.000 196.039 0  76  ARG A NH1   1 ? 
ATOM   480 N NH2   . ARG A 1 63  ? 13.525  3.596   8.107   1.000 135.619 0  76  ARG A NH2   1 ? 
ATOM   481 N N     . PRO A 1 64  ? 7.543   6.939   8.155   1.000 81.089  0  77  PRO A N     1 ? 
ATOM   482 C CA    . PRO A 1 64  ? 7.009   7.220   6.830   1.000 87.609  0  77  PRO A CA    1 ? 
ATOM   483 C C     . PRO A 1 64  ? 7.946   6.735   5.731   1.000 91.079  0  77  PRO A C     1 ? 
ATOM   484 O O     . PRO A 1 64  ? 9.119   6.472   5.991   1.000 87.557  0  77  PRO A O     1 ? 
ATOM   485 C CB    . PRO A 1 64  ? 6.791   8.732   6.840   1.000 89.453  0  77  PRO A CB    1 ? 
ATOM   486 C CG    . PRO A 1 64  ? 7.748   9.234   7.907   1.000 98.040  0  77  PRO A CG    1 ? 
ATOM   487 C CD    . PRO A 1 64  ? 7.843   8.149   8.935   1.000 86.404  0  77  PRO A CD    1 ? 
ATOM   488 N N     . ALA A 1 65  ? 7.413   6.611   4.510   1.000 95.569  0  78  ALA A N     1 ? 
ATOM   489 C CA    . ALA A 1 65  ? 8.189   6.133   3.377   1.000 85.661  0  78  ALA A CA    1 ? 
ATOM   490 C C     . ALA A 1 65  ? 7.698   6.793   2.092   1.000 82.729  0  78  ALA A C     1 ? 
ATOM   491 O O     . ALA A 1 65  ? 6.581   7.305   2.036   1.000 97.397  0  78  ALA A O     1 ? 
ATOM   492 C CB    . ALA A 1 65  ? 8.093   4.625   3.291   1.000 86.563  0  78  ALA A CB    1 ? 
ATOM   493 N N     . HIS A 1 66  ? 8.556   6.778   1.065   1.000 73.096  0  79  HIS A N     1 ? 
ATOM   494 C CA    . HIS A 1 66  ? 8.211   7.301   -0.248  1.000 81.036  0  79  HIS A CA    1 ? 
ATOM   495 C C     . HIS A 1 66  ? 9.074   6.593   -1.287  1.000 79.362  0  79  HIS A C     1 ? 
ATOM   496 O O     . HIS A 1 66  ? 10.267  6.864   -1.393  1.000 91.410  0  79  HIS A O     1 ? 
ATOM   497 C CB    . HIS A 1 66  ? 8.374   8.824   -0.303  1.000 104.069 0  79  HIS A CB    1 ? 
ATOM   498 C CG    . HIS A 1 66  ? 7.977   9.427   -1.612  1.000 103.609 0  79  HIS A CG    1 ? 
ATOM   499 N ND1   . HIS A 1 66  ? 8.544   10.578  -2.116  1.000 96.665  0  79  HIS A ND1   1 ? 
ATOM   500 C CD2   . HIS A 1 66  ? 7.066   9.040   -2.517  1.000 93.566  0  79  HIS A CD2   1 ? 
ATOM   501 C CE1   . HIS A 1 66  ? 7.989   10.864  -3.286  1.000 80.525  0  79  HIS A CE1   1 ? 
ATOM   502 N NE2   . HIS A 1 66  ? 7.088   9.945   -3.548  1.000 74.643  0  79  HIS A NE2   1 ? 
ATOM   503 N N     . VAL A 1 67  ? 8.454   5.685   -2.050  1.000 74.304  0  80  VAL A N     1 ? 
ATOM   504 C CA    . VAL A 1 67  ? 9.176   4.866   -3.008  1.000 71.868  0  80  VAL A CA    1 ? 
ATOM   505 C C     . VAL A 1 67  ? 8.494   4.953   -4.368  1.000 73.185  0  80  VAL A C     1 ? 
ATOM   506 O O     . VAL A 1 67  ? 7.412   5.524   -4.498  1.000 70.661  0  80  VAL A O     1 ? 
ATOM   507 C CB    . VAL A 1 67  ? 9.269   3.399   -2.538  1.000 84.774  0  80  VAL A CB    1 ? 
ATOM   508 C CG1   . VAL A 1 67  ? 10.133  3.246   -1.292  1.000 83.518  0  80  VAL A CG1   1 ? 
ATOM   509 C CG2   . VAL A 1 67  ? 7.894   2.781   -2.307  1.000 98.415  0  80  VAL A CG2   1 ? 
ATOM   510 N N     . LEU A 1 68  ? 9.162   4.374   -5.372  1.000 71.703  0  81  LEU A N     1 ? 
ATOM   511 C CA    . LEU A 1 68  ? 8.629   4.253   -6.717  1.000 71.181  0  81  LEU A CA    1 ? 
ATOM   512 C C     . LEU A 1 68  ? 8.890   2.828   -7.207  1.000 79.142  0  81  LEU A C     1 ? 
ATOM   513 O O     . LEU A 1 68  ? 9.978   2.529   -7.696  1.000 104.698 0  81  LEU A O     1 ? 
ATOM   514 C CB    . LEU A 1 68  ? 9.267   5.298   -7.632  1.000 64.358  0  81  LEU A CB    1 ? 
ATOM   515 C CG    . LEU A 1 68  ? 8.800   5.280   -9.091  1.000 86.328  0  81  LEU A CG    1 ? 
ATOM   516 C CD1   . LEU A 1 68  ? 7.319   5.608   -9.179  1.000 110.497 0  81  LEU A CD1   1 ? 
ATOM   517 C CD2   . LEU A 1 68  ? 9.601   6.225   -9.971  1.000 76.429  0  81  LEU A CD2   1 ? 
ATOM   518 N N     . LEU A 1 69  ? 7.886   1.950   -7.065  1.000 68.395  0  82  LEU A N     1 ? 
ATOM   519 C CA    . LEU A 1 69  ? 8.025   0.555   -7.458  1.000 70.330  0  82  LEU A CA    1 ? 
ATOM   520 C C     . LEU A 1 69  ? 6.990   0.234   -8.533  1.000 80.640  0  82  LEU A C     1 ? 
ATOM   521 O O     . LEU A 1 69  ? 5.980   0.920   -8.653  1.000 79.362  0  82  LEU A O     1 ? 
ATOM   522 C CB    . LEU A 1 69  ? 7.874   -0.396  -6.269  1.000 59.825  0  82  LEU A CB    1 ? 
ATOM   523 C CG    . LEU A 1 69  ? 6.481   -0.478  -5.636  1.000 61.890  0  82  LEU A CG    1 ? 
ATOM   524 C CD1   . LEU A 1 69  ? 6.399   -1.603  -4.624  1.000 54.602  0  82  LEU A CD1   1 ? 
ATOM   525 C CD2   . LEU A 1 69  ? 6.090   0.828   -4.977  1.000 83.673  0  82  LEU A CD2   1 ? 
ATOM   526 N N     . LEU A 1 70  ? 7.266   -0.826  -9.303  1.000 84.282  0  83  LEU A N     1 ? 
ATOM   527 C CA    . LEU A 1 70  ? 6.390   -1.273  -10.373 1.000 61.542  0  83  LEU A CA    1 ? 
ATOM   528 C C     . LEU A 1 70  ? 5.315   -2.191  -9.800  1.000 53.183  0  83  LEU A C     1 ? 
ATOM   529 O O     . LEU A 1 70  ? 5.633   -3.156  -9.111  1.000 50.980  0  83  LEU A O     1 ? 
ATOM   530 C CB    . LEU A 1 70  ? 7.243   -2.003  -11.410 1.000 67.485  0  83  LEU A CB    1 ? 
ATOM   531 C CG    . LEU A 1 70  ? 6.508   -2.492  -12.662 1.000 71.389  0  83  LEU A CG    1 ? 
ATOM   532 C CD1   . LEU A 1 70  ? 6.102   -1.305  -13.515 1.000 88.487  0  83  LEU A CD1   1 ? 
ATOM   533 C CD2   . LEU A 1 70  ? 7.351   -3.473  -13.457 1.000 72.275  0  83  LEU A CD2   1 ? 
ATOM   534 N N     . ASN A 1 71  ? 4.042   -1.884  -10.087 1.000 54.081  0  84  ASN A N     1 ? 
ATOM   535 C CA    . ASN A 1 71  ? 2.922   -2.711  -9.656  1.000 58.788  0  84  ASN A CA    1 ? 
ATOM   536 C C     . ASN A 1 71  ? 2.204   -3.262  -10.891 1.000 62.948  0  84  ASN A C     1 ? 
ATOM   537 O O     . ASN A 1 71  ? 2.629   -3.011  -12.016 1.000 71.512  0  84  ASN A O     1 ? 
ATOM   538 C CB    . ASN A 1 71  ? 1.983   -1.964  -8.712  1.000 65.190  0  84  ASN A CB    1 ? 
ATOM   539 C CG    . ASN A 1 71  ? 2.536   -1.835  -7.310  1.000 81.901  0  84  ASN A CG    1 ? 
ATOM   540 O OD1   . ASN A 1 71  ? 1.897   -1.232  -6.439  1.000 84.440  0  84  ASN A OD1   1 ? 
ATOM   541 N ND2   . ASN A 1 71  ? 3.712   -2.393  -7.063  1.000 91.815  0  84  ASN A ND2   1 ? 
ATOM   542 N N     . TYR A 1 72  ? 1.119   -4.017  -10.666 1.000 56.264  0  85  TYR A N     1 ? 
ATOM   543 C CA    . TYR A 1 72  ? 0.376   -4.661  -11.739 1.000 50.629  0  85  TYR A CA    1 ? 
ATOM   544 C C     . TYR A 1 72  ? -1.123  -4.619  -11.450 1.000 60.910  0  85  TYR A C     1 ? 
ATOM   545 O O     . TYR A 1 72  ? -1.567  -5.107  -10.412 1.000 62.115  0  85  TYR A O     1 ? 
ATOM   546 C CB    . TYR A 1 72  ? 0.814   -6.121  -11.894 1.000 52.339  0  85  TYR A CB    1 ? 
ATOM   547 C CG    . TYR A 1 72  ? 2.229   -6.335  -12.416 1.000 59.284  0  85  TYR A CG    1 ? 
ATOM   548 C CD1   . TYR A 1 72  ? 3.329   -6.247  -11.573 1.000 65.604  0  85  TYR A CD1   1 ? 
ATOM   549 C CD2   . TYR A 1 72  ? 2.462   -6.638  -13.752 1.000 73.057  0  85  TYR A CD2   1 ? 
ATOM   550 C CE1   . TYR A 1 72  ? 4.618   -6.441  -12.043 1.000 66.866  0  85  TYR A CE1   1 ? 
ATOM   551 C CE2   . TYR A 1 72  ? 3.745   -6.835  -14.234 1.000 83.676  0  85  TYR A CE2   1 ? 
ATOM   552 C CZ    . TYR A 1 72  ? 4.828   -6.737  -13.377 1.000 78.363  0  85  TYR A CZ    1 ? 
ATOM   553 O OH    . TYR A 1 72  ? 6.094   -6.932  -13.850 1.000 102.980 0  85  TYR A OH    1 ? 
ATOM   554 N N     . ARG A 1 73  ? -1.894  -4.043  -12.384 1.000 72.058  0  86  ARG A N     1 ? 
ATOM   555 C CA    . ARG A 1 73  ? -3.342  -3.972  -12.255 1.000 80.296  0  86  ARG A CA    1 ? 
ATOM   556 C C     . ARG A 1 73  ? -3.900  -5.392  -12.229 1.000 79.821  0  86  ARG A C     1 ? 
ATOM   557 O O     . ARG A 1 73  ? -3.145  -6.361  -12.233 1.000 81.032  0  86  ARG A O     1 ? 
ATOM   558 C CB    . ARG A 1 73  ? -4.019  -3.216  -13.406 1.000 88.165  0  86  ARG A CB    1 ? 
ATOM   559 C CG    . ARG A 1 73  ? -3.547  -1.794  -13.673 1.000 95.481  0  86  ARG A CG    1 ? 
ATOM   560 C CD    . ARG A 1 73  ? -4.396  -1.134  -14.755 1.000 104.800 0  86  ARG A CD    1 ? 
ATOM   561 N NE    . ARG A 1 73  ? -3.797  0.102   -15.270 1.000 139.741 0  86  ARG A NE    1 ? 
ATOM   562 C CZ    . ARG A 1 73  ? -3.495  1.177   -14.550 1.000 184.107 0  86  ARG A CZ    1 ? 
ATOM   563 N NH1   . ARG A 1 73  ? -3.758  1.207   -13.255 1.000 208.899 0  86  ARG A NH1   1 ? 
ATOM   564 N NH2   . ARG A 1 73  ? -2.933  2.221   -15.131 1.000 205.552 0  86  ARG A NH2   1 ? 
ATOM   565 N N     . LYS A 1 74  ? -5.232  -5.507  -12.205 1.000 90.002  0  87  LYS A N     1 ? 
ATOM   566 C CA    . LYS A 1 74  ? -5.876  -6.808  -12.184 1.000 86.436  0  87  LYS A CA    1 ? 
ATOM   567 C C     . LYS A 1 74  ? -5.713  -7.460  -13.554 1.000 71.972  0  87  LYS A C     1 ? 
ATOM   568 O O     . LYS A 1 74  ? -5.515  -8.668  -13.654 1.000 52.970  0  87  LYS A O     1 ? 
ATOM   569 C CB    . LYS A 1 74  ? -7.351  -6.682  -11.785 1.000 90.833  0  87  LYS A CB    1 ? 
ATOM   570 C CG    . LYS A 1 74  ? -8.073  -8.015  -11.649 1.000 88.225  0  87  LYS A CG    1 ? 
ATOM   571 C CD    . LYS A 1 74  ? -9.480  -7.931  -11.074 1.000 101.330 0  87  LYS A CD    1 ? 
ATOM   572 C CE    . LYS A 1 74  ? -10.078 -9.293  -10.896 1.000 105.267 0  87  LYS A CE    1 ? 
ATOM   573 N NZ    . LYS A 1 74  ? -11.405 -9.250  -10.276 1.000 114.508 0  87  LYS A NZ    1 ? 
ATOM   574 N N     . ASP A 1 75  ? -5.787  -6.634  -14.604 1.000 80.194  0  88  ASP A N     1 ? 
ATOM   575 C CA    . ASP A 1 75  ? -5.714  -7.102  -15.980 1.000 79.948  0  88  ASP A CA    1 ? 
ATOM   576 C C     . ASP A 1 75  ? -4.301  -7.579  -16.326 1.000 79.093  0  88  ASP A C     1 ? 
ATOM   577 O O     . ASP A 1 75  ? -4.097  -8.157  -17.388 1.000 59.419  0  88  ASP A O     1 ? 
ATOM   578 C CB    . ASP A 1 75  ? -6.245  -6.047  -16.943 1.000 77.424  0  88  ASP A CB    1 ? 
ATOM   579 C CG    . ASP A 1 75  ? -5.714  -4.632  -16.746 1.000 104.201 0  88  ASP A CG    1 ? 
ATOM   580 O OD1   . ASP A 1 75  ? -4.930  -4.425  -15.798 1.000 149.247 0  88  ASP A OD1   1 ? 
ATOM   581 O OD2   . ASP A 1 75  ? -6.088  -3.743  -17.540 1.000 91.807  0  88  ASP A OD2   1 ? 
ATOM   582 N N     . GLY A 1 76  ? -3.330  -7.336  -15.437 1.000 96.172  0  89  GLY A N     1 ? 
ATOM   583 C CA    . GLY A 1 76  ? -1.966  -7.804  -15.647 1.000 82.888  0  89  GLY A CA    1 ? 
ATOM   584 C C     . GLY A 1 76  ? -1.079  -6.755  -16.318 1.000 83.232  0  89  GLY A C     1 ? 
ATOM   585 O O     . GLY A 1 76  ? 0.066   -7.038  -16.656 1.000 81.481  0  89  GLY A O     1 ? 
ATOM   586 N N     . GLN A 1 77  ? -1.619  -5.547  -16.506 1.000 85.529  0  90  GLN A N     1 ? 
ATOM   587 C CA    . GLN A 1 77  ? -0.881  -4.441  -17.092 1.000 88.126  0  90  GLN A CA    1 ? 
ATOM   588 C C     . GLN A 1 77  ? -0.053  -3.755  -16.009 1.000 77.962  0  90  GLN A C     1 ? 
ATOM   589 O O     . GLN A 1 77  ? -0.570  -3.446  -14.937 1.000 107.051 0  90  GLN A O     1 ? 
ATOM   590 C CB    . GLN A 1 77  ? -1.862  -3.454  -17.723 1.000 122.728 0  90  GLN A CB    1 ? 
ATOM   591 C CG    . GLN A 1 77  ? -1.221  -2.172  -18.243 1.000 136.232 0  90  GLN A CG    1 ? 
ATOM   592 C CD    . GLN A 1 77  ? -2.243  -1.166  -18.724 1.000 178.835 0  90  GLN A CD    1 ? 
ATOM   593 O OE1   . GLN A 1 77  ? -3.148  -0.758  -17.985 1.000 199.744 0  90  GLN A OE1   1 ? 
ATOM   594 N NE2   . GLN A 1 77  ? -2.114  -0.758  -19.978 1.000 216.637 0  90  GLN A NE2   1 ? 
ATOM   595 N N     . PRO A 1 78  ? 1.252   -3.497  -16.248 1.000 66.125  0  91  PRO A N     1 ? 
ATOM   596 C CA    . PRO A 1 78  ? 2.107   -2.834  -15.271 1.000 83.076  0  91  PRO A CA    1 ? 
ATOM   597 C C     . PRO A 1 78  ? 1.965   -1.313  -15.247 1.000 85.431  0  91  PRO A C     1 ? 
ATOM   598 O O     . PRO A 1 78  ? 1.537   -0.712  -16.232 1.000 97.127  0  91  PRO A O     1 ? 
ATOM   599 C CB    . PRO A 1 78  ? 3.504   -3.257  -15.706 1.000 84.165  0  91  PRO A CB    1 ? 
ATOM   600 C CG    . PRO A 1 78  ? 3.358   -3.332  -17.215 1.000 78.536  0  91  PRO A CG    1 ? 
ATOM   601 C CD    . PRO A 1 78  ? 1.973   -3.853  -17.479 1.000 77.169  0  91  PRO A CD    1 ? 
ATOM   602 N N     . PHE A 1 79  ? 2.334   -0.702  -14.110 1.000 75.238  0  92  PHE A N     1 ? 
ATOM   603 C CA    . PHE A 1 79  ? 2.287   0.745   -13.958 1.000 60.357  0  92  PHE A CA    1 ? 
ATOM   604 C C     . PHE A 1 79  ? 3.274   1.189   -12.880 1.000 59.551  0  92  PHE A C     1 ? 
ATOM   605 O O     . PHE A 1 79  ? 3.462   0.497   -11.882 1.000 81.232  0  92  PHE A O     1 ? 
ATOM   606 C CB    . PHE A 1 79  ? 0.853   1.190   -13.636 1.000 65.471  0  92  PHE A CB    1 ? 
ATOM   607 C CG    . PHE A 1 79  ? 0.295   0.857   -12.252 1.000 81.443  0  92  PHE A CG    1 ? 
ATOM   608 C CD1   . PHE A 1 79  ? -0.289  -0.379  -11.978 1.000 69.095  0  92  PHE A CD1   1 ? 
ATOM   609 C CD2   . PHE A 1 79  ? 0.332   1.798   -11.227 1.000 78.660  0  92  PHE A CD2   1 ? 
ATOM   610 C CE1   . PHE A 1 79  ? -0.800  -0.664  -10.718 1.000 61.535  0  92  PHE A CE1   1 ? 
ATOM   611 C CE2   . PHE A 1 79  ? -0.181  1.508   -9.969  1.000 73.906  0  92  PHE A CE2   1 ? 
ATOM   612 C CZ    . PHE A 1 79  ? -0.746  0.280   -9.716  1.000 64.998  0  92  PHE A CZ    1 ? 
ATOM   613 N N     . TRP A 1 80  ? 3.919   2.343   -13.099 1.000 60.891  0  93  TRP A N     1 ? 
ATOM   614 C CA    . TRP A 1 80  ? 4.708   2.997   -12.064 1.000 76.009  0  93  TRP A CA    1 ? 
ATOM   615 C C     . TRP A 1 80  ? 3.786   3.440   -10.928 1.000 74.840  0  93  TRP A C     1 ? 
ATOM   616 O O     . TRP A 1 80  ? 2.824   4.169   -11.162 1.000 90.024  0  93  TRP A O     1 ? 
ATOM   617 C CB    . TRP A 1 80  ? 5.459   4.221   -12.616 1.000 84.063  0  93  TRP A CB    1 ? 
ATOM   618 C CG    . TRP A 1 80  ? 6.930   4.071   -12.911 1.000 69.525  0  93  TRP A CG    1 ? 
ATOM   619 C CD1   . TRP A 1 80  ? 7.609   4.715   -13.902 1.000 69.718  0  93  TRP A CD1   1 ? 
ATOM   620 C CD2   . TRP A 1 80  ? 7.914   3.274   -12.207 1.000 72.078  0  93  TRP A CD2   1 ? 
ATOM   621 N NE1   . TRP A 1 80  ? 8.932   4.368   -13.879 1.000 80.409  0  93  TRP A NE1   1 ? 
ATOM   622 C CE2   . TRP A 1 80  ? 9.152   3.489   -12.853 1.000 69.732  0  93  TRP A CE2   1 ? 
ATOM   623 C CE3   . TRP A 1 80  ? 7.875   2.402   -11.113 1.000 88.725  0  93  TRP A CE3   1 ? 
ATOM   624 C CZ2   . TRP A 1 80  ? 10.327  2.866   -12.439 1.000 70.564  0  93  TRP A CZ2   1 ? 
ATOM   625 C CZ3   . TRP A 1 80  ? 9.039   1.789   -10.704 1.000 95.525  0  93  TRP A CZ3   1 ? 
ATOM   626 C CH2   . TRP A 1 80  ? 10.248  2.020   -11.358 1.000 82.875  0  93  TRP A CH2   1 ? 
ATOM   627 N N     . ASN A 1 81  ? 4.086   3.006   -9.699  1.000 62.348  0  94  ASN A N     1 ? 
ATOM   628 C CA    . ASN A 1 81  ? 3.304   3.396   -8.538  1.000 56.898  0  94  ASN A CA    1 ? 
ATOM   629 C C     . ASN A 1 81  ? 4.164   4.308   -7.668  1.000 60.752  0  94  ASN A C     1 ? 
ATOM   630 O O     . ASN A 1 81  ? 5.209   3.884   -7.180  1.000 59.525  0  94  ASN A O     1 ? 
ATOM   631 C CB    . ASN A 1 81  ? 2.786   2.174   -7.781  1.000 66.606  0  94  ASN A CB    1 ? 
ATOM   632 C CG    . ASN A 1 81  ? 1.876   2.526   -6.625  1.000 68.781  0  94  ASN A CG    1 ? 
ATOM   633 O OD1   . ASN A 1 81  ? 1.605   3.707   -6.381  1.000 70.941  0  94  ASN A OD1   1 ? 
ATOM   634 N ND2   . ASN A 1 81  ? 1.393   1.520   -5.906  1.000 53.443  0  94  ASN A ND2   1 ? 
ATOM   635 N N     . ASP A 1 82  ? 3.719   5.559   -7.493  1.000 75.737  0  95  ASP A N     1 ? 
ATOM   636 C CA    . ASP A 1 82  ? 4.392   6.515   -6.626  1.000 69.418  0  95  ASP A CA    1 ? 
ATOM   637 C C     . ASP A 1 82  ? 3.760   6.446   -5.240  1.000 70.761  0  95  ASP A C     1 ? 
ATOM   638 O O     . ASP A 1 82  ? 2.923   7.279   -4.894  1.000 62.767  0  95  ASP A O     1 ? 
ATOM   639 C CB    . ASP A 1 82  ? 4.352   7.922   -7.203  1.000 73.542  0  95  ASP A CB    1 ? 
ATOM   640 C CG    . ASP A 1 82  ? 4.827   9.024   -6.268  1.000 78.315  0  95  ASP A CG    1 ? 
ATOM   641 O OD1   . ASP A 1 82  ? 5.955   8.909   -5.751  1.000 96.729  0  95  ASP A OD1   1 ? 
ATOM   642 O OD2   . ASP A 1 82  ? 4.064   9.992   -6.068  1.000 111.103 0  95  ASP A OD2   1 ? 
ATOM   643 N N     . LEU A 1 83  ? 4.185   5.439   -4.465  1.000 79.219  0  96  LEU A N     1 ? 
ATOM   644 C CA    . LEU A 1 83  ? 3.633   5.146   -3.152  1.000 71.577  0  96  LEU A CA    1 ? 
ATOM   645 C C     . LEU A 1 83  ? 4.192   6.117   -2.117  1.000 70.991  0  96  LEU A C     1 ? 
ATOM   646 O O     . LEU A 1 83  ? 5.339   6.544   -2.217  1.000 77.822  0  96  LEU A O     1 ? 
ATOM   647 C CB    . LEU A 1 83  ? 3.970   3.691   -2.818  1.000 60.802  0  96  LEU A CB    1 ? 
ATOM   648 C CG    . LEU A 1 83  ? 3.422   3.126   -1.503  1.000 69.199  0  96  LEU A CG    1 ? 
ATOM   649 C CD1   . LEU A 1 83  ? 1.906   3.177   -1.425  1.000 78.108  0  96  LEU A CD1   1 ? 
ATOM   650 C CD2   . LEU A 1 83  ? 3.893   1.692   -1.316  1.000 68.015  0  96  LEU A CD2   1 ? 
ATOM   651 N N     . ARG A 1 84  ? 3.360   6.461   -1.127  1.000 66.689  0  97  ARG A N     1 ? 
ATOM   652 C CA    . ARG A 1 84  ? 3.767   7.337   -0.040  1.000 74.912  0  97  ARG A CA    1 ? 
ATOM   653 C C     . ARG A 1 84  ? 3.064   6.853   1.230   1.000 78.230  0  97  ARG A C     1 ? 
ATOM   654 O O     . ARG A 1 84  ? 1.862   7.053   1.400   1.000 86.009  0  97  ARG A O     1 ? 
ATOM   655 C CB    . ARG A 1 84  ? 3.514   8.785   -0.486  1.000 81.038  0  97  ARG A CB    1 ? 
ATOM   656 C CG    . ARG A 1 84  ? 4.039   9.904   0.408   1.000 90.903  0  97  ARG A CG    1 ? 
ATOM   657 C CD    . ARG A 1 84  ? 4.069   11.259  -0.316  1.000 96.968  0  97  ARG A CD    1 ? 
ATOM   658 N NE    . ARG A 1 84  ? 2.778   11.619  -0.920  1.000 118.349 0  97  ARG A NE    1 ? 
ATOM   659 C CZ    . ARG A 1 84  ? 2.553   12.656  -1.727  1.000 89.882  0  97  ARG A CZ    1 ? 
ATOM   660 N NH1   . ARG A 1 84  ? 1.345   12.864  -2.224  1.000 58.289  0  97  ARG A NH1   1 ? 
ATOM   661 N NH2   . ARG A 1 84  ? 3.538   13.478  -2.044  1.000 87.026  0  97  ARG A NH2   1 ? 
ATOM   662 N N     . ILE A 1 85  ? 3.843   6.199   2.102   1.000 66.072  0  98  ILE A N     1 ? 
ATOM   663 C CA    . ILE A 1 85  ? 3.370   5.612   3.348   1.000 63.607  0  98  ILE A CA    1 ? 
ATOM   664 C C     . ILE A 1 85  ? 3.544   6.613   4.491   1.000 65.569  0  98  ILE A C     1 ? 
ATOM   665 O O     . ILE A 1 85  ? 4.470   7.422   4.475   1.000 74.568  0  98  ILE A O     1 ? 
ATOM   666 C CB    . ILE A 1 85  ? 4.125   4.292   3.613   1.000 75.433  0  98  ILE A CB    1 ? 
ATOM   667 C CG1   . ILE A 1 85  ? 3.563   3.141   2.780   1.000 76.887  0  98  ILE A CG1   1 ? 
ATOM   668 C CG2   . ILE A 1 85  ? 4.122   3.930   5.099   1.000 91.003  0  98  ILE A CG2   1 ? 
ATOM   669 C CD1   . ILE A 1 85  ? 2.177   2.690   3.209   1.000 78.412  0  98  ILE A CD1   1 ? 
ATOM   670 N N     . ALA A 1 86  ? 2.640   6.546   5.481   1.000 63.717  0  99  ALA A N     1 ? 
ATOM   671 C CA    . ALA A 1 86  ? 2.691   7.410   6.650   1.000 57.391  0  99  ALA A CA    1 ? 
ATOM   672 C C     . ALA A 1 86  ? 1.995   6.734   7.830   1.000 59.593  0  99  ALA A C     1 ? 
ATOM   673 O O     . ALA A 1 86  ? 0.877   6.244   7.686   1.000 61.876  0  99  ALA A O     1 ? 
ATOM   674 C CB    . ALA A 1 86  ? 2.054   8.747   6.342   1.000 63.678  0  99  ALA A CB    1 ? 
ATOM   675 N N     . PRO A 1 87  ? 2.642   6.701   9.022   1.000 65.999  0  100 PRO A N     1 ? 
ATOM   676 C CA    . PRO A 1 87  ? 2.084   6.069   10.215  1.000 70.386  0  100 PRO A CA    1 ? 
ATOM   677 C C     . PRO A 1 87  ? 1.101   6.931   11.006  1.000 66.431  0  100 PRO A C     1 ? 
ATOM   678 O O     . PRO A 1 87  ? 1.347   8.113   11.230  1.000 85.703  0  100 PRO A O     1 ? 
ATOM   679 C CB    . PRO A 1 87  ? 3.322   5.782   11.055  1.000 63.030  0  100 PRO A CB    1 ? 
ATOM   680 C CG    . PRO A 1 87  ? 4.217   6.963   10.721  1.000 69.411  0  100 PRO A CG    1 ? 
ATOM   681 C CD    . PRO A 1 87  ? 3.973   7.278   9.269   1.000 72.771  0  100 PRO A CD    1 ? 
ATOM   682 N N     . VAL A 1 88  ? -0.008  6.315   11.436  1.000 61.380  0  101 VAL A N     1 ? 
ATOM   683 C CA    . VAL A 1 88  ? -1.044  6.997   12.197  1.000 68.913  0  101 VAL A CA    1 ? 
ATOM   684 C C     . VAL A 1 88  ? -1.017  6.487   13.636  1.000 74.610  0  101 VAL A C     1 ? 
ATOM   685 O O     . VAL A 1 88  ? -0.916  5.286   13.864  1.000 82.882  0  101 VAL A O     1 ? 
ATOM   686 C CB    . VAL A 1 88  ? -2.433  6.783   11.559  1.000 79.353  0  101 VAL A CB    1 ? 
ATOM   687 C CG1   . VAL A 1 88  ? -3.548  7.391   12.404  1.000 80.635  0  101 VAL A CG1   1 ? 
ATOM   688 C CG2   . VAL A 1 88  ? -2.492  7.313   10.130  1.000 74.912  0  101 VAL A CG2   1 ? 
ATOM   689 N N     . ARG A 1 89  ? -1.117  7.417   14.597  1.000 101.976 0  102 ARG A N     1 ? 
ATOM   690 C CA    . ARG A 1 89  ? -1.064  7.092   16.016  1.000 95.294  0  102 ARG A CA    1 ? 
ATOM   691 C C     . ARG A 1 89  ? -2.309  7.699   16.671  1.000 85.164  0  102 ARG A C     1 ? 
ATOM   692 O O     . ARG A 1 89  ? -2.954  8.556   16.071  1.000 94.244  0  102 ARG A O     1 ? 
ATOM   693 C CB    . ARG A 1 89  ? 0.308   7.605   16.480  1.000 95.196  0  102 ARG A CB    1 ? 
ATOM   694 C CG    . ARG A 1 89  ? 1.019   6.829   17.582  1.000 96.877  0  102 ARG A CG    1 ? 
ATOM   695 C CD    . ARG A 1 89  ? 2.370   7.454   17.939  1.000 90.394  0  102 ARG A CD    1 ? 
ATOM   696 N NE    . ARG A 1 89  ? 3.329   7.562   16.832  1.000 89.022  0  102 ARG A NE    1 ? 
ATOM   697 C CZ    . ARG A 1 89  ? 4.038   6.569   16.311  1.000 98.442  0  102 ARG A CZ    1 ? 
ATOM   698 N NH1   . ARG A 1 89  ? 3.952   5.355   16.825  1.000 105.278 0  102 ARG A NH1   1 ? 
ATOM   699 N NH2   . ARG A 1 89  ? 4.842   6.800   15.285  1.000 101.978 0  102 ARG A NH2   1 ? 
ATOM   700 N N     . ASP A 1 90  ? -2.670  7.270   17.889  1.000 87.705  0  103 ASP A N     1 ? 
ATOM   701 C CA    . ASP A 1 90  ? -3.913  7.742   18.491  1.000 100.136 0  103 ASP A CA    1 ? 
ATOM   702 C C     . ASP A 1 90  ? -3.629  8.829   19.529  1.000 98.700  0  103 ASP A C     1 ? 
ATOM   703 O O     . ASP A 1 90  ? -2.702  9.616   19.360  1.000 151.995 0  103 ASP A O     1 ? 
ATOM   704 C CB    . ASP A 1 90  ? -4.769  6.599   19.025  1.000 109.760 0  103 ASP A CB    1 ? 
ATOM   705 C CG    . ASP A 1 90  ? -4.246  5.852   20.243  1.000 105.703 0  103 ASP A CG    1 ? 
ATOM   706 O OD1   . ASP A 1 90  ? -3.214  6.282   20.797  1.000 138.148 0  103 ASP A OD1   1 ? 
ATOM   707 O OD2   . ASP A 1 90  ? -4.882  4.842   20.622  1.000 71.408  0  103 ASP A OD2   1 ? 
ATOM   708 N N     . VAL A 1 91  ? -4.439  8.866   20.596  1.000 85.445  0  104 VAL A N     1 ? 
ATOM   709 C CA    . VAL A 1 91  ? -4.369  9.939   21.579  1.000 89.362  0  104 VAL A CA    1 ? 
ATOM   710 C C     . VAL A 1 91  ? -3.300  9.653   22.627  1.000 98.698  0  104 VAL A C     1 ? 
ATOM   711 O O     . VAL A 1 91  ? -2.619  10.572  23.078  1.000 127.230 0  104 VAL A O     1 ? 
ATOM   712 C CB    . VAL A 1 91  ? -5.718  10.170  22.282  1.000 67.866  0  104 VAL A CB    1 ? 
ATOM   713 C CG1   . VAL A 1 91  ? -5.648  11.368  23.222  1.000 60.776  0  104 VAL A CG1   1 ? 
ATOM   714 C CG2   . VAL A 1 91  ? -6.853  10.325  21.282  1.000 66.387  0  104 VAL A CG2   1 ? 
ATOM   715 N N     . GLU A 1 92  ? -3.169  8.384   23.023  1.000 92.237  0  105 GLU A N     1 ? 
ATOM   716 C CA    . GLU A 1 92  ? -2.234  8.012   24.074  1.000 107.169 0  105 GLU A CA    1 ? 
ATOM   717 C C     . GLU A 1 92  ? -0.940  7.467   23.467  1.000 100.077 0  105 GLU A C     1 ? 
ATOM   718 O O     . GLU A 1 92  ? -0.209  6.720   24.117  1.000 93.405  0  105 GLU A O     1 ? 
ATOM   719 C CB    . GLU A 1 92  ? -2.947  7.076   25.053  1.000 118.614 0  105 GLU A CB    1 ? 
ATOM   720 C CG    . GLU A 1 92  ? -3.775  5.982   24.386  1.000 107.468 0  105 GLU A CG    1 ? 
ATOM   721 C CD    . GLU A 1 92  ? -4.624  5.211   25.381  1.000 100.716 0  105 GLU A CD    1 ? 
ATOM   722 O OE1   . GLU A 1 92  ? -5.468  5.861   26.032  1.000 78.215  0  105 GLU A OE1   1 ? 
ATOM   723 O OE2   . GLU A 1 92  ? -4.444  3.980   25.511  1.000 128.328 0  105 GLU A OE2   1 ? 
ATOM   724 N N     . GLY A 1 93  ? -0.669  7.865   22.218  1.000 89.217  0  106 GLY A N     1 ? 
ATOM   725 C CA    . GLY A 1 93  ? 0.556   7.501   21.524  1.000 92.870  0  106 GLY A CA    1 ? 
ATOM   726 C C     . GLY A 1 93  ? 0.645   5.999   21.261  1.000 103.947 0  106 GLY A C     1 ? 
ATOM   727 O O     . GLY A 1 93  ? 1.492   5.318   21.834  1.000 142.315 0  106 GLY A O     1 ? 
ATOM   728 N N     . ARG A 1 94  ? -0.237  5.503   20.385  1.000 107.636 0  107 ARG A N     1 ? 
ATOM   729 C CA    . ARG A 1 94  ? -0.277  4.099   20.011  1.000 104.105 0  107 ARG A CA    1 ? 
ATOM   730 C C     . ARG A 1 94  ? -0.511  3.972   18.509  1.000 102.552 0  107 ARG A C     1 ? 
ATOM   731 O O     . ARG A 1 94  ? -1.473  4.526   17.980  1.000 114.940 0  107 ARG A O     1 ? 
ATOM   732 C CB    . ARG A 1 94  ? -1.407  3.377   20.750  1.000 109.161 0  107 ARG A CB    1 ? 
ATOM   733 C CG    . ARG A 1 94  ? -1.242  3.277   22.259  1.000 126.598 0  107 ARG A CG    1 ? 
ATOM   734 C CD    . ARG A 1 94  ? -2.515  2.740   22.884  1.000 119.899 0  107 ARG A CD    1 ? 
ATOM   735 N NE    . ARG A 1 94  ? -3.046  1.647   22.065  1.000 96.750  0  107 ARG A NE    1 ? 
ATOM   736 C CZ    . ARG A 1 94  ? -3.051  0.372   22.417  1.000 109.362 0  107 ARG A CZ    1 ? 
ATOM   737 N NH1   . ARG A 1 94  ? -2.531  0.001   23.575  1.000 112.162 0  107 ARG A NH1   1 ? 
ATOM   738 N NH2   . ARG A 1 94  ? -3.568  -0.528  21.601  1.000 116.860 0  107 ARG A NH2   1 ? 
ATOM   739 N N     . LEU A 1 95  ? 0.371   3.233   17.829  1.000 92.319  0  108 LEU A N     1 ? 
ATOM   740 C CA    . LEU A 1 95  ? 0.251   3.035   16.395  1.000 80.523  0  108 LEU A CA    1 ? 
ATOM   741 C C     . LEU A 1 95  ? -0.981  2.171   16.130  1.000 87.153  0  108 LEU A C     1 ? 
ATOM   742 O O     . LEU A 1 95  ? -1.096  1.076   16.677  1.000 105.669 0  108 LEU A O     1 ? 
ATOM   743 C CB    . LEU A 1 95  ? 1.542   2.400   15.876  1.000 71.021  0  108 LEU A CB    1 ? 
ATOM   744 C CG    . LEU A 1 95  ? 1.739   2.411   14.358  1.000 82.122  0  108 LEU A CG    1 ? 
ATOM   745 C CD1   . LEU A 1 95  ? 1.730   3.839   13.843  1.000 109.239 0  108 LEU A CD1   1 ? 
ATOM   746 C CD2   . LEU A 1 95  ? 3.028   1.716   13.960  1.000 86.165  0  108 LEU A CD2   1 ? 
ATOM   747 N N     . THR A 1 96  ? -1.907  2.670   15.300  1.000 86.758  0  109 THR A N     1 ? 
ATOM   748 C CA    . THR A 1 96  ? -3.155  1.967   15.038  1.000 69.406  0  109 THR A CA    1 ? 
ATOM   749 C C     . THR A 1 96  ? -3.297  1.652   13.552  1.000 70.074  0  109 THR A C     1 ? 
ATOM   750 O O     . THR A 1 96  ? -3.849  0.612   13.198  1.000 58.532  0  109 THR A O     1 ? 
ATOM   751 C CB    . THR A 1 96  ? -4.345  2.803   15.514  1.000 64.817  0  109 THR A CB    1 ? 
ATOM   752 O OG1   . THR A 1 96  ? -4.407  3.953   14.673  1.000 76.140  0  109 THR A OG1   1 ? 
ATOM   753 C CG2   . THR A 1 96  ? -4.217  3.223   16.966  1.000 63.892  0  109 THR A CG2   1 ? 
ATOM   754 N N     . HIS A 1 97  ? -2.806  2.554   12.692  1.000 71.748  0  110 HIS A N     1 ? 
ATOM   755 C CA    . HIS A 1 97  ? -3.001  2.415   11.259  1.000 71.475  0  110 HIS A CA    1 ? 
ATOM   756 C C     . HIS A 1 97  ? -1.833  3.005   10.477  1.000 72.375  0  110 HIS A C     1 ? 
ATOM   757 O O     . HIS A 1 97  ? -0.975  3.682   11.038  1.000 86.193  0  110 HIS A O     1 ? 
ATOM   758 C CB    . HIS A 1 97  ? -4.277  3.146   10.825  1.000 64.783  0  110 HIS A CB    1 ? 
ATOM   759 C CG    . HIS A 1 97  ? -5.510  2.724   11.551  1.000 65.350  0  110 HIS A CG    1 ? 
ATOM   760 N ND1   . HIS A 1 97  ? -5.951  3.351   12.695  1.000 67.425  0  110 HIS A ND1   1 ? 
ATOM   761 C CD2   . HIS A 1 97  ? -6.395  1.750   11.299  1.000 73.347  0  110 HIS A CD2   1 ? 
ATOM   762 C CE1   . HIS A 1 97  ? -7.063  2.765   13.114  1.000 73.473  0  110 HIS A CE1   1 ? 
ATOM   763 N NE2   . HIS A 1 97  ? -7.350  1.789   12.280  1.000 70.690  0  110 HIS A NE2   1 ? 
ATOM   764 N N     . PHE A 1 98  ? -1.826  2.721   9.168   1.000 60.245  0  111 PHE A N     1 ? 
ATOM   765 C CA    . PHE A 1 98  ? -0.939  3.364   8.212   1.000 55.582  0  111 PHE A CA    1 ? 
ATOM   766 C C     . PHE A 1 98  ? -1.796  3.847   7.048   1.000 61.439  0  111 PHE A C     1 ? 
ATOM   767 O O     . PHE A 1 98  ? -2.752  3.176   6.667   1.000 79.014  0  111 PHE A O     1 ? 
ATOM   768 C CB    . PHE A 1 98  ? 0.156   2.486   7.601   1.000 57.650  0  111 PHE A CB    1 ? 
ATOM   769 C CG    . PHE A 1 98  ? 1.356   2.191   8.489   1.000 59.561  0  111 PHE A CG    1 ? 
ATOM   770 C CD1   . PHE A 1 98  ? 2.454   3.047   8.504   1.000 55.493  0  111 PHE A CD1   1 ? 
ATOM   771 C CD2   . PHE A 1 98  ? 1.390   1.057   9.292   1.000 68.718  0  111 PHE A CD2   1 ? 
ATOM   772 C CE1   . PHE A 1 98  ? 3.549   2.775   9.307   1.000 59.181  0  111 PHE A CE1   1 ? 
ATOM   773 C CE2   . PHE A 1 98  ? 2.488   0.792   10.094  1.000 70.986  0  111 PHE A CE2   1 ? 
ATOM   774 C CZ    . PHE A 1 98  ? 3.565   1.649   10.100  1.000 65.998  0  111 PHE A CZ    1 ? 
ATOM   775 N N     . VAL A 1 99  ? -1.447  5.011   6.494   1.000 53.393  0  112 VAL A N     1 ? 
ATOM   776 C CA    . VAL A 1 99  ? -2.154  5.521   5.335   1.000 62.641  0  112 VAL A CA    1 ? 
ATOM   777 C C     . VAL A 1 99  ? -1.201  5.463   4.147   1.000 69.156  0  112 VAL A C     1 ? 
ATOM   778 O O     . VAL A 1 99  ? -0.058  5.896   4.247   1.000 76.265  0  112 VAL A O     1 ? 
ATOM   779 C CB    . VAL A 1 99  ? -2.716  6.938   5.564   1.000 70.419  0  112 VAL A CB    1 ? 
ATOM   780 C CG1   . VAL A 1 99  ? -3.257  7.558   4.283   1.000 86.054  0  112 VAL A CG1   1 ? 
ATOM   781 C CG2   . VAL A 1 99  ? -3.795  6.932   6.636   1.000 88.987  0  112 VAL A CG2   1 ? 
ATOM   782 N N     . GLY A 1 100 ? -1.689  4.903   3.036   1.000 69.225  0  113 GLY A N     1 ? 
ATOM   783 C CA    . GLY A 1 100 ? -0.923  4.835   1.803   1.000 78.069  0  113 GLY A CA    1 ? 
ATOM   784 C C     . GLY A 1 100 ? -1.582  5.684   0.717   1.000 84.204  0  113 GLY A C     1 ? 
ATOM   785 O O     . GLY A 1 100 ? -2.807  5.779   0.669   1.000 89.930  0  113 GLY A O     1 ? 
ATOM   786 N N     . ILE A 1 101 ? -0.760  6.296   -0.146  1.000 75.836  0  114 ILE A N     1 ? 
ATOM   787 C CA    . ILE A 1 101 ? -1.255  7.139   -1.223  1.000 83.552  0  114 ILE A CA    1 ? 
ATOM   788 C C     . ILE A 1 101 ? -0.569  6.756   -2.533  1.000 82.304  0  114 ILE A C     1 ? 
ATOM   789 O O     . ILE A 1 101 ? 0.580   7.136   -2.754  1.000 70.374  0  114 ILE A O     1 ? 
ATOM   790 C CB    . ILE A 1 101 ? -1.037  8.629   -0.897  1.000 87.356  0  114 ILE A CB    1 ? 
ATOM   791 C CG1   . ILE A 1 101 ? -1.762  9.030   0.390   1.000 78.277  0  114 ILE A CG1   1 ? 
ATOM   792 C CG2   . ILE A 1 101 ? -1.445  9.513   -2.077  1.000 84.782  0  114 ILE A CG2   1 ? 
ATOM   793 C CD1   . ILE A 1 101 ? -1.602  10.493  0.760   1.000 82.683  0  114 ILE A CD1   1 ? 
ATOM   794 N N     . GLN A 1 102 ? -1.294  6.017   -3.390  1.000 85.393  0  115 GLN A N     1 ? 
ATOM   795 C CA    . GLN A 1 102 ? -0.771  5.559   -4.670  1.000 79.496  0  115 GLN A CA    1 ? 
ATOM   796 C C     . GLN A 1 102 ? -1.126  6.555   -5.772  1.000 79.104  0  115 GLN A C     1 ? 
ATOM   797 O O     . GLN A 1 102 ? -2.235  7.085   -5.801  1.000 84.749  0  115 GLN A O     1 ? 
ATOM   798 C CB    . GLN A 1 102 ? -1.299  4.183   -5.086  1.000 79.339  0  115 GLN A CB    1 ? 
ATOM   799 C CG    . GLN A 1 102 ? -0.933  3.044   -4.137  1.000 84.694  0  115 GLN A CG    1 ? 
ATOM   800 C CD    . GLN A 1 102 ? -1.846  2.944   -2.937  1.000 82.837  0  115 GLN A CD    1 ? 
ATOM   801 O OE1   . GLN A 1 102 ? -2.911  3.569   -2.889  1.000 89.677  0  115 GLN A OE1   1 ? 
ATOM   802 N NE2   . GLN A 1 102 ? -1.445  2.139   -1.964  1.000 78.374  0  115 GLN A NE2   1 ? 
ATOM   803 N N     . SER A 1 103 ? -0.166  6.789   -6.677  1.000 75.960  0  116 SER A N     1 ? 
ATOM   804 C CA    . SER A 1 103 ? -0.338  7.702   -7.798  1.000 84.234  0  116 SER A CA    1 ? 
ATOM   805 C C     . SER A 1 103 ? 0.352   7.126   -9.032  1.000 73.367  0  116 SER A C     1 ? 
ATOM   806 O O     . SER A 1 103 ? 1.526   6.769   -8.970  1.000 78.040  0  116 SER A O     1 ? 
ATOM   807 C CB    . SER A 1 103 ? 0.205   9.074   -7.473  1.000 95.098  0  116 SER A CB    1 ? 
ATOM   808 O OG    . SER A 1 103 ? -0.354  9.592   -6.273  1.000 114.453 0  116 SER A OG    1 ? 
ATOM   809 N N     . ASP A 1 104 ? -0.378  7.045   -10.153 1.000 76.884  0  117 ASP A N     1 ? 
ATOM   810 C CA    . ASP A 1 104 ? 0.159   6.476   -11.382 1.000 83.552  0  117 ASP A CA    1 ? 
ATOM   811 C C     . ASP A 1 104 ? 1.030   7.514   -12.089 1.000 89.976  0  117 ASP A C     1 ? 
ATOM   812 O O     . ASP A 1 104 ? 0.565   8.613   -12.382 1.000 101.654 0  117 ASP A O     1 ? 
ATOM   813 C CB    . ASP A 1 104 ? -0.955  5.944   -12.271 1.000 70.060  0  117 ASP A CB    1 ? 
ATOM   814 C CG    . ASP A 1 104 ? -0.510  5.290   -13.571 1.000 81.959  0  117 ASP A CG    1 ? 
ATOM   815 O OD1   . ASP A 1 104 ? 0.706   5.305   -13.852 1.000 109.776 0  117 ASP A OD1   1 ? 
ATOM   816 O OD2   . ASP A 1 104 ? -1.386  4.767   -14.290 1.000 94.705  0  117 ASP A OD2   1 ? 
ATOM   817 N N     . VAL A 1 105 ? 2.290   7.150   -12.361 1.000 95.512  0  118 VAL A N     1 ? 
ATOM   818 C CA    . VAL A 1 105 ? 3.235   8.058   -12.997 1.000 110.728 0  118 VAL A CA    1 ? 
ATOM   819 C C     . VAL A 1 105 ? 3.889   7.374   -14.200 1.000 129.987 0  118 VAL A C     1 ? 
ATOM   820 O O     . VAL A 1 105 ? 5.047   7.644   -14.517 1.000 142.847 0  118 VAL A O     1 ? 
ATOM   821 C CB    . VAL A 1 105 ? 4.293   8.557   -11.992 1.000 97.218  0  118 VAL A CB    1 ? 
ATOM   822 C CG1   . VAL A 1 105 ? 3.676   9.426   -10.903 1.000 99.202  0  118 VAL A CG1   1 ? 
ATOM   823 C CG2   . VAL A 1 105 ? 5.083   7.411   -11.370 1.000 108.752 0  118 VAL A CG2   1 ? 
ATOM   824 N N     . SER A 1 106 ? 3.137   6.493   -14.870 1.000 123.727 0  119 SER A N     1 ? 
ATOM   825 C CA    . SER A 1 106 ? 3.626   5.797   -16.050 1.000 111.231 0  119 SER A CA    1 ? 
ATOM   826 C C     . SER A 1 106 ? 3.704   6.774   -17.233 1.000 109.021 0  119 SER A C     1 ? 
ATOM   827 O O     . SER A 1 106 ? 3.853   6.283   -18.377 1.000 115.589 0  119 SER A O     1 ? 
ATOM   828 C CB    . SER A 1 106 ? 2.757   4.610   -16.384 1.000 115.169 0  119 SER A CB    1 ? 
ATOM   829 O OG    . SER A 1 106 ? 2.726   3.675   -15.316 1.000 120.630 0  119 SER A OG    1 ? 
HETATM 830 N N1    . FMN B 2 .   ? 3.181   -2.388  -1.738  1.000 68.160  0  201 FMN A N1    1 ? 
HETATM 831 C C2    . FMN B 2 .   ? 2.880   -2.250  -3.052  1.000 69.901  0  201 FMN A C2    1 ? 
HETATM 832 O O2    . FMN B 2 .   ? 3.508   -2.866  -3.916  1.000 61.391  0  201 FMN A O2    1 ? 
HETATM 833 N N3    . FMN B 2 .   ? 1.881   -1.436  -3.479  1.000 66.366  0  201 FMN A N3    1 ? 
HETATM 834 C C4    . FMN B 2 .   ? 1.121   -0.704  -2.602  1.000 69.424  0  201 FMN A C4    1 ? 
HETATM 835 O O4    . FMN B 2 .   ? 0.232   0.017   -3.031  1.000 80.210  0  201 FMN A O4    1 ? 
HETATM 836 C C4A   . FMN B 2 .   ? 1.404   -0.817  -1.227  1.000 70.413  0  201 FMN A C4A   1 ? 
HETATM 837 N N5    . FMN B 2 .   ? 0.688   -0.124  -0.378  1.000 85.724  0  201 FMN A N5    1 ? 
HETATM 838 C C5A   . FMN B 2 .   ? 0.981   -0.254  0.953   1.000 72.044  0  201 FMN A C5A   1 ? 
HETATM 839 C C6    . FMN B 2 .   ? 0.219   0.484   1.876   1.000 67.529  0  201 FMN A C6    1 ? 
HETATM 840 C C7    . FMN B 2 .   ? 0.450   0.407   3.228   1.000 62.787  0  201 FMN A C7    1 ? 
HETATM 841 C C7M   . FMN B 2 .   ? -0.387  1.214   4.187   1.000 56.163  0  201 FMN A C7M   1 ? 
HETATM 842 C C8    . FMN B 2 .   ? 1.478   -0.433  3.707   1.000 66.315  0  201 FMN A C8    1 ? 
HETATM 843 C C8M   . FMN B 2 .   ? 1.750   -0.532  5.186   1.000 71.290  0  201 FMN A C8M   1 ? 
HETATM 844 C C9    . FMN B 2 .   ? 2.238   -1.163  2.812   1.000 73.371  0  201 FMN A C9    1 ? 
HETATM 845 C C9A   . FMN B 2 .   ? 2.009   -1.092  1.427   1.000 75.783  0  201 FMN A C9A   1 ? 
HETATM 846 N N10   . FMN B 2 .   ? 2.751   -1.817  0.490   1.000 77.461  0  201 FMN A N10   1 ? 
HETATM 847 C C10   . FMN B 2 .   ? 2.477   -1.704  -0.862  1.000 66.376  0  201 FMN A C10   1 ? 
HETATM 848 C "C1'" . FMN B 2 .   ? 3.846   -2.703  0.932   1.000 66.826  0  201 FMN A "C1'" 1 ? 
HETATM 849 C "C2'" . FMN B 2 .   ? 3.368   -4.006  1.540   1.000 64.228  0  201 FMN A "C2'" 1 ? 
HETATM 850 O "O2'" . FMN B 2 .   ? 2.299   -3.785  2.459   1.000 78.937  0  201 FMN A "O2'" 1 ? 
HETATM 851 C "C3'" . FMN B 2 .   ? 4.530   -4.689  2.266   1.000 62.478  0  201 FMN A "C3'" 1 ? 
HETATM 852 O "O3'" . FMN B 2 .   ? 4.822   -3.937  3.444   1.000 57.478  0  201 FMN A "O3'" 1 ? 
HETATM 853 C "C4'" . FMN B 2 .   ? 5.791   -4.838  1.406   1.000 56.842  0  201 FMN A "C4'" 1 ? 
HETATM 854 O "O4'" . FMN B 2 .   ? 5.486   -5.611  0.246   1.000 61.485  0  201 FMN A "O4'" 1 ? 
HETATM 855 C "C5'" . FMN B 2 .   ? 6.937   -5.505  2.130   1.000 62.754  0  201 FMN A "C5'" 1 ? 
HETATM 856 O "O5'" . FMN B 2 .   ? 6.480   -6.653  2.896   1.000 64.971  0  201 FMN A "O5'" 1 ? 
HETATM 857 P P     . FMN B 2 .   ? 7.030   -8.118  2.512   1.000 84.896  0  201 FMN A P     1 ? 
HETATM 858 O O1P   . FMN B 2 .   ? 8.518   -7.962  2.260   1.000 90.580  0  201 FMN A O1P   1 ? 
HETATM 859 O O2P   . FMN B 2 .   ? 6.728   -8.996  3.716   1.000 73.765  -1 201 FMN A O2P   1 ? 
HETATM 860 O O3P   . FMN B 2 .   ? 6.257   -8.517  1.264   1.000 71.612  0  201 FMN A O3P   1 ? 
# 
